data_2NVN
# 
_entry.id   2NVN 
# 
_audit_conform.dict_name       mmcif_pdbx.dic 
_audit_conform.dict_version    5.398 
_audit_conform.dict_location   http://mmcif.pdb.org/dictionaries/ascii/mmcif_pdbx.dic 
# 
loop_
_database_2.database_id 
_database_2.database_code 
_database_2.pdbx_database_accession 
_database_2.pdbx_DOI 
PDB   2NVN         pdb_00002nvn 10.2210/pdb2nvn/pdb 
RCSB  RCSB040357   ?            ?                   
WWPDB D_1000040357 ?            ?                   
# 
loop_
_pdbx_audit_revision_history.ordinal 
_pdbx_audit_revision_history.data_content_type 
_pdbx_audit_revision_history.major_revision 
_pdbx_audit_revision_history.minor_revision 
_pdbx_audit_revision_history.revision_date 
1 'Structure model' 1 0 2006-12-12 
2 'Structure model' 1 1 2008-05-01 
3 'Structure model' 1 2 2011-07-13 
4 'Structure model' 1 3 2017-10-18 
5 'Structure model' 1 4 2023-01-25 
6 'Structure model' 1 5 2024-11-13 
# 
_pdbx_audit_revision_details.ordinal             1 
_pdbx_audit_revision_details.revision_ordinal    1 
_pdbx_audit_revision_details.data_content_type   'Structure model' 
_pdbx_audit_revision_details.provider            repository 
_pdbx_audit_revision_details.type                'Initial release' 
_pdbx_audit_revision_details.description         ? 
_pdbx_audit_revision_details.details             ? 
# 
loop_
_pdbx_audit_revision_group.ordinal 
_pdbx_audit_revision_group.revision_ordinal 
_pdbx_audit_revision_group.data_content_type 
_pdbx_audit_revision_group.group 
1 2 'Structure model' 'Version format compliance' 
2 3 'Structure model' Advisory                    
3 3 'Structure model' 'Source and taxonomy'       
4 3 'Structure model' 'Version format compliance' 
5 4 'Structure model' 'Refinement description'    
6 5 'Structure model' 'Database references'       
7 5 'Structure model' 'Derived calculations'      
8 6 'Structure model' 'Data collection'           
9 6 'Structure model' 'Structure summary'         
# 
loop_
_pdbx_audit_revision_category.ordinal 
_pdbx_audit_revision_category.revision_ordinal 
_pdbx_audit_revision_category.data_content_type 
_pdbx_audit_revision_category.category 
1 4 'Structure model' software                  
2 5 'Structure model' database_2                
3 5 'Structure model' struct_conn               
4 5 'Structure model' struct_ref_seq_dif        
5 5 'Structure model' struct_site               
6 6 'Structure model' chem_comp_atom            
7 6 'Structure model' chem_comp_bond            
8 6 'Structure model' pdbx_entry_details        
9 6 'Structure model' pdbx_modification_feature 
# 
loop_
_pdbx_audit_revision_item.ordinal 
_pdbx_audit_revision_item.revision_ordinal 
_pdbx_audit_revision_item.data_content_type 
_pdbx_audit_revision_item.item 
1 4 'Structure model' '_software.classification'            
2 4 'Structure model' '_software.name'                      
3 5 'Structure model' '_database_2.pdbx_DOI'                
4 5 'Structure model' '_database_2.pdbx_database_accession' 
5 5 'Structure model' '_struct_conn.pdbx_leaving_atom_flag' 
6 5 'Structure model' '_struct_ref_seq_dif.details'         
7 5 'Structure model' '_struct_site.pdbx_auth_asym_id'      
8 5 'Structure model' '_struct_site.pdbx_auth_comp_id'      
9 5 'Structure model' '_struct_site.pdbx_auth_seq_id'       
# 
_pdbx_database_status.SG_entry                        Y 
_pdbx_database_status.entry_id                        2NVN 
_pdbx_database_status.deposit_site                    RCSB 
_pdbx_database_status.process_site                    RCSB 
_pdbx_database_status.recvd_initial_deposition_date   2006-11-13 
_pdbx_database_status.status_code                     REL 
_pdbx_database_status.status_code_sf                  REL 
_pdbx_database_status.status_code_mr                  ? 
_pdbx_database_status.pdb_format_compatible           Y 
_pdbx_database_status.status_code_cs                  ? 
_pdbx_database_status.methods_development_category    ? 
_pdbx_database_status.status_code_nmr_data            ? 
# 
_pdbx_database_related.db_name        TargetDB 
_pdbx_database_related.db_id          368396 
_pdbx_database_related.details        . 
_pdbx_database_related.content_type   unspecified 
# 
_audit_author.name           'Joint Center for Structural Genomics (JCSG)' 
_audit_author.pdbx_ordinal   1 
# 
_citation.id                        primary 
_citation.title                     
'Crystal structure of hypothetical protein (YP_400729.1) from Synechococcus SP. PCC 7942 (Elongatus) at 2.50 A resolution' 
_citation.journal_abbrev            'To be published' 
_citation.journal_volume            ? 
_citation.page_first                ? 
_citation.page_last                 ? 
_citation.year                      ? 
_citation.journal_id_ASTM           ? 
_citation.country                   ? 
_citation.journal_id_ISSN           ? 
_citation.journal_id_CSD            0353 
_citation.book_publisher            ? 
_citation.pdbx_database_id_PubMed   ? 
_citation.pdbx_database_id_DOI      ? 
# 
_citation_author.citation_id        primary 
_citation_author.name               'Joint Center for Structural Genomics (JCSG)' 
_citation_author.ordinal            1 
_citation_author.identifier_ORCID   ? 
# 
loop_
_entity.id 
_entity.type 
_entity.src_method 
_entity.pdbx_description 
_entity.formula_weight 
_entity.pdbx_number_of_molecules 
_entity.pdbx_ec 
_entity.pdbx_mutation 
_entity.pdbx_fragment 
_entity.details 
1 polymer     man 'Hypothetical protein' 13531.932 1  ? ? ? ? 
2 non-polymer syn GLYCEROL               92.094    1  ? ? ? ? 
3 water       nat water                  18.015    37 ? ? ? ? 
# 
_entity_poly.entity_id                      1 
_entity_poly.type                           'polypeptide(L)' 
_entity_poly.nstd_linkage                   no 
_entity_poly.nstd_monomer                   yes 
_entity_poly.pdbx_seq_one_letter_code       
;G(MSE)GRILREGAGWRLGWDETAHRYPGLVGTTDWAVELTAAE(MSE)ADFCRLVQQLAETIAAIAPEL(MSE)PEERL
QIEAESALLWLEAEGFADAYELRLILASDRRVEACWPAAAVPALVAATHTLKGF
;
_entity_poly.pdbx_seq_one_letter_code_can   
;GMGRILREGAGWRLGWDETAHRYPGLVGTTDWAVELTAAEMADFCRLVQQLAETIAAIAPELMPEERLQIEAESALLWLE
AEGFADAYELRLILASDRRVEACWPAAAVPALVAATHTLKGF
;
_entity_poly.pdbx_strand_id                 A 
_entity_poly.pdbx_target_identifier         368396 
# 
loop_
_pdbx_entity_nonpoly.entity_id 
_pdbx_entity_nonpoly.name 
_pdbx_entity_nonpoly.comp_id 
2 GLYCEROL GOL 
3 water    HOH 
# 
loop_
_entity_poly_seq.entity_id 
_entity_poly_seq.num 
_entity_poly_seq.mon_id 
_entity_poly_seq.hetero 
1 1   GLY n 
1 2   MSE n 
1 3   GLY n 
1 4   ARG n 
1 5   ILE n 
1 6   LEU n 
1 7   ARG n 
1 8   GLU n 
1 9   GLY n 
1 10  ALA n 
1 11  GLY n 
1 12  TRP n 
1 13  ARG n 
1 14  LEU n 
1 15  GLY n 
1 16  TRP n 
1 17  ASP n 
1 18  GLU n 
1 19  THR n 
1 20  ALA n 
1 21  HIS n 
1 22  ARG n 
1 23  TYR n 
1 24  PRO n 
1 25  GLY n 
1 26  LEU n 
1 27  VAL n 
1 28  GLY n 
1 29  THR n 
1 30  THR n 
1 31  ASP n 
1 32  TRP n 
1 33  ALA n 
1 34  VAL n 
1 35  GLU n 
1 36  LEU n 
1 37  THR n 
1 38  ALA n 
1 39  ALA n 
1 40  GLU n 
1 41  MSE n 
1 42  ALA n 
1 43  ASP n 
1 44  PHE n 
1 45  CYS n 
1 46  ARG n 
1 47  LEU n 
1 48  VAL n 
1 49  GLN n 
1 50  GLN n 
1 51  LEU n 
1 52  ALA n 
1 53  GLU n 
1 54  THR n 
1 55  ILE n 
1 56  ALA n 
1 57  ALA n 
1 58  ILE n 
1 59  ALA n 
1 60  PRO n 
1 61  GLU n 
1 62  LEU n 
1 63  MSE n 
1 64  PRO n 
1 65  GLU n 
1 66  GLU n 
1 67  ARG n 
1 68  LEU n 
1 69  GLN n 
1 70  ILE n 
1 71  GLU n 
1 72  ALA n 
1 73  GLU n 
1 74  SER n 
1 75  ALA n 
1 76  LEU n 
1 77  LEU n 
1 78  TRP n 
1 79  LEU n 
1 80  GLU n 
1 81  ALA n 
1 82  GLU n 
1 83  GLY n 
1 84  PHE n 
1 85  ALA n 
1 86  ASP n 
1 87  ALA n 
1 88  TYR n 
1 89  GLU n 
1 90  LEU n 
1 91  ARG n 
1 92  LEU n 
1 93  ILE n 
1 94  LEU n 
1 95  ALA n 
1 96  SER n 
1 97  ASP n 
1 98  ARG n 
1 99  ARG n 
1 100 VAL n 
1 101 GLU n 
1 102 ALA n 
1 103 CYS n 
1 104 TRP n 
1 105 PRO n 
1 106 ALA n 
1 107 ALA n 
1 108 ALA n 
1 109 VAL n 
1 110 PRO n 
1 111 ALA n 
1 112 LEU n 
1 113 VAL n 
1 114 ALA n 
1 115 ALA n 
1 116 THR n 
1 117 HIS n 
1 118 THR n 
1 119 LEU n 
1 120 LYS n 
1 121 GLY n 
1 122 PHE n 
# 
_entity_src_gen.entity_id                          1 
_entity_src_gen.pdbx_src_id                        1 
_entity_src_gen.pdbx_alt_source_flag               sample 
_entity_src_gen.pdbx_seq_type                      ? 
_entity_src_gen.pdbx_beg_seq_num                   ? 
_entity_src_gen.pdbx_end_seq_num                   ? 
_entity_src_gen.gene_src_common_name               ? 
_entity_src_gen.gene_src_genus                     Synechococcus 
_entity_src_gen.pdbx_gene_src_gene                 YP_400729.1 
_entity_src_gen.gene_src_species                   'Synechococcus elongatus' 
_entity_src_gen.gene_src_strain                    'PCC 7942' 
_entity_src_gen.gene_src_tissue                    ? 
_entity_src_gen.gene_src_tissue_fraction           ? 
_entity_src_gen.gene_src_details                   ? 
_entity_src_gen.pdbx_gene_src_fragment             ? 
_entity_src_gen.pdbx_gene_src_scientific_name      'Synechococcus elongatus' 
_entity_src_gen.pdbx_gene_src_ncbi_taxonomy_id     1140 
_entity_src_gen.pdbx_gene_src_variant              ? 
_entity_src_gen.pdbx_gene_src_cell_line            ? 
_entity_src_gen.pdbx_gene_src_atcc                 ? 
_entity_src_gen.pdbx_gene_src_organ                ? 
_entity_src_gen.pdbx_gene_src_organelle            ? 
_entity_src_gen.pdbx_gene_src_cell                 ? 
_entity_src_gen.pdbx_gene_src_cellular_location    ? 
_entity_src_gen.host_org_common_name               ? 
_entity_src_gen.pdbx_host_org_scientific_name      'Escherichia coli' 
_entity_src_gen.pdbx_host_org_ncbi_taxonomy_id     562 
_entity_src_gen.host_org_genus                     Escherichia 
_entity_src_gen.pdbx_host_org_gene                 ? 
_entity_src_gen.pdbx_host_org_organ                ? 
_entity_src_gen.host_org_species                   ? 
_entity_src_gen.pdbx_host_org_tissue               ? 
_entity_src_gen.pdbx_host_org_tissue_fraction      ? 
_entity_src_gen.pdbx_host_org_strain               ? 
_entity_src_gen.pdbx_host_org_variant              ? 
_entity_src_gen.pdbx_host_org_cell_line            ? 
_entity_src_gen.pdbx_host_org_atcc                 ? 
_entity_src_gen.pdbx_host_org_culture_collection   ? 
_entity_src_gen.pdbx_host_org_cell                 ? 
_entity_src_gen.pdbx_host_org_organelle            ? 
_entity_src_gen.pdbx_host_org_cellular_location    ? 
_entity_src_gen.pdbx_host_org_vector_type          Plasmid 
_entity_src_gen.pdbx_host_org_vector               ? 
_entity_src_gen.host_org_details                   ? 
_entity_src_gen.expression_system_id               ? 
_entity_src_gen.plasmid_name                       ? 
_entity_src_gen.plasmid_details                    ? 
_entity_src_gen.pdbx_description                   ? 
# 
loop_
_chem_comp.id 
_chem_comp.type 
_chem_comp.mon_nstd_flag 
_chem_comp.name 
_chem_comp.pdbx_synonyms 
_chem_comp.formula 
_chem_comp.formula_weight 
ALA 'L-peptide linking' y ALANINE          ?                               'C3 H7 N O2'     89.093  
ARG 'L-peptide linking' y ARGININE         ?                               'C6 H15 N4 O2 1' 175.209 
ASP 'L-peptide linking' y 'ASPARTIC ACID'  ?                               'C4 H7 N O4'     133.103 
CYS 'L-peptide linking' y CYSTEINE         ?                               'C3 H7 N O2 S'   121.158 
GLN 'L-peptide linking' y GLUTAMINE        ?                               'C5 H10 N2 O3'   146.144 
GLU 'L-peptide linking' y 'GLUTAMIC ACID'  ?                               'C5 H9 N O4'     147.129 
GLY 'peptide linking'   y GLYCINE          ?                               'C2 H5 N O2'     75.067  
GOL non-polymer         . GLYCEROL         'GLYCERIN; PROPANE-1,2,3-TRIOL' 'C3 H8 O3'       92.094  
HIS 'L-peptide linking' y HISTIDINE        ?                               'C6 H10 N3 O2 1' 156.162 
HOH non-polymer         . WATER            ?                               'H2 O'           18.015  
ILE 'L-peptide linking' y ISOLEUCINE       ?                               'C6 H13 N O2'    131.173 
LEU 'L-peptide linking' y LEUCINE          ?                               'C6 H13 N O2'    131.173 
LYS 'L-peptide linking' y LYSINE           ?                               'C6 H15 N2 O2 1' 147.195 
MET 'L-peptide linking' y METHIONINE       ?                               'C5 H11 N O2 S'  149.211 
MSE 'L-peptide linking' n SELENOMETHIONINE ?                               'C5 H11 N O2 Se' 196.106 
PHE 'L-peptide linking' y PHENYLALANINE    ?                               'C9 H11 N O2'    165.189 
PRO 'L-peptide linking' y PROLINE          ?                               'C5 H9 N O2'     115.130 
SER 'L-peptide linking' y SERINE           ?                               'C3 H7 N O3'     105.093 
THR 'L-peptide linking' y THREONINE        ?                               'C4 H9 N O3'     119.119 
TRP 'L-peptide linking' y TRYPTOPHAN       ?                               'C11 H12 N2 O2'  204.225 
TYR 'L-peptide linking' y TYROSINE         ?                               'C9 H11 N O3'    181.189 
VAL 'L-peptide linking' y VALINE           ?                               'C5 H11 N O2'    117.146 
# 
loop_
_pdbx_poly_seq_scheme.asym_id 
_pdbx_poly_seq_scheme.entity_id 
_pdbx_poly_seq_scheme.seq_id 
_pdbx_poly_seq_scheme.mon_id 
_pdbx_poly_seq_scheme.ndb_seq_num 
_pdbx_poly_seq_scheme.pdb_seq_num 
_pdbx_poly_seq_scheme.auth_seq_num 
_pdbx_poly_seq_scheme.pdb_mon_id 
_pdbx_poly_seq_scheme.auth_mon_id 
_pdbx_poly_seq_scheme.pdb_strand_id 
_pdbx_poly_seq_scheme.pdb_ins_code 
_pdbx_poly_seq_scheme.hetero 
A 1 1   GLY 1   0   ?   ?   ?   A . n 
A 1 2   MSE 2   1   1   MSE MSE A . n 
A 1 3   GLY 3   2   2   GLY GLY A . n 
A 1 4   ARG 4   3   3   ARG ARG A . n 
A 1 5   ILE 5   4   4   ILE ILE A . n 
A 1 6   LEU 6   5   5   LEU LEU A . n 
A 1 7   ARG 7   6   6   ARG ARG A . n 
A 1 8   GLU 8   7   7   GLU GLU A . n 
A 1 9   GLY 9   8   8   GLY GLY A . n 
A 1 10  ALA 10  9   9   ALA ALA A . n 
A 1 11  GLY 11  10  10  GLY GLY A . n 
A 1 12  TRP 12  11  11  TRP TRP A . n 
A 1 13  ARG 13  12  12  ARG ARG A . n 
A 1 14  LEU 14  13  13  LEU LEU A . n 
A 1 15  GLY 15  14  14  GLY GLY A . n 
A 1 16  TRP 16  15  15  TRP TRP A . n 
A 1 17  ASP 17  16  16  ASP ASP A . n 
A 1 18  GLU 18  17  17  GLU GLU A . n 
A 1 19  THR 19  18  18  THR THR A . n 
A 1 20  ALA 20  19  19  ALA ALA A . n 
A 1 21  HIS 21  20  20  HIS HIS A . n 
A 1 22  ARG 22  21  21  ARG ARG A . n 
A 1 23  TYR 23  22  22  TYR TYR A . n 
A 1 24  PRO 24  23  23  PRO PRO A . n 
A 1 25  GLY 25  24  24  GLY GLY A . n 
A 1 26  LEU 26  25  25  LEU LEU A . n 
A 1 27  VAL 27  26  26  VAL VAL A . n 
A 1 28  GLY 28  27  27  GLY GLY A . n 
A 1 29  THR 29  28  28  THR THR A . n 
A 1 30  THR 30  29  29  THR THR A . n 
A 1 31  ASP 31  30  30  ASP ASP A . n 
A 1 32  TRP 32  31  31  TRP TRP A . n 
A 1 33  ALA 33  32  32  ALA ALA A . n 
A 1 34  VAL 34  33  33  VAL VAL A . n 
A 1 35  GLU 35  34  34  GLU GLU A . n 
A 1 36  LEU 36  35  35  LEU LEU A . n 
A 1 37  THR 37  36  36  THR THR A . n 
A 1 38  ALA 38  37  37  ALA ALA A . n 
A 1 39  ALA 39  38  38  ALA ALA A . n 
A 1 40  GLU 40  39  39  GLU GLU A . n 
A 1 41  MSE 41  40  40  MSE MSE A . n 
A 1 42  ALA 42  41  41  ALA ALA A . n 
A 1 43  ASP 43  42  42  ASP ASP A . n 
A 1 44  PHE 44  43  43  PHE PHE A . n 
A 1 45  CYS 45  44  44  CYS CYS A . n 
A 1 46  ARG 46  45  45  ARG ARG A . n 
A 1 47  LEU 47  46  46  LEU LEU A . n 
A 1 48  VAL 48  47  47  VAL VAL A . n 
A 1 49  GLN 49  48  48  GLN GLN A . n 
A 1 50  GLN 50  49  49  GLN GLN A . n 
A 1 51  LEU 51  50  50  LEU LEU A . n 
A 1 52  ALA 52  51  51  ALA ALA A . n 
A 1 53  GLU 53  52  52  GLU GLU A . n 
A 1 54  THR 54  53  53  THR THR A . n 
A 1 55  ILE 55  54  54  ILE ILE A . n 
A 1 56  ALA 56  55  55  ALA ALA A . n 
A 1 57  ALA 57  56  56  ALA ALA A . n 
A 1 58  ILE 58  57  57  ILE ILE A . n 
A 1 59  ALA 59  58  58  ALA ALA A . n 
A 1 60  PRO 60  59  59  PRO PRO A . n 
A 1 61  GLU 61  60  60  GLU GLU A . n 
A 1 62  LEU 62  61  61  LEU LEU A . n 
A 1 63  MSE 63  62  62  MSE MSE A . n 
A 1 64  PRO 64  63  63  PRO PRO A . n 
A 1 65  GLU 65  64  64  GLU GLU A . n 
A 1 66  GLU 66  65  65  GLU GLU A . n 
A 1 67  ARG 67  66  66  ARG ARG A . n 
A 1 68  LEU 68  67  67  LEU LEU A . n 
A 1 69  GLN 69  68  68  GLN GLN A . n 
A 1 70  ILE 70  69  69  ILE ILE A . n 
A 1 71  GLU 71  70  70  GLU GLU A . n 
A 1 72  ALA 72  71  71  ALA ALA A . n 
A 1 73  GLU 73  72  72  GLU GLU A . n 
A 1 74  SER 74  73  73  SER SER A . n 
A 1 75  ALA 75  74  74  ALA ALA A . n 
A 1 76  LEU 76  75  75  LEU LEU A . n 
A 1 77  LEU 77  76  76  LEU LEU A . n 
A 1 78  TRP 78  77  77  TRP TRP A . n 
A 1 79  LEU 79  78  78  LEU LEU A . n 
A 1 80  GLU 80  79  79  GLU GLU A . n 
A 1 81  ALA 81  80  80  ALA ALA A . n 
A 1 82  GLU 82  81  81  GLU GLU A . n 
A 1 83  GLY 83  82  82  GLY GLY A . n 
A 1 84  PHE 84  83  83  PHE PHE A . n 
A 1 85  ALA 85  84  84  ALA ALA A . n 
A 1 86  ASP 86  85  85  ASP ASP A . n 
A 1 87  ALA 87  86  86  ALA ALA A . n 
A 1 88  TYR 88  87  87  TYR TYR A . n 
A 1 89  GLU 89  88  88  GLU GLU A . n 
A 1 90  LEU 90  89  89  LEU LEU A . n 
A 1 91  ARG 91  90  90  ARG ARG A . n 
A 1 92  LEU 92  91  91  LEU LEU A . n 
A 1 93  ILE 93  92  92  ILE ILE A . n 
A 1 94  LEU 94  93  93  LEU LEU A . n 
A 1 95  ALA 95  94  94  ALA ALA A . n 
A 1 96  SER 96  95  95  SER SER A . n 
A 1 97  ASP 97  96  96  ASP ASP A . n 
A 1 98  ARG 98  97  97  ARG ARG A . n 
A 1 99  ARG 99  98  98  ARG ARG A . n 
A 1 100 VAL 100 99  99  VAL VAL A . n 
A 1 101 GLU 101 100 100 GLU GLU A . n 
A 1 102 ALA 102 101 101 ALA ALA A . n 
A 1 103 CYS 103 102 102 CYS CYS A . n 
A 1 104 TRP 104 103 103 TRP TRP A . n 
A 1 105 PRO 105 104 104 PRO PRO A . n 
A 1 106 ALA 106 105 105 ALA ALA A . n 
A 1 107 ALA 107 106 106 ALA ALA A . n 
A 1 108 ALA 108 107 107 ALA ALA A . n 
A 1 109 VAL 109 108 108 VAL VAL A . n 
A 1 110 PRO 110 109 109 PRO PRO A . n 
A 1 111 ALA 111 110 110 ALA ALA A . n 
A 1 112 LEU 112 111 111 LEU LEU A . n 
A 1 113 VAL 113 112 112 VAL VAL A . n 
A 1 114 ALA 114 113 113 ALA ALA A . n 
A 1 115 ALA 115 114 114 ALA ALA A . n 
A 1 116 THR 116 115 115 THR THR A . n 
A 1 117 HIS 117 116 116 HIS HIS A . n 
A 1 118 THR 118 117 117 THR THR A . n 
A 1 119 LEU 119 118 118 LEU LEU A . n 
A 1 120 LYS 120 119 119 LYS LYS A . n 
A 1 121 GLY 121 120 120 GLY GLY A . n 
A 1 122 PHE 122 121 121 PHE PHE A . n 
# 
loop_
_pdbx_nonpoly_scheme.asym_id 
_pdbx_nonpoly_scheme.entity_id 
_pdbx_nonpoly_scheme.mon_id 
_pdbx_nonpoly_scheme.ndb_seq_num 
_pdbx_nonpoly_scheme.pdb_seq_num 
_pdbx_nonpoly_scheme.auth_seq_num 
_pdbx_nonpoly_scheme.pdb_mon_id 
_pdbx_nonpoly_scheme.auth_mon_id 
_pdbx_nonpoly_scheme.pdb_strand_id 
_pdbx_nonpoly_scheme.pdb_ins_code 
B 2 GOL 1  122 1  GOL GOL A . 
C 3 HOH 1  123 2  HOH HOH A . 
C 3 HOH 2  124 3  HOH HOH A . 
C 3 HOH 3  125 4  HOH HOH A . 
C 3 HOH 4  126 5  HOH HOH A . 
C 3 HOH 5  127 6  HOH HOH A . 
C 3 HOH 6  128 7  HOH HOH A . 
C 3 HOH 7  129 8  HOH HOH A . 
C 3 HOH 8  130 9  HOH HOH A . 
C 3 HOH 9  131 10 HOH HOH A . 
C 3 HOH 10 132 11 HOH HOH A . 
C 3 HOH 11 133 12 HOH HOH A . 
C 3 HOH 12 134 13 HOH HOH A . 
C 3 HOH 13 135 14 HOH HOH A . 
C 3 HOH 14 136 15 HOH HOH A . 
C 3 HOH 15 137 16 HOH HOH A . 
C 3 HOH 16 138 17 HOH HOH A . 
C 3 HOH 17 139 18 HOH HOH A . 
C 3 HOH 18 140 19 HOH HOH A . 
C 3 HOH 19 141 20 HOH HOH A . 
C 3 HOH 20 142 21 HOH HOH A . 
C 3 HOH 21 143 22 HOH HOH A . 
C 3 HOH 22 144 23 HOH HOH A . 
C 3 HOH 23 145 24 HOH HOH A . 
C 3 HOH 24 146 25 HOH HOH A . 
C 3 HOH 25 147 26 HOH HOH A . 
C 3 HOH 26 148 27 HOH HOH A . 
C 3 HOH 27 149 28 HOH HOH A . 
C 3 HOH 28 150 29 HOH HOH A . 
C 3 HOH 29 151 30 HOH HOH A . 
C 3 HOH 30 152 31 HOH HOH A . 
C 3 HOH 31 153 32 HOH HOH A . 
C 3 HOH 32 154 33 HOH HOH A . 
C 3 HOH 33 155 34 HOH HOH A . 
C 3 HOH 34 156 35 HOH HOH A . 
C 3 HOH 35 157 36 HOH HOH A . 
C 3 HOH 36 158 37 HOH HOH A . 
C 3 HOH 37 159 39 HOH HOH A . 
# 
loop_
_pdbx_unobs_or_zero_occ_atoms.id 
_pdbx_unobs_or_zero_occ_atoms.PDB_model_num 
_pdbx_unobs_or_zero_occ_atoms.polymer_flag 
_pdbx_unobs_or_zero_occ_atoms.occupancy_flag 
_pdbx_unobs_or_zero_occ_atoms.auth_asym_id 
_pdbx_unobs_or_zero_occ_atoms.auth_comp_id 
_pdbx_unobs_or_zero_occ_atoms.auth_seq_id 
_pdbx_unobs_or_zero_occ_atoms.PDB_ins_code 
_pdbx_unobs_or_zero_occ_atoms.auth_atom_id 
_pdbx_unobs_or_zero_occ_atoms.label_alt_id 
_pdbx_unobs_or_zero_occ_atoms.label_asym_id 
_pdbx_unobs_or_zero_occ_atoms.label_comp_id 
_pdbx_unobs_or_zero_occ_atoms.label_seq_id 
_pdbx_unobs_or_zero_occ_atoms.label_atom_id 
1 1 Y 1 A HIS 20  ? CG  ? A HIS 21  CG  
2 1 Y 1 A HIS 20  ? ND1 ? A HIS 21  ND1 
3 1 Y 1 A HIS 20  ? CD2 ? A HIS 21  CD2 
4 1 Y 1 A HIS 20  ? CE1 ? A HIS 21  CE1 
5 1 Y 1 A HIS 20  ? NE2 ? A HIS 21  NE2 
6 1 Y 1 A LYS 119 ? CD  ? A LYS 120 CD  
7 1 Y 1 A LYS 119 ? CE  ? A LYS 120 CE  
8 1 Y 1 A LYS 119 ? NZ  ? A LYS 120 NZ  
# 
loop_
_software.name 
_software.version 
_software.date 
_software.type 
_software.contact_author 
_software.contact_author_email 
_software.classification 
_software.location 
_software.language 
_software.citation_id 
_software.pdbx_ordinal 
MolProbity  3beta29  ?                package 'D.C. & J.S. Richardson lab' molprobity@kinemage.biochem.duke.edu 'model building'  
http://kinemage.biochem.duke.edu/molprobity/                       ?          ? 1 
SHELX       .        ?                package 'George Sheldrick'           gsheldr@shelx.uni-ac.gwdg.de         phasing           
http://shelx.uni-ac.gwdg.de/SHELX/                                 Fortran_77 ? 2 
REFMAC      5.2.0019 ?                program 'Murshudov, G.N.'            ccp4@dl.ac.uk                        refinement        
http://www.ccp4.ac.uk/main.html                                    Fortran_77 ? 3 
XSCALE      .        ?                package 'Wolfgang Kabsch'            ?                                    'data scaling'    
http://www.mpimf-heidelberg.mpg.de/~kabsch/xds/xscale_program.html ?          ? 4 
PDB_EXTRACT 2.000    'April. 3, 2006' package PDB                          sw-help@rcsb.rutgers.edu             'data extraction' 
http://pdb.rutgers.edu/software/                                   C++        ? 5 
XDS         .        ?                ?       ?                            ?                                    'data reduction'  
?                                                                  ?          ? 6 
SHELXD      .        ?                ?       ?                            ?                                    phasing           
?                                                                  ?          ? 7 
autoSHARP   .        ?                ?       ?                            ?                                    phasing           
?                                                                  ?          ? 8 
# 
_cell.entry_id           2NVN 
_cell.length_a           82.180 
_cell.length_b           82.180 
_cell.length_c           80.500 
_cell.angle_alpha        90.000 
_cell.angle_beta         90.000 
_cell.angle_gamma        90.000 
_cell.pdbx_unique_axis   ? 
_cell.Z_PDB              8 
_cell.length_a_esd       ? 
_cell.length_b_esd       ? 
_cell.length_c_esd       ? 
_cell.angle_alpha_esd    ? 
_cell.angle_beta_esd     ? 
_cell.angle_gamma_esd    ? 
# 
_symmetry.entry_id                         2NVN 
_symmetry.Int_Tables_number                96 
_symmetry.space_group_name_H-M             'P 43 21 2' 
_symmetry.pdbx_full_space_group_name_H-M   ? 
_symmetry.cell_setting                     ? 
_symmetry.space_group_name_Hall            ? 
# 
_exptl.entry_id          2NVN 
_exptl.method            'X-RAY DIFFRACTION' 
_exptl.crystals_number   1 
# 
_exptl_crystal.id                    1 
_exptl_crystal.density_meas          ? 
_exptl_crystal.density_Matthews      5.02 
_exptl_crystal.density_percent_sol   75.50 
_exptl_crystal.description           ? 
_exptl_crystal.F_000                 ? 
_exptl_crystal.preparation           ? 
# 
_exptl_crystal_grow.crystal_id      1 
_exptl_crystal_grow.method          ? 
_exptl_crystal_grow.temp            277 
_exptl_crystal_grow.temp_details    ? 
_exptl_crystal_grow.pH              8.00 
_exptl_crystal_grow.pdbx_details    '2.5M NaCl, 0.1M Imidazole, VAPOR DIFFUSION, SITTING DROP, NANODROP, temperature 277K, pH 8.00' 
_exptl_crystal_grow.pdbx_pH_range   . 
# 
_diffrn.id                     1 
_diffrn.ambient_temp           100.0 
_diffrn.ambient_temp_details   ? 
_diffrn.crystal_id             1 
# 
_diffrn_detector.diffrn_id              1 
_diffrn_detector.detector               CCD 
_diffrn_detector.type                   'ADSC QUANTUM 315' 
_diffrn_detector.pdbx_collection_date   2006-10-09 
_diffrn_detector.details                'FIXED-HEIGHT EXIT BEAM, TOROIDAL FOCUSING MIRROR' 
# 
_diffrn_radiation.diffrn_id                        1 
_diffrn_radiation.wavelength_id                    1 
_diffrn_radiation.pdbx_monochromatic_or_laue_m_l   M 
_diffrn_radiation.monochromator                    'DOUBLE-CRYSTAL SI(111)' 
_diffrn_radiation.pdbx_diffrn_protocol             'SINGLE WAVELENGTH' 
_diffrn_radiation.pdbx_scattering_type             x-ray 
# 
_diffrn_radiation_wavelength.id           1 
_diffrn_radiation_wavelength.wavelength   0.9805 
_diffrn_radiation_wavelength.wt           1.0 
# 
_diffrn_source.diffrn_id                   1 
_diffrn_source.source                      SYNCHROTRON 
_diffrn_source.type                        'ALS BEAMLINE 5.0.2' 
_diffrn_source.pdbx_synchrotron_site       ALS 
_diffrn_source.pdbx_synchrotron_beamline   5.0.2 
_diffrn_source.pdbx_wavelength             0.9805 
_diffrn_source.pdbx_wavelength_list        ? 
# 
_reflns.entry_id                     2NVN 
_reflns.observed_criterion_sigma_I   ? 
_reflns.observed_criterion_sigma_F   ? 
_reflns.d_resolution_low             29.050 
_reflns.d_resolution_high            2.500 
_reflns.number_obs                   10011 
_reflns.number_all                   ? 
_reflns.percent_possible_obs         99.4 
_reflns.pdbx_Rmerge_I_obs            0.059 
_reflns.pdbx_Rsym_value              ? 
_reflns.pdbx_netI_over_sigmaI        13.56 
_reflns.B_iso_Wilson_estimate        71.4 
_reflns.pdbx_redundancy              6.88 
_reflns.R_free_details               ? 
_reflns.limit_h_max                  ? 
_reflns.limit_h_min                  ? 
_reflns.limit_k_max                  ? 
_reflns.limit_k_min                  ? 
_reflns.limit_l_max                  ? 
_reflns.limit_l_min                  ? 
_reflns.observed_criterion_F_max     ? 
_reflns.observed_criterion_F_min     ? 
_reflns.pdbx_chi_squared             ? 
_reflns.pdbx_scaling_rejects         ? 
_reflns.pdbx_ordinal                 1 
_reflns.pdbx_diffrn_id               1 
# 
_reflns_shell.d_res_high             2.50 
_reflns_shell.d_res_low              2.59 
_reflns_shell.percent_possible_all   97.7 
_reflns_shell.Rmerge_I_obs           0.797 
_reflns_shell.pdbx_Rsym_value        ? 
_reflns_shell.meanI_over_sigI_obs    1.63 
_reflns_shell.pdbx_redundancy        ? 
_reflns_shell.percent_possible_obs   ? 
_reflns_shell.number_unique_all      ? 
_reflns_shell.number_measured_all    ? 
_reflns_shell.number_measured_obs    ? 
_reflns_shell.number_unique_obs      ? 
_reflns_shell.pdbx_chi_squared       ? 
_reflns_shell.pdbx_ordinal           1 
_reflns_shell.pdbx_diffrn_id         1 
# 
_refine.entry_id                                 2NVN 
_refine.ls_number_reflns_obs                     9972 
_refine.ls_number_reflns_all                     ? 
_refine.pdbx_ls_sigma_I                          ? 
_refine.pdbx_ls_sigma_F                          0.000 
_refine.pdbx_data_cutoff_high_absF               ? 
_refine.pdbx_data_cutoff_low_absF                ? 
_refine.pdbx_data_cutoff_high_rms_absF           ? 
_refine.ls_d_res_low                             29.05 
_refine.ls_d_res_high                            2.50 
_refine.ls_percent_reflns_obs                    99.8 
_refine.ls_R_factor_obs                          0.209 
_refine.ls_R_factor_all                          ? 
_refine.ls_R_factor_R_work                       0.208 
_refine.ls_R_factor_R_free                       0.227 
_refine.ls_R_factor_R_free_error                 ? 
_refine.ls_R_factor_R_free_error_details         ? 
_refine.ls_percent_reflns_R_free                 4.800 
_refine.ls_number_reflns_R_free                  478 
_refine.ls_number_parameters                     ? 
_refine.ls_number_restraints                     ? 
_refine.occupancy_min                            ? 
_refine.occupancy_max                            ? 
_refine.correlation_coeff_Fo_to_Fc               0.953 
_refine.correlation_coeff_Fo_to_Fc_free          0.948 
_refine.B_iso_mean                               26.66 
_refine.aniso_B[1][1]                            -1.14000 
_refine.aniso_B[2][2]                            -1.14000 
_refine.aniso_B[3][3]                            2.28000 
_refine.aniso_B[1][2]                            0.00000 
_refine.aniso_B[1][3]                            0.00000 
_refine.aniso_B[2][3]                            0.00000 
_refine.solvent_model_details                    'BABINET MODEL WITH MASK' 
_refine.solvent_model_param_ksol                 ? 
_refine.solvent_model_param_bsol                 ? 
_refine.pdbx_solvent_vdw_probe_radii             1.20 
_refine.pdbx_solvent_ion_probe_radii             0.80 
_refine.pdbx_solvent_shrinkage_radii             0.80 
_refine.pdbx_ls_cross_valid_method               THROUGHOUT 
_refine.details                                  
;1. HYDROGENS HAVE BEEN ADDED IN THE RIDING POSITIONS. 2. A MET-INHIBITION PROTOCOL WAS USED FOR SELENOMETHIONINE INCORPORATION DURING PROTEIN EXPRESSION. THE OCCUPANCY OF THE SE ATOMS IN THE MSE RESIDUES WAS REDUCED TO 0.75 FOR THE REDUCED SCATTERING POWER DUE TO PARTIAL S-MET INCORPORATION. 3. ATOM RECORDS CONTAIN RESIDUAL B FACTORS ONLY.
;
_refine.pdbx_starting_model                      ? 
_refine.pdbx_method_to_determine_struct          SAD 
_refine.pdbx_isotropic_thermal_model             ? 
_refine.pdbx_stereochemistry_target_values       'MAXIMUM LIKELIHOOD WITH PHASES' 
_refine.pdbx_stereochem_target_val_spec_case     ? 
_refine.pdbx_R_Free_selection_details            RANDOM 
_refine.pdbx_overall_ESU_R                       0.223 
_refine.pdbx_overall_ESU_R_Free                  0.186 
_refine.overall_SU_ML                            0.166 
_refine.overall_SU_B                             15.450 
_refine.ls_redundancy_reflns_obs                 ? 
_refine.B_iso_min                                ? 
_refine.B_iso_max                                ? 
_refine.overall_SU_R_Cruickshank_DPI             ? 
_refine.overall_SU_R_free                        ? 
_refine.ls_wR_factor_R_free                      ? 
_refine.ls_wR_factor_R_work                      ? 
_refine.overall_FOM_free_R_set                   ? 
_refine.overall_FOM_work_R_set                   ? 
_refine.pdbx_refine_id                           'X-RAY DIFFRACTION' 
_refine.pdbx_TLS_residual_ADP_flag               'LIKELY RESIDUAL' 
_refine.pdbx_diffrn_id                           1 
_refine.pdbx_overall_phase_error                 ? 
_refine.pdbx_overall_SU_R_free_Cruickshank_DPI   ? 
_refine.pdbx_overall_SU_R_Blow_DPI               ? 
_refine.pdbx_overall_SU_R_free_Blow_DPI          ? 
# 
_refine_hist.pdbx_refine_id                   'X-RAY DIFFRACTION' 
_refine_hist.cycle_id                         LAST 
_refine_hist.pdbx_number_atoms_protein        930 
_refine_hist.pdbx_number_atoms_nucleic_acid   0 
_refine_hist.pdbx_number_atoms_ligand         6 
_refine_hist.number_atoms_solvent             37 
_refine_hist.number_atoms_total               973 
_refine_hist.d_res_high                       2.50 
_refine_hist.d_res_low                        29.05 
# 
loop_
_refine_ls_restr.type 
_refine_ls_restr.dev_ideal 
_refine_ls_restr.dev_ideal_target 
_refine_ls_restr.weight 
_refine_ls_restr.number 
_refine_ls_restr.pdbx_refine_id 
_refine_ls_restr.pdbx_restraint_function 
r_bond_refined_d             0.018  0.022  ? 971  'X-RAY DIFFRACTION' ? 
r_bond_other_d               0.003  0.020  ? 649  'X-RAY DIFFRACTION' ? 
r_angle_refined_deg          1.823  1.962  ? 1326 'X-RAY DIFFRACTION' ? 
r_angle_other_deg            1.479  3.000  ? 1568 'X-RAY DIFFRACTION' ? 
r_dihedral_angle_1_deg       5.126  5.000  ? 124  'X-RAY DIFFRACTION' ? 
r_dihedral_angle_2_deg       30.169 22.955 ? 44   'X-RAY DIFFRACTION' ? 
r_dihedral_angle_3_deg       15.189 15.000 ? 151  'X-RAY DIFFRACTION' ? 
r_dihedral_angle_4_deg       16.381 15.000 ? 10   'X-RAY DIFFRACTION' ? 
r_chiral_restr               0.108  0.200  ? 149  'X-RAY DIFFRACTION' ? 
r_gen_planes_refined         0.006  0.020  ? 1098 'X-RAY DIFFRACTION' ? 
r_gen_planes_other           0.002  0.020  ? 207  'X-RAY DIFFRACTION' ? 
r_nbd_refined                0.181  0.200  ? 152  'X-RAY DIFFRACTION' ? 
r_nbd_other                  0.146  0.200  ? 583  'X-RAY DIFFRACTION' ? 
r_nbtor_refined              0.162  0.200  ? 427  'X-RAY DIFFRACTION' ? 
r_nbtor_other                0.079  0.200  ? 532  'X-RAY DIFFRACTION' ? 
r_xyhbond_nbd_refined        0.138  0.200  ? 28   'X-RAY DIFFRACTION' ? 
r_xyhbond_nbd_other          ?      ?      ? ?    'X-RAY DIFFRACTION' ? 
r_metal_ion_refined          ?      ?      ? ?    'X-RAY DIFFRACTION' ? 
r_metal_ion_other            ?      ?      ? ?    'X-RAY DIFFRACTION' ? 
r_symmetry_vdw_refined       0.098  0.200  ? 9    'X-RAY DIFFRACTION' ? 
r_symmetry_vdw_other         0.216  0.200  ? 39   'X-RAY DIFFRACTION' ? 
r_symmetry_hbond_refined     0.081  0.200  ? 3    'X-RAY DIFFRACTION' ? 
r_symmetry_hbond_other       ?      ?      ? ?    'X-RAY DIFFRACTION' ? 
r_symmetry_metal_ion_refined ?      ?      ? ?    'X-RAY DIFFRACTION' ? 
r_symmetry_metal_ion_other   ?      ?      ? ?    'X-RAY DIFFRACTION' ? 
r_mcbond_it                  0.863  1.500  ? 703  'X-RAY DIFFRACTION' ? 
r_mcbond_other               0.136  1.500  ? 246  'X-RAY DIFFRACTION' ? 
r_mcangle_it                 1.131  2.000  ? 964  'X-RAY DIFFRACTION' ? 
r_scbond_it                  1.748  3.000  ? 413  'X-RAY DIFFRACTION' ? 
r_scangle_it                 2.653  4.500  ? 360  'X-RAY DIFFRACTION' ? 
r_rigid_bond_restr           ?      ?      ? ?    'X-RAY DIFFRACTION' ? 
r_sphericity_free            ?      ?      ? ?    'X-RAY DIFFRACTION' ? 
r_sphericity_bonded          ?      ?      ? ?    'X-RAY DIFFRACTION' ? 
# 
_refine_ls_shell.pdbx_total_number_of_bins_used   20 
_refine_ls_shell.d_res_high                       2.50 
_refine_ls_shell.d_res_low                        2.57 
_refine_ls_shell.number_reflns_R_work             709 
_refine_ls_shell.R_factor_R_work                  0.381 
_refine_ls_shell.percent_reflns_obs               100.00 
_refine_ls_shell.R_factor_R_free                  0.435 
_refine_ls_shell.R_factor_R_free_error            ? 
_refine_ls_shell.percent_reflns_R_free            ? 
_refine_ls_shell.number_reflns_R_free             31 
_refine_ls_shell.number_reflns_all                ? 
_refine_ls_shell.R_factor_all                     ? 
_refine_ls_shell.redundancy_reflns_obs            ? 
_refine_ls_shell.number_reflns_obs                ? 
_refine_ls_shell.pdbx_refine_id                   'X-RAY DIFFRACTION' 
# 
_struct.entry_id                  2NVN 
_struct.title                     
;Crystal structure of a protein with a cupin-like fold and unknown function (YP_400729.1) from Synechococcus SP. PCC 7942 (Elongatus) at 2.50 A resolution
;
_struct.pdbx_model_details        ? 
_struct.pdbx_CASP_flag            ? 
_struct.pdbx_model_type_details   ? 
# 
_struct_keywords.text            
;YP_400729.1, hypothetical protein, Structural Genomics, PSI-2, Protein Structure Initiative, Joint Center for Structural Genomics, JCSG, Structural Genomics-Unknown function COMPLEX
;
_struct_keywords.pdbx_keywords   'Structural Genomics/Unknown function' 
_struct_keywords.entry_id        2NVN 
# 
loop_
_struct_asym.id 
_struct_asym.pdbx_blank_PDB_chainid_flag 
_struct_asym.pdbx_modified 
_struct_asym.entity_id 
_struct_asym.details 
A N N 1 ? 
B N N 2 ? 
C N N 3 ? 
# 
_struct_ref.id                         1 
_struct_ref.db_name                    UNP 
_struct_ref.db_code                    Q5MZF1_SYNP6 
_struct_ref.pdbx_db_accession          Q5MZF1 
_struct_ref.entity_id                  1 
_struct_ref.pdbx_seq_one_letter_code   
;MGRILREGAGWRLGWDETAHRYPGLVGTTDWAVELTAAEMADFCRLVQQLAETIAAIAPELMPEERLQIEAESALLWLEA
EGFADAYELRLILASDRRVEACWPAAAVPALVAATHTLKGF
;
_struct_ref.pdbx_align_begin           1 
_struct_ref.pdbx_db_isoform            ? 
# 
_struct_ref_seq.align_id                      1 
_struct_ref_seq.ref_id                        1 
_struct_ref_seq.pdbx_PDB_id_code              2NVN 
_struct_ref_seq.pdbx_strand_id                A 
_struct_ref_seq.seq_align_beg                 2 
_struct_ref_seq.pdbx_seq_align_beg_ins_code   ? 
_struct_ref_seq.seq_align_end                 122 
_struct_ref_seq.pdbx_seq_align_end_ins_code   ? 
_struct_ref_seq.pdbx_db_accession             Q5MZF1 
_struct_ref_seq.db_align_beg                  1 
_struct_ref_seq.pdbx_db_align_beg_ins_code    ? 
_struct_ref_seq.db_align_end                  121 
_struct_ref_seq.pdbx_db_align_end_ins_code    ? 
_struct_ref_seq.pdbx_auth_seq_align_beg       1 
_struct_ref_seq.pdbx_auth_seq_align_end       121 
# 
loop_
_struct_ref_seq_dif.align_id 
_struct_ref_seq_dif.pdbx_pdb_id_code 
_struct_ref_seq_dif.mon_id 
_struct_ref_seq_dif.pdbx_pdb_strand_id 
_struct_ref_seq_dif.seq_num 
_struct_ref_seq_dif.pdbx_pdb_ins_code 
_struct_ref_seq_dif.pdbx_seq_db_name 
_struct_ref_seq_dif.pdbx_seq_db_accession_code 
_struct_ref_seq_dif.db_mon_id 
_struct_ref_seq_dif.pdbx_seq_db_seq_num 
_struct_ref_seq_dif.details 
_struct_ref_seq_dif.pdbx_auth_seq_num 
_struct_ref_seq_dif.pdbx_ordinal 
1 2NVN GLY A 1  ? UNP Q5MZF1 ?   ?  'expression tag'   0  1 
1 2NVN MSE A 2  ? UNP Q5MZF1 MET 1  'modified residue' 1  2 
1 2NVN MSE A 41 ? UNP Q5MZF1 MET 40 'modified residue' 40 3 
1 2NVN MSE A 63 ? UNP Q5MZF1 MET 62 'modified residue' 62 4 
# 
_pdbx_struct_assembly.id                   1 
_pdbx_struct_assembly.details              author_defined_assembly 
_pdbx_struct_assembly.method_details       ? 
_pdbx_struct_assembly.oligomeric_details   dimeric 
_pdbx_struct_assembly.oligomeric_count     2 
# 
_pdbx_struct_assembly_gen.assembly_id       1 
_pdbx_struct_assembly_gen.oper_expression   1,2 
_pdbx_struct_assembly_gen.asym_id_list      A,B,C 
# 
loop_
_pdbx_struct_oper_list.id 
_pdbx_struct_oper_list.type 
_pdbx_struct_oper_list.name 
_pdbx_struct_oper_list.symmetry_operation 
_pdbx_struct_oper_list.matrix[1][1] 
_pdbx_struct_oper_list.matrix[1][2] 
_pdbx_struct_oper_list.matrix[1][3] 
_pdbx_struct_oper_list.vector[1] 
_pdbx_struct_oper_list.matrix[2][1] 
_pdbx_struct_oper_list.matrix[2][2] 
_pdbx_struct_oper_list.matrix[2][3] 
_pdbx_struct_oper_list.vector[2] 
_pdbx_struct_oper_list.matrix[3][1] 
_pdbx_struct_oper_list.matrix[3][2] 
_pdbx_struct_oper_list.matrix[3][3] 
_pdbx_struct_oper_list.vector[3] 
1 'identity operation'         1_555 x,y,z    1.0000000000  0.0000000000  0.0000000000 0.0000000000   0.0000000000  1.0000000000  0.0000000000  0.0000000000   0.0000000000 0.0000000000  1.0000000000  0.0000000000  
2 'crystal symmetry operation' 7_556 y,x,-z+1 -0.0331941159 -0.1929508961 0.9806467776 -16.8228059449 -0.1929508961 -0.9614917028 -0.1957132012 -14.4121400406 0.9806467776 -0.1957132012 -0.0053141813 13.7496525218 
# 
_struct_biol.id   1 
# 
loop_
_struct_conf.conf_type_id 
_struct_conf.id 
_struct_conf.pdbx_PDB_helix_id 
_struct_conf.beg_label_comp_id 
_struct_conf.beg_label_asym_id 
_struct_conf.beg_label_seq_id 
_struct_conf.pdbx_beg_PDB_ins_code 
_struct_conf.end_label_comp_id 
_struct_conf.end_label_asym_id 
_struct_conf.end_label_seq_id 
_struct_conf.pdbx_end_PDB_ins_code 
_struct_conf.beg_auth_comp_id 
_struct_conf.beg_auth_asym_id 
_struct_conf.beg_auth_seq_id 
_struct_conf.end_auth_comp_id 
_struct_conf.end_auth_asym_id 
_struct_conf.end_auth_seq_id 
_struct_conf.pdbx_PDB_helix_class 
_struct_conf.details 
_struct_conf.pdbx_PDB_helix_length 
HELX_P HELX_P1 1 THR A 37  ? ALA A 57  ? THR A 36  ALA A 56  1 ? 21 
HELX_P HELX_P2 2 ALA A 108 ? HIS A 117 ? ALA A 107 HIS A 116 1 ? 10 
# 
_struct_conf_type.id          HELX_P 
_struct_conf_type.criteria    ? 
_struct_conf_type.reference   ? 
# 
loop_
_struct_conn.id 
_struct_conn.conn_type_id 
_struct_conn.pdbx_leaving_atom_flag 
_struct_conn.pdbx_PDB_id 
_struct_conn.ptnr1_label_asym_id 
_struct_conn.ptnr1_label_comp_id 
_struct_conn.ptnr1_label_seq_id 
_struct_conn.ptnr1_label_atom_id 
_struct_conn.pdbx_ptnr1_label_alt_id 
_struct_conn.pdbx_ptnr1_PDB_ins_code 
_struct_conn.pdbx_ptnr1_standard_comp_id 
_struct_conn.ptnr1_symmetry 
_struct_conn.ptnr2_label_asym_id 
_struct_conn.ptnr2_label_comp_id 
_struct_conn.ptnr2_label_seq_id 
_struct_conn.ptnr2_label_atom_id 
_struct_conn.pdbx_ptnr2_label_alt_id 
_struct_conn.pdbx_ptnr2_PDB_ins_code 
_struct_conn.ptnr1_auth_asym_id 
_struct_conn.ptnr1_auth_comp_id 
_struct_conn.ptnr1_auth_seq_id 
_struct_conn.ptnr2_auth_asym_id 
_struct_conn.ptnr2_auth_comp_id 
_struct_conn.ptnr2_auth_seq_id 
_struct_conn.ptnr2_symmetry 
_struct_conn.pdbx_ptnr3_label_atom_id 
_struct_conn.pdbx_ptnr3_label_seq_id 
_struct_conn.pdbx_ptnr3_label_comp_id 
_struct_conn.pdbx_ptnr3_label_asym_id 
_struct_conn.pdbx_ptnr3_label_alt_id 
_struct_conn.pdbx_ptnr3_PDB_ins_code 
_struct_conn.details 
_struct_conn.pdbx_dist_value 
_struct_conn.pdbx_value_order 
_struct_conn.pdbx_role 
covale1 covale both ? A MSE 2  C ? ? ? 1_555 A GLY 3  N ? ? A MSE 1  A GLY 2  1_555 ? ? ? ? ? ? ? 1.339 ? ? 
covale2 covale both ? A GLU 40 C ? ? ? 1_555 A MSE 41 N ? ? A GLU 39 A MSE 40 1_555 ? ? ? ? ? ? ? 1.331 ? ? 
covale3 covale both ? A MSE 41 C ? ? ? 1_555 A ALA 42 N ? ? A MSE 40 A ALA 41 1_555 ? ? ? ? ? ? ? 1.332 ? ? 
covale4 covale both ? A LEU 62 C ? ? ? 1_555 A MSE 63 N ? ? A LEU 61 A MSE 62 1_555 ? ? ? ? ? ? ? 1.339 ? ? 
covale5 covale both ? A MSE 63 C ? ? ? 1_555 A PRO 64 N ? ? A MSE 62 A PRO 63 1_555 ? ? ? ? ? ? ? 1.334 ? ? 
# 
_struct_conn_type.id          covale 
_struct_conn_type.criteria    ? 
_struct_conn_type.reference   ? 
# 
loop_
_pdbx_modification_feature.ordinal 
_pdbx_modification_feature.label_comp_id 
_pdbx_modification_feature.label_asym_id 
_pdbx_modification_feature.label_seq_id 
_pdbx_modification_feature.label_alt_id 
_pdbx_modification_feature.modified_residue_label_comp_id 
_pdbx_modification_feature.modified_residue_label_asym_id 
_pdbx_modification_feature.modified_residue_label_seq_id 
_pdbx_modification_feature.modified_residue_label_alt_id 
_pdbx_modification_feature.auth_comp_id 
_pdbx_modification_feature.auth_asym_id 
_pdbx_modification_feature.auth_seq_id 
_pdbx_modification_feature.PDB_ins_code 
_pdbx_modification_feature.symmetry 
_pdbx_modification_feature.modified_residue_auth_comp_id 
_pdbx_modification_feature.modified_residue_auth_asym_id 
_pdbx_modification_feature.modified_residue_auth_seq_id 
_pdbx_modification_feature.modified_residue_PDB_ins_code 
_pdbx_modification_feature.modified_residue_symmetry 
_pdbx_modification_feature.comp_id_linking_atom 
_pdbx_modification_feature.modified_residue_id_linking_atom 
_pdbx_modification_feature.modified_residue_id 
_pdbx_modification_feature.ref_pcm_id 
_pdbx_modification_feature.ref_comp_id 
_pdbx_modification_feature.type 
_pdbx_modification_feature.category 
1 MSE A 2  ? . . . . MSE A 1  ? 1_555 . . . . . . . MET 1 MSE Selenomethionine 'Named protein modification' 
2 MSE A 41 ? . . . . MSE A 40 ? 1_555 . . . . . . . MET 1 MSE Selenomethionine 'Named protein modification' 
3 MSE A 63 ? . . . . MSE A 62 ? 1_555 . . . . . . . MET 1 MSE Selenomethionine 'Named protein modification' 
# 
loop_
_struct_sheet.id 
_struct_sheet.type 
_struct_sheet.number_strands 
_struct_sheet.details 
A ? 4 ? 
B ? 4 ? 
# 
loop_
_struct_sheet_order.sheet_id 
_struct_sheet_order.range_id_1 
_struct_sheet_order.range_id_2 
_struct_sheet_order.offset 
_struct_sheet_order.sense 
A 1 2 ? anti-parallel 
A 2 3 ? anti-parallel 
A 3 4 ? anti-parallel 
B 1 2 ? anti-parallel 
B 2 3 ? anti-parallel 
B 3 4 ? anti-parallel 
# 
loop_
_struct_sheet_range.sheet_id 
_struct_sheet_range.id 
_struct_sheet_range.beg_label_comp_id 
_struct_sheet_range.beg_label_asym_id 
_struct_sheet_range.beg_label_seq_id 
_struct_sheet_range.pdbx_beg_PDB_ins_code 
_struct_sheet_range.end_label_comp_id 
_struct_sheet_range.end_label_asym_id 
_struct_sheet_range.end_label_seq_id 
_struct_sheet_range.pdbx_end_PDB_ins_code 
_struct_sheet_range.beg_auth_comp_id 
_struct_sheet_range.beg_auth_asym_id 
_struct_sheet_range.beg_auth_seq_id 
_struct_sheet_range.end_auth_comp_id 
_struct_sheet_range.end_auth_asym_id 
_struct_sheet_range.end_auth_seq_id 
A 1 ARG A 4   ? GLY A 9   ? ARG A 3   GLY A 8   
A 2 TRP A 12  ? ASP A 17  ? TRP A 11  ASP A 16  
A 3 GLY A 25  ? GLY A 28  ? GLY A 24  GLY A 27  
A 4 ALA A 33  ? LEU A 36  ? ALA A 32  LEU A 35  
B 1 LEU A 68  ? GLU A 73  ? LEU A 67  GLU A 72  
B 2 LEU A 77  ? PHE A 84  ? LEU A 76  PHE A 83  
B 3 ALA A 87  ? LEU A 94  ? ALA A 86  LEU A 93  
B 4 GLU A 101 ? TRP A 104 ? GLU A 100 TRP A 103 
# 
loop_
_pdbx_struct_sheet_hbond.sheet_id 
_pdbx_struct_sheet_hbond.range_id_1 
_pdbx_struct_sheet_hbond.range_id_2 
_pdbx_struct_sheet_hbond.range_1_label_atom_id 
_pdbx_struct_sheet_hbond.range_1_label_comp_id 
_pdbx_struct_sheet_hbond.range_1_label_asym_id 
_pdbx_struct_sheet_hbond.range_1_label_seq_id 
_pdbx_struct_sheet_hbond.range_1_PDB_ins_code 
_pdbx_struct_sheet_hbond.range_1_auth_atom_id 
_pdbx_struct_sheet_hbond.range_1_auth_comp_id 
_pdbx_struct_sheet_hbond.range_1_auth_asym_id 
_pdbx_struct_sheet_hbond.range_1_auth_seq_id 
_pdbx_struct_sheet_hbond.range_2_label_atom_id 
_pdbx_struct_sheet_hbond.range_2_label_comp_id 
_pdbx_struct_sheet_hbond.range_2_label_asym_id 
_pdbx_struct_sheet_hbond.range_2_label_seq_id 
_pdbx_struct_sheet_hbond.range_2_PDB_ins_code 
_pdbx_struct_sheet_hbond.range_2_auth_atom_id 
_pdbx_struct_sheet_hbond.range_2_auth_comp_id 
_pdbx_struct_sheet_hbond.range_2_auth_asym_id 
_pdbx_struct_sheet_hbond.range_2_auth_seq_id 
A 1 2 N ARG A 7  ? N ARG A 6  O LEU A 14  ? O LEU A 13  
A 2 3 N GLY A 15 ? N GLY A 14 O LEU A 26  ? O LEU A 25  
A 3 4 N VAL A 27 ? N VAL A 26 O VAL A 34  ? O VAL A 33  
B 1 2 N LEU A 68 ? N LEU A 67 O GLY A 83  ? O GLY A 82  
B 2 3 N GLU A 82 ? N GLU A 81 O GLU A 89  ? O GLU A 88  
B 3 4 N LEU A 90 ? N LEU A 89 O TRP A 104 ? O TRP A 103 
# 
_struct_site.id                   AC1 
_struct_site.pdbx_evidence_code   Software 
_struct_site.pdbx_auth_asym_id    A 
_struct_site.pdbx_auth_comp_id    GOL 
_struct_site.pdbx_auth_seq_id     122 
_struct_site.pdbx_auth_ins_code   ? 
_struct_site.pdbx_num_residues    2 
_struct_site.details              'BINDING SITE FOR RESIDUE GOL A 122' 
# 
loop_
_struct_site_gen.id 
_struct_site_gen.site_id 
_struct_site_gen.pdbx_num_res 
_struct_site_gen.label_comp_id 
_struct_site_gen.label_asym_id 
_struct_site_gen.label_seq_id 
_struct_site_gen.pdbx_auth_ins_code 
_struct_site_gen.auth_comp_id 
_struct_site_gen.auth_asym_id 
_struct_site_gen.auth_seq_id 
_struct_site_gen.label_atom_id 
_struct_site_gen.label_alt_id 
_struct_site_gen.symmetry 
_struct_site_gen.details 
1 AC1 2 ASP A 31 ? ASP A 30 . ? 7_556 ? 
2 AC1 2 GLU A 89 ? GLU A 88 . ? 1_555 ? 
# 
_pdbx_entry_details.entry_id                   2NVN 
_pdbx_entry_details.compound_details           ? 
_pdbx_entry_details.source_details             ? 
_pdbx_entry_details.nonpolymer_details         ? 
_pdbx_entry_details.sequence_details           ? 
_pdbx_entry_details.has_ligand_of_interest     ? 
_pdbx_entry_details.has_protein_modification   Y 
# 
loop_
_pdbx_validate_rmsd_angle.id 
_pdbx_validate_rmsd_angle.PDB_model_num 
_pdbx_validate_rmsd_angle.auth_atom_id_1 
_pdbx_validate_rmsd_angle.auth_asym_id_1 
_pdbx_validate_rmsd_angle.auth_comp_id_1 
_pdbx_validate_rmsd_angle.auth_seq_id_1 
_pdbx_validate_rmsd_angle.PDB_ins_code_1 
_pdbx_validate_rmsd_angle.label_alt_id_1 
_pdbx_validate_rmsd_angle.auth_atom_id_2 
_pdbx_validate_rmsd_angle.auth_asym_id_2 
_pdbx_validate_rmsd_angle.auth_comp_id_2 
_pdbx_validate_rmsd_angle.auth_seq_id_2 
_pdbx_validate_rmsd_angle.PDB_ins_code_2 
_pdbx_validate_rmsd_angle.label_alt_id_2 
_pdbx_validate_rmsd_angle.auth_atom_id_3 
_pdbx_validate_rmsd_angle.auth_asym_id_3 
_pdbx_validate_rmsd_angle.auth_comp_id_3 
_pdbx_validate_rmsd_angle.auth_seq_id_3 
_pdbx_validate_rmsd_angle.PDB_ins_code_3 
_pdbx_validate_rmsd_angle.label_alt_id_3 
_pdbx_validate_rmsd_angle.angle_value 
_pdbx_validate_rmsd_angle.angle_target_value 
_pdbx_validate_rmsd_angle.angle_deviation 
_pdbx_validate_rmsd_angle.angle_standard_deviation 
_pdbx_validate_rmsd_angle.linker_flag 
1 1 NE A ARG 21 ? A CZ A ARG 21 ? A NH1 A ARG 21 ? A 123.31 120.30 3.01  0.50 N 
2 1 NE A ARG 97 ? ? CZ A ARG 97 ? ? NH1 A ARG 97 ? ? 124.80 120.30 4.50  0.50 N 
3 1 NE A ARG 97 ? ? CZ A ARG 97 ? ? NH2 A ARG 97 ? ? 116.15 120.30 -4.15 0.50 N 
# 
loop_
_pdbx_validate_torsion.id 
_pdbx_validate_torsion.PDB_model_num 
_pdbx_validate_torsion.auth_comp_id 
_pdbx_validate_torsion.auth_asym_id 
_pdbx_validate_torsion.auth_seq_id 
_pdbx_validate_torsion.PDB_ins_code 
_pdbx_validate_torsion.label_alt_id 
_pdbx_validate_torsion.phi 
_pdbx_validate_torsion.psi 
1 1 ALA A 86  ? ? -168.13 94.68   
2 1 ASP A 96  ? ? 49.08   -131.69 
3 1 LEU A 118 ? ? -101.67 75.22   
# 
_pdbx_SG_project.project_name          'PSI, Protein Structure Initiative' 
_pdbx_SG_project.full_name_of_center   'Joint Center for Structural Genomics' 
_pdbx_SG_project.id                    1 
_pdbx_SG_project.initial_of_center     JCSG 
# 
loop_
_pdbx_struct_mod_residue.id 
_pdbx_struct_mod_residue.label_asym_id 
_pdbx_struct_mod_residue.label_comp_id 
_pdbx_struct_mod_residue.label_seq_id 
_pdbx_struct_mod_residue.auth_asym_id 
_pdbx_struct_mod_residue.auth_comp_id 
_pdbx_struct_mod_residue.auth_seq_id 
_pdbx_struct_mod_residue.PDB_ins_code 
_pdbx_struct_mod_residue.parent_comp_id 
_pdbx_struct_mod_residue.details 
1 A MSE 2  A MSE 1  ? MET SELENOMETHIONINE 
2 A MSE 41 A MSE 40 ? MET SELENOMETHIONINE 
3 A MSE 63 A MSE 62 ? MET SELENOMETHIONINE 
# 
_pdbx_refine_tls.id               1 
_pdbx_refine_tls.details          ? 
_pdbx_refine_tls.method           refined 
_pdbx_refine_tls.origin_x         -0.5620 
_pdbx_refine_tls.origin_y         -0.0386 
_pdbx_refine_tls.origin_z         0.1893 
_pdbx_refine_tls.T[1][1]          0.1492 
_pdbx_refine_tls.T[2][2]          0.4392 
_pdbx_refine_tls.T[3][3]          0.1359 
_pdbx_refine_tls.T[1][2]          -0.0124 
_pdbx_refine_tls.T[1][3]          0.1103 
_pdbx_refine_tls.T[2][3]          0.0565 
_pdbx_refine_tls.L[1][1]          5.8845 
_pdbx_refine_tls.L[2][2]          5.5858 
_pdbx_refine_tls.L[3][3]          3.4123 
_pdbx_refine_tls.L[1][2]          3.5145 
_pdbx_refine_tls.L[1][3]          -0.7628 
_pdbx_refine_tls.L[2][3]          -1.5891 
_pdbx_refine_tls.S[1][1]          -0.2076 
_pdbx_refine_tls.S[1][2]          0.5639 
_pdbx_refine_tls.S[1][3]          0.3151 
_pdbx_refine_tls.S[2][1]          -0.5989 
_pdbx_refine_tls.S[2][2]          0.3936 
_pdbx_refine_tls.S[2][3]          0.0273 
_pdbx_refine_tls.S[3][1]          -0.0041 
_pdbx_refine_tls.S[3][2]          0.0222 
_pdbx_refine_tls.S[3][3]          -0.1859 
_pdbx_refine_tls.pdbx_refine_id   'X-RAY DIFFRACTION' 
# 
_pdbx_refine_tls_group.id                  1 
_pdbx_refine_tls_group.refine_tls_id       1 
_pdbx_refine_tls_group.beg_auth_asym_id    A 
_pdbx_refine_tls_group.beg_auth_seq_id     1 
_pdbx_refine_tls_group.beg_label_asym_id   A 
_pdbx_refine_tls_group.beg_label_seq_id    2 
_pdbx_refine_tls_group.end_auth_asym_id    A 
_pdbx_refine_tls_group.end_auth_seq_id     121 
_pdbx_refine_tls_group.end_label_asym_id   A 
_pdbx_refine_tls_group.end_label_seq_id    122 
_pdbx_refine_tls_group.selection           ? 
_pdbx_refine_tls_group.pdbx_refine_id      'X-RAY DIFFRACTION' 
_pdbx_refine_tls_group.selection_details   ? 
# 
_phasing.method   SAD 
# 
_pdbx_database_remark.id     300 
_pdbx_database_remark.text   
;
BIOMOLECULE: 1
THIS ENTRY CONTAINS THE CRYSTALLOGRAPHIC ASYMMETRIC UNIT
WHICH CONSISTS OF 1 CHAIN(S). SEE REMARK 350 FOR
INFORMATION ON GENERATING THE BIOLOGICAL MOLECULE(S).
ASSIGNMENT OF BIOMOLECULE AS A DIMER IS BASED UPON EBI/PISA ANALYSIS.
;
# 
_pdbx_unobs_or_zero_occ_residues.id               1 
_pdbx_unobs_or_zero_occ_residues.PDB_model_num    1 
_pdbx_unobs_or_zero_occ_residues.polymer_flag     Y 
_pdbx_unobs_or_zero_occ_residues.occupancy_flag   1 
_pdbx_unobs_or_zero_occ_residues.auth_asym_id     A 
_pdbx_unobs_or_zero_occ_residues.auth_comp_id     GLY 
_pdbx_unobs_or_zero_occ_residues.auth_seq_id      0 
_pdbx_unobs_or_zero_occ_residues.PDB_ins_code     ? 
_pdbx_unobs_or_zero_occ_residues.label_asym_id    A 
_pdbx_unobs_or_zero_occ_residues.label_comp_id    GLY 
_pdbx_unobs_or_zero_occ_residues.label_seq_id     1 
# 
loop_
_chem_comp_atom.comp_id 
_chem_comp_atom.atom_id 
_chem_comp_atom.type_symbol 
_chem_comp_atom.pdbx_aromatic_flag 
_chem_comp_atom.pdbx_stereo_config 
_chem_comp_atom.pdbx_ordinal 
ALA N    N  N N 1   
ALA CA   C  N S 2   
ALA C    C  N N 3   
ALA O    O  N N 4   
ALA CB   C  N N 5   
ALA OXT  O  N N 6   
ALA H    H  N N 7   
ALA H2   H  N N 8   
ALA HA   H  N N 9   
ALA HB1  H  N N 10  
ALA HB2  H  N N 11  
ALA HB3  H  N N 12  
ALA HXT  H  N N 13  
ARG N    N  N N 14  
ARG CA   C  N S 15  
ARG C    C  N N 16  
ARG O    O  N N 17  
ARG CB   C  N N 18  
ARG CG   C  N N 19  
ARG CD   C  N N 20  
ARG NE   N  N N 21  
ARG CZ   C  N N 22  
ARG NH1  N  N N 23  
ARG NH2  N  N N 24  
ARG OXT  O  N N 25  
ARG H    H  N N 26  
ARG H2   H  N N 27  
ARG HA   H  N N 28  
ARG HB2  H  N N 29  
ARG HB3  H  N N 30  
ARG HG2  H  N N 31  
ARG HG3  H  N N 32  
ARG HD2  H  N N 33  
ARG HD3  H  N N 34  
ARG HE   H  N N 35  
ARG HH11 H  N N 36  
ARG HH12 H  N N 37  
ARG HH21 H  N N 38  
ARG HH22 H  N N 39  
ARG HXT  H  N N 40  
ASP N    N  N N 41  
ASP CA   C  N S 42  
ASP C    C  N N 43  
ASP O    O  N N 44  
ASP CB   C  N N 45  
ASP CG   C  N N 46  
ASP OD1  O  N N 47  
ASP OD2  O  N N 48  
ASP OXT  O  N N 49  
ASP H    H  N N 50  
ASP H2   H  N N 51  
ASP HA   H  N N 52  
ASP HB2  H  N N 53  
ASP HB3  H  N N 54  
ASP HD2  H  N N 55  
ASP HXT  H  N N 56  
CYS N    N  N N 57  
CYS CA   C  N R 58  
CYS C    C  N N 59  
CYS O    O  N N 60  
CYS CB   C  N N 61  
CYS SG   S  N N 62  
CYS OXT  O  N N 63  
CYS H    H  N N 64  
CYS H2   H  N N 65  
CYS HA   H  N N 66  
CYS HB2  H  N N 67  
CYS HB3  H  N N 68  
CYS HG   H  N N 69  
CYS HXT  H  N N 70  
GLN N    N  N N 71  
GLN CA   C  N S 72  
GLN C    C  N N 73  
GLN O    O  N N 74  
GLN CB   C  N N 75  
GLN CG   C  N N 76  
GLN CD   C  N N 77  
GLN OE1  O  N N 78  
GLN NE2  N  N N 79  
GLN OXT  O  N N 80  
GLN H    H  N N 81  
GLN H2   H  N N 82  
GLN HA   H  N N 83  
GLN HB2  H  N N 84  
GLN HB3  H  N N 85  
GLN HG2  H  N N 86  
GLN HG3  H  N N 87  
GLN HE21 H  N N 88  
GLN HE22 H  N N 89  
GLN HXT  H  N N 90  
GLU N    N  N N 91  
GLU CA   C  N S 92  
GLU C    C  N N 93  
GLU O    O  N N 94  
GLU CB   C  N N 95  
GLU CG   C  N N 96  
GLU CD   C  N N 97  
GLU OE1  O  N N 98  
GLU OE2  O  N N 99  
GLU OXT  O  N N 100 
GLU H    H  N N 101 
GLU H2   H  N N 102 
GLU HA   H  N N 103 
GLU HB2  H  N N 104 
GLU HB3  H  N N 105 
GLU HG2  H  N N 106 
GLU HG3  H  N N 107 
GLU HE2  H  N N 108 
GLU HXT  H  N N 109 
GLY N    N  N N 110 
GLY CA   C  N N 111 
GLY C    C  N N 112 
GLY O    O  N N 113 
GLY OXT  O  N N 114 
GLY H    H  N N 115 
GLY H2   H  N N 116 
GLY HA2  H  N N 117 
GLY HA3  H  N N 118 
GLY HXT  H  N N 119 
GOL C1   C  N N 120 
GOL O1   O  N N 121 
GOL C2   C  N N 122 
GOL O2   O  N N 123 
GOL C3   C  N N 124 
GOL O3   O  N N 125 
GOL H11  H  N N 126 
GOL H12  H  N N 127 
GOL HO1  H  N N 128 
GOL H2   H  N N 129 
GOL HO2  H  N N 130 
GOL H31  H  N N 131 
GOL H32  H  N N 132 
GOL HO3  H  N N 133 
HIS N    N  N N 134 
HIS CA   C  N S 135 
HIS C    C  N N 136 
HIS O    O  N N 137 
HIS CB   C  N N 138 
HIS CG   C  Y N 139 
HIS ND1  N  Y N 140 
HIS CD2  C  Y N 141 
HIS CE1  C  Y N 142 
HIS NE2  N  Y N 143 
HIS OXT  O  N N 144 
HIS H    H  N N 145 
HIS H2   H  N N 146 
HIS HA   H  N N 147 
HIS HB2  H  N N 148 
HIS HB3  H  N N 149 
HIS HD1  H  N N 150 
HIS HD2  H  N N 151 
HIS HE1  H  N N 152 
HIS HE2  H  N N 153 
HIS HXT  H  N N 154 
HOH O    O  N N 155 
HOH H1   H  N N 156 
HOH H2   H  N N 157 
ILE N    N  N N 158 
ILE CA   C  N S 159 
ILE C    C  N N 160 
ILE O    O  N N 161 
ILE CB   C  N S 162 
ILE CG1  C  N N 163 
ILE CG2  C  N N 164 
ILE CD1  C  N N 165 
ILE OXT  O  N N 166 
ILE H    H  N N 167 
ILE H2   H  N N 168 
ILE HA   H  N N 169 
ILE HB   H  N N 170 
ILE HG12 H  N N 171 
ILE HG13 H  N N 172 
ILE HG21 H  N N 173 
ILE HG22 H  N N 174 
ILE HG23 H  N N 175 
ILE HD11 H  N N 176 
ILE HD12 H  N N 177 
ILE HD13 H  N N 178 
ILE HXT  H  N N 179 
LEU N    N  N N 180 
LEU CA   C  N S 181 
LEU C    C  N N 182 
LEU O    O  N N 183 
LEU CB   C  N N 184 
LEU CG   C  N N 185 
LEU CD1  C  N N 186 
LEU CD2  C  N N 187 
LEU OXT  O  N N 188 
LEU H    H  N N 189 
LEU H2   H  N N 190 
LEU HA   H  N N 191 
LEU HB2  H  N N 192 
LEU HB3  H  N N 193 
LEU HG   H  N N 194 
LEU HD11 H  N N 195 
LEU HD12 H  N N 196 
LEU HD13 H  N N 197 
LEU HD21 H  N N 198 
LEU HD22 H  N N 199 
LEU HD23 H  N N 200 
LEU HXT  H  N N 201 
LYS N    N  N N 202 
LYS CA   C  N S 203 
LYS C    C  N N 204 
LYS O    O  N N 205 
LYS CB   C  N N 206 
LYS CG   C  N N 207 
LYS CD   C  N N 208 
LYS CE   C  N N 209 
LYS NZ   N  N N 210 
LYS OXT  O  N N 211 
LYS H    H  N N 212 
LYS H2   H  N N 213 
LYS HA   H  N N 214 
LYS HB2  H  N N 215 
LYS HB3  H  N N 216 
LYS HG2  H  N N 217 
LYS HG3  H  N N 218 
LYS HD2  H  N N 219 
LYS HD3  H  N N 220 
LYS HE2  H  N N 221 
LYS HE3  H  N N 222 
LYS HZ1  H  N N 223 
LYS HZ2  H  N N 224 
LYS HZ3  H  N N 225 
LYS HXT  H  N N 226 
MET N    N  N N 227 
MET CA   C  N S 228 
MET C    C  N N 229 
MET O    O  N N 230 
MET CB   C  N N 231 
MET CG   C  N N 232 
MET SD   S  N N 233 
MET CE   C  N N 234 
MET OXT  O  N N 235 
MET H    H  N N 236 
MET H2   H  N N 237 
MET HA   H  N N 238 
MET HB2  H  N N 239 
MET HB3  H  N N 240 
MET HG2  H  N N 241 
MET HG3  H  N N 242 
MET HE1  H  N N 243 
MET HE2  H  N N 244 
MET HE3  H  N N 245 
MET HXT  H  N N 246 
MSE N    N  N N 247 
MSE CA   C  N S 248 
MSE C    C  N N 249 
MSE O    O  N N 250 
MSE OXT  O  N N 251 
MSE CB   C  N N 252 
MSE CG   C  N N 253 
MSE SE   SE N N 254 
MSE CE   C  N N 255 
MSE H    H  N N 256 
MSE H2   H  N N 257 
MSE HA   H  N N 258 
MSE HXT  H  N N 259 
MSE HB2  H  N N 260 
MSE HB3  H  N N 261 
MSE HG2  H  N N 262 
MSE HG3  H  N N 263 
MSE HE1  H  N N 264 
MSE HE2  H  N N 265 
MSE HE3  H  N N 266 
PHE N    N  N N 267 
PHE CA   C  N S 268 
PHE C    C  N N 269 
PHE O    O  N N 270 
PHE CB   C  N N 271 
PHE CG   C  Y N 272 
PHE CD1  C  Y N 273 
PHE CD2  C  Y N 274 
PHE CE1  C  Y N 275 
PHE CE2  C  Y N 276 
PHE CZ   C  Y N 277 
PHE OXT  O  N N 278 
PHE H    H  N N 279 
PHE H2   H  N N 280 
PHE HA   H  N N 281 
PHE HB2  H  N N 282 
PHE HB3  H  N N 283 
PHE HD1  H  N N 284 
PHE HD2  H  N N 285 
PHE HE1  H  N N 286 
PHE HE2  H  N N 287 
PHE HZ   H  N N 288 
PHE HXT  H  N N 289 
PRO N    N  N N 290 
PRO CA   C  N S 291 
PRO C    C  N N 292 
PRO O    O  N N 293 
PRO CB   C  N N 294 
PRO CG   C  N N 295 
PRO CD   C  N N 296 
PRO OXT  O  N N 297 
PRO H    H  N N 298 
PRO HA   H  N N 299 
PRO HB2  H  N N 300 
PRO HB3  H  N N 301 
PRO HG2  H  N N 302 
PRO HG3  H  N N 303 
PRO HD2  H  N N 304 
PRO HD3  H  N N 305 
PRO HXT  H  N N 306 
SER N    N  N N 307 
SER CA   C  N S 308 
SER C    C  N N 309 
SER O    O  N N 310 
SER CB   C  N N 311 
SER OG   O  N N 312 
SER OXT  O  N N 313 
SER H    H  N N 314 
SER H2   H  N N 315 
SER HA   H  N N 316 
SER HB2  H  N N 317 
SER HB3  H  N N 318 
SER HG   H  N N 319 
SER HXT  H  N N 320 
THR N    N  N N 321 
THR CA   C  N S 322 
THR C    C  N N 323 
THR O    O  N N 324 
THR CB   C  N R 325 
THR OG1  O  N N 326 
THR CG2  C  N N 327 
THR OXT  O  N N 328 
THR H    H  N N 329 
THR H2   H  N N 330 
THR HA   H  N N 331 
THR HB   H  N N 332 
THR HG1  H  N N 333 
THR HG21 H  N N 334 
THR HG22 H  N N 335 
THR HG23 H  N N 336 
THR HXT  H  N N 337 
TRP N    N  N N 338 
TRP CA   C  N S 339 
TRP C    C  N N 340 
TRP O    O  N N 341 
TRP CB   C  N N 342 
TRP CG   C  Y N 343 
TRP CD1  C  Y N 344 
TRP CD2  C  Y N 345 
TRP NE1  N  Y N 346 
TRP CE2  C  Y N 347 
TRP CE3  C  Y N 348 
TRP CZ2  C  Y N 349 
TRP CZ3  C  Y N 350 
TRP CH2  C  Y N 351 
TRP OXT  O  N N 352 
TRP H    H  N N 353 
TRP H2   H  N N 354 
TRP HA   H  N N 355 
TRP HB2  H  N N 356 
TRP HB3  H  N N 357 
TRP HD1  H  N N 358 
TRP HE1  H  N N 359 
TRP HE3  H  N N 360 
TRP HZ2  H  N N 361 
TRP HZ3  H  N N 362 
TRP HH2  H  N N 363 
TRP HXT  H  N N 364 
TYR N    N  N N 365 
TYR CA   C  N S 366 
TYR C    C  N N 367 
TYR O    O  N N 368 
TYR CB   C  N N 369 
TYR CG   C  Y N 370 
TYR CD1  C  Y N 371 
TYR CD2  C  Y N 372 
TYR CE1  C  Y N 373 
TYR CE2  C  Y N 374 
TYR CZ   C  Y N 375 
TYR OH   O  N N 376 
TYR OXT  O  N N 377 
TYR H    H  N N 378 
TYR H2   H  N N 379 
TYR HA   H  N N 380 
TYR HB2  H  N N 381 
TYR HB3  H  N N 382 
TYR HD1  H  N N 383 
TYR HD2  H  N N 384 
TYR HE1  H  N N 385 
TYR HE2  H  N N 386 
TYR HH   H  N N 387 
TYR HXT  H  N N 388 
VAL N    N  N N 389 
VAL CA   C  N S 390 
VAL C    C  N N 391 
VAL O    O  N N 392 
VAL CB   C  N N 393 
VAL CG1  C  N N 394 
VAL CG2  C  N N 395 
VAL OXT  O  N N 396 
VAL H    H  N N 397 
VAL H2   H  N N 398 
VAL HA   H  N N 399 
VAL HB   H  N N 400 
VAL HG11 H  N N 401 
VAL HG12 H  N N 402 
VAL HG13 H  N N 403 
VAL HG21 H  N N 404 
VAL HG22 H  N N 405 
VAL HG23 H  N N 406 
VAL HXT  H  N N 407 
# 
loop_
_chem_comp_bond.comp_id 
_chem_comp_bond.atom_id_1 
_chem_comp_bond.atom_id_2 
_chem_comp_bond.value_order 
_chem_comp_bond.pdbx_aromatic_flag 
_chem_comp_bond.pdbx_stereo_config 
_chem_comp_bond.pdbx_ordinal 
ALA N   CA   sing N N 1   
ALA N   H    sing N N 2   
ALA N   H2   sing N N 3   
ALA CA  C    sing N N 4   
ALA CA  CB   sing N N 5   
ALA CA  HA   sing N N 6   
ALA C   O    doub N N 7   
ALA C   OXT  sing N N 8   
ALA CB  HB1  sing N N 9   
ALA CB  HB2  sing N N 10  
ALA CB  HB3  sing N N 11  
ALA OXT HXT  sing N N 12  
ARG N   CA   sing N N 13  
ARG N   H    sing N N 14  
ARG N   H2   sing N N 15  
ARG CA  C    sing N N 16  
ARG CA  CB   sing N N 17  
ARG CA  HA   sing N N 18  
ARG C   O    doub N N 19  
ARG C   OXT  sing N N 20  
ARG CB  CG   sing N N 21  
ARG CB  HB2  sing N N 22  
ARG CB  HB3  sing N N 23  
ARG CG  CD   sing N N 24  
ARG CG  HG2  sing N N 25  
ARG CG  HG3  sing N N 26  
ARG CD  NE   sing N N 27  
ARG CD  HD2  sing N N 28  
ARG CD  HD3  sing N N 29  
ARG NE  CZ   sing N N 30  
ARG NE  HE   sing N N 31  
ARG CZ  NH1  sing N N 32  
ARG CZ  NH2  doub N N 33  
ARG NH1 HH11 sing N N 34  
ARG NH1 HH12 sing N N 35  
ARG NH2 HH21 sing N N 36  
ARG NH2 HH22 sing N N 37  
ARG OXT HXT  sing N N 38  
ASP N   CA   sing N N 39  
ASP N   H    sing N N 40  
ASP N   H2   sing N N 41  
ASP CA  C    sing N N 42  
ASP CA  CB   sing N N 43  
ASP CA  HA   sing N N 44  
ASP C   O    doub N N 45  
ASP C   OXT  sing N N 46  
ASP CB  CG   sing N N 47  
ASP CB  HB2  sing N N 48  
ASP CB  HB3  sing N N 49  
ASP CG  OD1  doub N N 50  
ASP CG  OD2  sing N N 51  
ASP OD2 HD2  sing N N 52  
ASP OXT HXT  sing N N 53  
CYS N   CA   sing N N 54  
CYS N   H    sing N N 55  
CYS N   H2   sing N N 56  
CYS CA  C    sing N N 57  
CYS CA  CB   sing N N 58  
CYS CA  HA   sing N N 59  
CYS C   O    doub N N 60  
CYS C   OXT  sing N N 61  
CYS CB  SG   sing N N 62  
CYS CB  HB2  sing N N 63  
CYS CB  HB3  sing N N 64  
CYS SG  HG   sing N N 65  
CYS OXT HXT  sing N N 66  
GLN N   CA   sing N N 67  
GLN N   H    sing N N 68  
GLN N   H2   sing N N 69  
GLN CA  C    sing N N 70  
GLN CA  CB   sing N N 71  
GLN CA  HA   sing N N 72  
GLN C   O    doub N N 73  
GLN C   OXT  sing N N 74  
GLN CB  CG   sing N N 75  
GLN CB  HB2  sing N N 76  
GLN CB  HB3  sing N N 77  
GLN CG  CD   sing N N 78  
GLN CG  HG2  sing N N 79  
GLN CG  HG3  sing N N 80  
GLN CD  OE1  doub N N 81  
GLN CD  NE2  sing N N 82  
GLN NE2 HE21 sing N N 83  
GLN NE2 HE22 sing N N 84  
GLN OXT HXT  sing N N 85  
GLU N   CA   sing N N 86  
GLU N   H    sing N N 87  
GLU N   H2   sing N N 88  
GLU CA  C    sing N N 89  
GLU CA  CB   sing N N 90  
GLU CA  HA   sing N N 91  
GLU C   O    doub N N 92  
GLU C   OXT  sing N N 93  
GLU CB  CG   sing N N 94  
GLU CB  HB2  sing N N 95  
GLU CB  HB3  sing N N 96  
GLU CG  CD   sing N N 97  
GLU CG  HG2  sing N N 98  
GLU CG  HG3  sing N N 99  
GLU CD  OE1  doub N N 100 
GLU CD  OE2  sing N N 101 
GLU OE2 HE2  sing N N 102 
GLU OXT HXT  sing N N 103 
GLY N   CA   sing N N 104 
GLY N   H    sing N N 105 
GLY N   H2   sing N N 106 
GLY CA  C    sing N N 107 
GLY CA  HA2  sing N N 108 
GLY CA  HA3  sing N N 109 
GLY C   O    doub N N 110 
GLY C   OXT  sing N N 111 
GLY OXT HXT  sing N N 112 
GOL C1  O1   sing N N 113 
GOL C1  C2   sing N N 114 
GOL C1  H11  sing N N 115 
GOL C1  H12  sing N N 116 
GOL O1  HO1  sing N N 117 
GOL C2  O2   sing N N 118 
GOL C2  C3   sing N N 119 
GOL C2  H2   sing N N 120 
GOL O2  HO2  sing N N 121 
GOL C3  O3   sing N N 122 
GOL C3  H31  sing N N 123 
GOL C3  H32  sing N N 124 
GOL O3  HO3  sing N N 125 
HIS N   CA   sing N N 126 
HIS N   H    sing N N 127 
HIS N   H2   sing N N 128 
HIS CA  C    sing N N 129 
HIS CA  CB   sing N N 130 
HIS CA  HA   sing N N 131 
HIS C   O    doub N N 132 
HIS C   OXT  sing N N 133 
HIS CB  CG   sing N N 134 
HIS CB  HB2  sing N N 135 
HIS CB  HB3  sing N N 136 
HIS CG  ND1  sing Y N 137 
HIS CG  CD2  doub Y N 138 
HIS ND1 CE1  doub Y N 139 
HIS ND1 HD1  sing N N 140 
HIS CD2 NE2  sing Y N 141 
HIS CD2 HD2  sing N N 142 
HIS CE1 NE2  sing Y N 143 
HIS CE1 HE1  sing N N 144 
HIS NE2 HE2  sing N N 145 
HIS OXT HXT  sing N N 146 
HOH O   H1   sing N N 147 
HOH O   H2   sing N N 148 
ILE N   CA   sing N N 149 
ILE N   H    sing N N 150 
ILE N   H2   sing N N 151 
ILE CA  C    sing N N 152 
ILE CA  CB   sing N N 153 
ILE CA  HA   sing N N 154 
ILE C   O    doub N N 155 
ILE C   OXT  sing N N 156 
ILE CB  CG1  sing N N 157 
ILE CB  CG2  sing N N 158 
ILE CB  HB   sing N N 159 
ILE CG1 CD1  sing N N 160 
ILE CG1 HG12 sing N N 161 
ILE CG1 HG13 sing N N 162 
ILE CG2 HG21 sing N N 163 
ILE CG2 HG22 sing N N 164 
ILE CG2 HG23 sing N N 165 
ILE CD1 HD11 sing N N 166 
ILE CD1 HD12 sing N N 167 
ILE CD1 HD13 sing N N 168 
ILE OXT HXT  sing N N 169 
LEU N   CA   sing N N 170 
LEU N   H    sing N N 171 
LEU N   H2   sing N N 172 
LEU CA  C    sing N N 173 
LEU CA  CB   sing N N 174 
LEU CA  HA   sing N N 175 
LEU C   O    doub N N 176 
LEU C   OXT  sing N N 177 
LEU CB  CG   sing N N 178 
LEU CB  HB2  sing N N 179 
LEU CB  HB3  sing N N 180 
LEU CG  CD1  sing N N 181 
LEU CG  CD2  sing N N 182 
LEU CG  HG   sing N N 183 
LEU CD1 HD11 sing N N 184 
LEU CD1 HD12 sing N N 185 
LEU CD1 HD13 sing N N 186 
LEU CD2 HD21 sing N N 187 
LEU CD2 HD22 sing N N 188 
LEU CD2 HD23 sing N N 189 
LEU OXT HXT  sing N N 190 
LYS N   CA   sing N N 191 
LYS N   H    sing N N 192 
LYS N   H2   sing N N 193 
LYS CA  C    sing N N 194 
LYS CA  CB   sing N N 195 
LYS CA  HA   sing N N 196 
LYS C   O    doub N N 197 
LYS C   OXT  sing N N 198 
LYS CB  CG   sing N N 199 
LYS CB  HB2  sing N N 200 
LYS CB  HB3  sing N N 201 
LYS CG  CD   sing N N 202 
LYS CG  HG2  sing N N 203 
LYS CG  HG3  sing N N 204 
LYS CD  CE   sing N N 205 
LYS CD  HD2  sing N N 206 
LYS CD  HD3  sing N N 207 
LYS CE  NZ   sing N N 208 
LYS CE  HE2  sing N N 209 
LYS CE  HE3  sing N N 210 
LYS NZ  HZ1  sing N N 211 
LYS NZ  HZ2  sing N N 212 
LYS NZ  HZ3  sing N N 213 
LYS OXT HXT  sing N N 214 
MET N   CA   sing N N 215 
MET N   H    sing N N 216 
MET N   H2   sing N N 217 
MET CA  C    sing N N 218 
MET CA  CB   sing N N 219 
MET CA  HA   sing N N 220 
MET C   O    doub N N 221 
MET C   OXT  sing N N 222 
MET CB  CG   sing N N 223 
MET CB  HB2  sing N N 224 
MET CB  HB3  sing N N 225 
MET CG  SD   sing N N 226 
MET CG  HG2  sing N N 227 
MET CG  HG3  sing N N 228 
MET SD  CE   sing N N 229 
MET CE  HE1  sing N N 230 
MET CE  HE2  sing N N 231 
MET CE  HE3  sing N N 232 
MET OXT HXT  sing N N 233 
MSE N   CA   sing N N 234 
MSE N   H    sing N N 235 
MSE N   H2   sing N N 236 
MSE CA  C    sing N N 237 
MSE CA  CB   sing N N 238 
MSE CA  HA   sing N N 239 
MSE C   O    doub N N 240 
MSE C   OXT  sing N N 241 
MSE OXT HXT  sing N N 242 
MSE CB  CG   sing N N 243 
MSE CB  HB2  sing N N 244 
MSE CB  HB3  sing N N 245 
MSE CG  SE   sing N N 246 
MSE CG  HG2  sing N N 247 
MSE CG  HG3  sing N N 248 
MSE SE  CE   sing N N 249 
MSE CE  HE1  sing N N 250 
MSE CE  HE2  sing N N 251 
MSE CE  HE3  sing N N 252 
PHE N   CA   sing N N 253 
PHE N   H    sing N N 254 
PHE N   H2   sing N N 255 
PHE CA  C    sing N N 256 
PHE CA  CB   sing N N 257 
PHE CA  HA   sing N N 258 
PHE C   O    doub N N 259 
PHE C   OXT  sing N N 260 
PHE CB  CG   sing N N 261 
PHE CB  HB2  sing N N 262 
PHE CB  HB3  sing N N 263 
PHE CG  CD1  doub Y N 264 
PHE CG  CD2  sing Y N 265 
PHE CD1 CE1  sing Y N 266 
PHE CD1 HD1  sing N N 267 
PHE CD2 CE2  doub Y N 268 
PHE CD2 HD2  sing N N 269 
PHE CE1 CZ   doub Y N 270 
PHE CE1 HE1  sing N N 271 
PHE CE2 CZ   sing Y N 272 
PHE CE2 HE2  sing N N 273 
PHE CZ  HZ   sing N N 274 
PHE OXT HXT  sing N N 275 
PRO N   CA   sing N N 276 
PRO N   CD   sing N N 277 
PRO N   H    sing N N 278 
PRO CA  C    sing N N 279 
PRO CA  CB   sing N N 280 
PRO CA  HA   sing N N 281 
PRO C   O    doub N N 282 
PRO C   OXT  sing N N 283 
PRO CB  CG   sing N N 284 
PRO CB  HB2  sing N N 285 
PRO CB  HB3  sing N N 286 
PRO CG  CD   sing N N 287 
PRO CG  HG2  sing N N 288 
PRO CG  HG3  sing N N 289 
PRO CD  HD2  sing N N 290 
PRO CD  HD3  sing N N 291 
PRO OXT HXT  sing N N 292 
SER N   CA   sing N N 293 
SER N   H    sing N N 294 
SER N   H2   sing N N 295 
SER CA  C    sing N N 296 
SER CA  CB   sing N N 297 
SER CA  HA   sing N N 298 
SER C   O    doub N N 299 
SER C   OXT  sing N N 300 
SER CB  OG   sing N N 301 
SER CB  HB2  sing N N 302 
SER CB  HB3  sing N N 303 
SER OG  HG   sing N N 304 
SER OXT HXT  sing N N 305 
THR N   CA   sing N N 306 
THR N   H    sing N N 307 
THR N   H2   sing N N 308 
THR CA  C    sing N N 309 
THR CA  CB   sing N N 310 
THR CA  HA   sing N N 311 
THR C   O    doub N N 312 
THR C   OXT  sing N N 313 
THR CB  OG1  sing N N 314 
THR CB  CG2  sing N N 315 
THR CB  HB   sing N N 316 
THR OG1 HG1  sing N N 317 
THR CG2 HG21 sing N N 318 
THR CG2 HG22 sing N N 319 
THR CG2 HG23 sing N N 320 
THR OXT HXT  sing N N 321 
TRP N   CA   sing N N 322 
TRP N   H    sing N N 323 
TRP N   H2   sing N N 324 
TRP CA  C    sing N N 325 
TRP CA  CB   sing N N 326 
TRP CA  HA   sing N N 327 
TRP C   O    doub N N 328 
TRP C   OXT  sing N N 329 
TRP CB  CG   sing N N 330 
TRP CB  HB2  sing N N 331 
TRP CB  HB3  sing N N 332 
TRP CG  CD1  doub Y N 333 
TRP CG  CD2  sing Y N 334 
TRP CD1 NE1  sing Y N 335 
TRP CD1 HD1  sing N N 336 
TRP CD2 CE2  doub Y N 337 
TRP CD2 CE3  sing Y N 338 
TRP NE1 CE2  sing Y N 339 
TRP NE1 HE1  sing N N 340 
TRP CE2 CZ2  sing Y N 341 
TRP CE3 CZ3  doub Y N 342 
TRP CE3 HE3  sing N N 343 
TRP CZ2 CH2  doub Y N 344 
TRP CZ2 HZ2  sing N N 345 
TRP CZ3 CH2  sing Y N 346 
TRP CZ3 HZ3  sing N N 347 
TRP CH2 HH2  sing N N 348 
TRP OXT HXT  sing N N 349 
TYR N   CA   sing N N 350 
TYR N   H    sing N N 351 
TYR N   H2   sing N N 352 
TYR CA  C    sing N N 353 
TYR CA  CB   sing N N 354 
TYR CA  HA   sing N N 355 
TYR C   O    doub N N 356 
TYR C   OXT  sing N N 357 
TYR CB  CG   sing N N 358 
TYR CB  HB2  sing N N 359 
TYR CB  HB3  sing N N 360 
TYR CG  CD1  doub Y N 361 
TYR CG  CD2  sing Y N 362 
TYR CD1 CE1  sing Y N 363 
TYR CD1 HD1  sing N N 364 
TYR CD2 CE2  doub Y N 365 
TYR CD2 HD2  sing N N 366 
TYR CE1 CZ   doub Y N 367 
TYR CE1 HE1  sing N N 368 
TYR CE2 CZ   sing Y N 369 
TYR CE2 HE2  sing N N 370 
TYR CZ  OH   sing N N 371 
TYR OH  HH   sing N N 372 
TYR OXT HXT  sing N N 373 
VAL N   CA   sing N N 374 
VAL N   H    sing N N 375 
VAL N   H2   sing N N 376 
VAL CA  C    sing N N 377 
VAL CA  CB   sing N N 378 
VAL CA  HA   sing N N 379 
VAL C   O    doub N N 380 
VAL C   OXT  sing N N 381 
VAL CB  CG1  sing N N 382 
VAL CB  CG2  sing N N 383 
VAL CB  HB   sing N N 384 
VAL CG1 HG11 sing N N 385 
VAL CG1 HG12 sing N N 386 
VAL CG1 HG13 sing N N 387 
VAL CG2 HG21 sing N N 388 
VAL CG2 HG22 sing N N 389 
VAL CG2 HG23 sing N N 390 
VAL OXT HXT  sing N N 391 
# 
_atom_sites.entry_id                    2NVN 
_atom_sites.fract_transf_matrix[1][1]   0.00527694 
_atom_sites.fract_transf_matrix[1][2]   -0.00971436 
_atom_sites.fract_transf_matrix[1][3]   0.00508862 
_atom_sites.fract_transf_matrix[2][1]   0.00668937 
_atom_sites.fract_transf_matrix[2][2]   0.00732617 
_atom_sites.fract_transf_matrix[2][3]   0.00704900 
_atom_sites.fract_transf_matrix[3][1]   -0.00886846 
_atom_sites.fract_transf_matrix[3][2]   -0.00026478 
_atom_sites.fract_transf_matrix[3][3]   0.00869119 
_atom_sites.fract_transf_vector[1]      0.167358 
_atom_sites.fract_transf_vector[2]      0.288556 
_atom_sites.fract_transf_vector[3]      0.363650 
# 
loop_
_atom_type.symbol 
C  
N  
O  
S  
SE 
# 
loop_
_atom_site.group_PDB 
_atom_site.id 
_atom_site.type_symbol 
_atom_site.label_atom_id 
_atom_site.label_alt_id 
_atom_site.label_comp_id 
_atom_site.label_asym_id 
_atom_site.label_entity_id 
_atom_site.label_seq_id 
_atom_site.pdbx_PDB_ins_code 
_atom_site.Cartn_x 
_atom_site.Cartn_y 
_atom_site.Cartn_z 
_atom_site.occupancy 
_atom_site.B_iso_or_equiv 
_atom_site.pdbx_formal_charge 
_atom_site.auth_seq_id 
_atom_site.auth_comp_id 
_atom_site.auth_asym_id 
_atom_site.auth_atom_id 
_atom_site.pdbx_PDB_model_num 
HETATM 1   N  N   . MSE A 1 2   ? 1.457   -8.576  -18.334 1.00 49.84  ? 1   MSE A N   1 
HETATM 2   C  CA  . MSE A 1 2   ? 1.619   -9.137  -16.928 1.00 51.12  ? 1   MSE A CA  1 
HETATM 3   C  C   . MSE A 1 2   ? 0.460   -10.020 -16.463 1.00 48.92  ? 1   MSE A C   1 
HETATM 4   O  O   . MSE A 1 2   ? -0.620  -9.519  -16.155 1.00 48.94  ? 1   MSE A O   1 
HETATM 5   C  CB  . MSE A 1 2   ? 1.896   -8.054  -15.872 1.00 50.74  ? 1   MSE A CB  1 
HETATM 6   C  CG  . MSE A 1 2   ? 0.913   -6.862  -15.762 1.00 52.42  ? 1   MSE A CG  1 
HETATM 7   SE SE  . MSE A 1 2   ? 1.423   -5.629  -14.258 0.75 56.96  ? 1   MSE A SE  1 
HETATM 8   C  CE  . MSE A 1 2   ? 3.417   -5.687  -14.680 1.00 55.29  ? 1   MSE A CE  1 
ATOM   9   N  N   . GLY A 1 3   ? 0.727   -11.331 -16.395 1.00 47.10  ? 2   GLY A N   1 
ATOM   10  C  CA  . GLY A 1 3   ? -0.277  -12.363 -16.146 1.00 45.44  ? 2   GLY A CA  1 
ATOM   11  C  C   . GLY A 1 3   ? -0.762  -12.525 -14.715 1.00 43.85  ? 2   GLY A C   1 
ATOM   12  O  O   . GLY A 1 3   ? -1.518  -11.678 -14.226 1.00 43.47  ? 2   GLY A O   1 
ATOM   13  N  N   . ARG A 1 4   ? -0.319  -13.602 -14.057 1.00 41.89  ? 3   ARG A N   1 
ATOM   14  C  CA  . ARG A 1 4   ? -0.784  -13.987 -12.719 1.00 40.56  ? 3   ARG A CA  1 
ATOM   15  C  C   . ARG A 1 4   ? 0.355   -14.118 -11.700 1.00 39.56  ? 3   ARG A C   1 
ATOM   16  O  O   . ARG A 1 4   ? 1.026   -15.151 -11.650 1.00 39.37  ? 3   ARG A O   1 
ATOM   17  C  CB  . ARG A 1 4   ? -1.566  -15.291 -12.838 1.00 40.15  ? 3   ARG A CB  1 
ATOM   18  C  CG  . ARG A 1 4   ? -2.259  -15.687 -11.583 1.00 38.16  ? 3   ARG A CG  1 
ATOM   19  C  CD  . ARG A 1 4   ? -3.184  -16.829 -11.835 1.00 37.32  ? 3   ARG A CD  1 
ATOM   20  N  NE  . ARG A 1 4   ? -4.112  -17.026 -10.721 1.00 36.15  ? 3   ARG A NE  1 
ATOM   21  C  CZ  . ARG A 1 4   ? -3.834  -17.624 -9.560  1.00 35.89  ? 3   ARG A CZ  1 
ATOM   22  N  NH1 . ARG A 1 4   ? -2.618  -18.114 -9.313  1.00 34.75  ? 3   ARG A NH1 1 
ATOM   23  N  NH2 . ARG A 1 4   ? -4.797  -17.733 -8.627  1.00 36.56  ? 3   ARG A NH2 1 
ATOM   24  N  N   . ILE A 1 5   ? 0.562   -13.085 -10.886 1.00 38.34  ? 4   ILE A N   1 
ATOM   25  C  CA  . ILE A 1 5   ? 1.634   -13.106 -9.884  1.00 37.80  ? 4   ILE A CA  1 
ATOM   26  C  C   . ILE A 1 5   ? 1.068   -12.911 -8.501  1.00 36.85  ? 4   ILE A C   1 
ATOM   27  O  O   . ILE A 1 5   ? 0.244   -12.041 -8.341  1.00 36.56  ? 4   ILE A O   1 
ATOM   28  C  CB  . ILE A 1 5   ? 2.687   -11.988 -10.079 1.00 37.99  ? 4   ILE A CB  1 
ATOM   29  C  CG1 . ILE A 1 5   ? 3.018   -11.756 -11.559 1.00 37.79  ? 4   ILE A CG1 1 
ATOM   30  C  CG2 . ILE A 1 5   ? 3.951   -12.320 -9.257  1.00 38.60  ? 4   ILE A CG2 1 
ATOM   31  C  CD1 . ILE A 1 5   ? 2.097   -10.750 -12.225 1.00 38.25  ? 4   ILE A CD1 1 
ATOM   32  N  N   . LEU A 1 6   ? 1.459   -13.771 -7.551  1.00 36.25  ? 5   LEU A N   1 
ATOM   33  C  CA  . LEU A 1 6   ? 1.309   -13.524 -6.112  1.00 35.79  ? 5   LEU A CA  1 
ATOM   34  C  C   . LEU A 1 6   ? 2.751   -13.269 -5.592  1.00 35.46  ? 5   LEU A C   1 
ATOM   35  O  O   . LEU A 1 6   ? 3.666   -14.028 -5.886  1.00 35.25  ? 5   LEU A O   1 
ATOM   36  C  CB  . LEU A 1 6   ? 0.585   -14.668 -5.337  1.00 35.68  ? 5   LEU A CB  1 
ATOM   37  C  CG  . LEU A 1 6   ? 0.222   -14.427 -3.799  1.00 36.66  ? 5   LEU A CG  1 
ATOM   38  C  CD1 . LEU A 1 6   ? -0.638  -13.166 -3.453  1.00 32.75  ? 5   LEU A CD1 1 
ATOM   39  C  CD2 . LEU A 1 6   ? -0.444  -15.658 -3.111  1.00 36.17  ? 5   LEU A CD2 1 
ATOM   40  N  N   . ARG A 1 7   ? 2.947   -12.140 -4.910  1.00 35.10  ? 6   ARG A N   1 
ATOM   41  C  CA  . ARG A 1 7   ? 4.172   -11.832 -4.167  1.00 34.98  ? 6   ARG A CA  1 
ATOM   42  C  C   . ARG A 1 7   ? 3.779   -11.911 -2.701  1.00 34.38  ? 6   ARG A C   1 
ATOM   43  O  O   . ARG A 1 7   ? 2.667   -11.499 -2.336  1.00 33.73  ? 6   ARG A O   1 
ATOM   44  C  CB  . ARG A 1 7   ? 4.635   -10.395 -4.388  1.00 35.02  ? 6   ARG A CB  1 
ATOM   45  C  CG  . ARG A 1 7   ? 4.829   -9.979  -5.790  1.00 36.48  ? 6   ARG A CG  1 
ATOM   46  C  CD  . ARG A 1 7   ? 6.243   -10.129 -6.285  1.00 38.15  ? 6   ARG A CD  1 
ATOM   47  N  NE  . ARG A 1 7   ? 6.189   -10.294 -7.729  1.00 40.14  ? 6   ARG A NE  1 
ATOM   48  C  CZ  . ARG A 1 7   ? 7.231   -10.470 -8.539  1.00 41.04  ? 6   ARG A CZ  1 
ATOM   49  N  NH1 . ARG A 1 7   ? 8.500   -10.437 -8.100  1.00 42.59  ? 6   ARG A NH1 1 
ATOM   50  N  NH2 . ARG A 1 7   ? 6.991   -10.645 -9.834  1.00 40.30  ? 6   ARG A NH2 1 
ATOM   51  N  N   . GLU A 1 8   ? 4.684   -12.411 -1.871  1.00 33.99  ? 7   GLU A N   1 
ATOM   52  C  CA  . GLU A 1 8   ? 4.476   -12.410 -0.443  1.00 34.85  ? 7   GLU A CA  1 
ATOM   53  C  C   . GLU A 1 8   ? 5.759   -12.472 0.337   1.00 33.84  ? 7   GLU A C   1 
ATOM   54  O  O   . GLU A 1 8   ? 6.762   -12.976 -0.155  1.00 34.03  ? 7   GLU A O   1 
ATOM   55  C  CB  . GLU A 1 8   ? 3.508   -13.518 -0.004  1.00 34.96  ? 7   GLU A CB  1 
ATOM   56  C  CG  . GLU A 1 8   ? 3.910   -14.940 -0.284  1.00 36.41  ? 7   GLU A CG  1 
ATOM   57  C  CD  . GLU A 1 8   ? 2.755   -15.956 0.006   1.00 37.26  ? 7   GLU A CD  1 
ATOM   58  O  OE1 . GLU A 1 8   ? 1.703   -15.578 0.613   1.00 38.65  ? 7   GLU A OE1 1 
ATOM   59  O  OE2 . GLU A 1 8   ? 2.920   -17.150 -0.372  1.00 40.69  ? 7   GLU A OE2 1 
ATOM   60  N  N   . GLY A 1 9   ? 5.701   -11.917 1.550   1.00 32.79  ? 8   GLY A N   1 
ATOM   61  C  CA  . GLY A 1 9   ? 6.828   -11.858 2.476   1.00 31.86  ? 8   GLY A CA  1 
ATOM   62  C  C   . GLY A 1 9   ? 6.351   -11.803 3.908   1.00 31.37  ? 8   GLY A C   1 
ATOM   63  O  O   . GLY A 1 9   ? 5.179   -12.053 4.192   1.00 31.95  ? 8   GLY A O   1 
ATOM   64  N  N   . ALA A 1 10  ? 7.258   -11.463 4.807   1.00 30.67  ? 9   ALA A N   1 
ATOM   65  C  CA  . ALA A 1 10  ? 6.979   -11.463 6.230   1.00 30.54  ? 9   ALA A CA  1 
ATOM   66  C  C   . ALA A 1 10  ? 5.940   -10.365 6.556   1.00 30.50  ? 9   ALA A C   1 
ATOM   67  O  O   . ALA A 1 10  ? 6.272   -9.181  6.590   1.00 31.23  ? 9   ALA A O   1 
ATOM   68  C  CB  . ALA A 1 10  ? 8.277   -11.254 6.992   1.00 29.84  ? 9   ALA A CB  1 
ATOM   69  N  N   . GLY A 1 11  ? 4.681   -10.758 6.723   1.00 29.88  ? 10  GLY A N   1 
ATOM   70  C  CA  . GLY A 1 11  ? 3.615   -9.813  7.026   1.00 30.03  ? 10  GLY A CA  1 
ATOM   71  C  C   . GLY A 1 11  ? 2.938   -9.093  5.871   1.00 30.12  ? 10  GLY A C   1 
ATOM   72  O  O   . GLY A 1 11  ? 2.250   -8.108  6.105   1.00 30.93  ? 10  GLY A O   1 
ATOM   73  N  N   . TRP A 1 12  ? 3.094   -9.556  4.633   1.00 29.89  ? 11  TRP A N   1 
ATOM   74  C  CA  . TRP A 1 12  ? 2.435   -8.890  3.501   1.00 29.37  ? 11  TRP A CA  1 
ATOM   75  C  C   . TRP A 1 12  ? 2.239   -9.798  2.303   1.00 29.35  ? 11  TRP A C   1 
ATOM   76  O  O   . TRP A 1 12  ? 2.943   -10.789 2.161   1.00 30.03  ? 11  TRP A O   1 
ATOM   77  C  CB  . TRP A 1 12  ? 3.198   -7.634  3.066   1.00 28.92  ? 11  TRP A CB  1 
ATOM   78  C  CG  . TRP A 1 12  ? 4.522   -7.964  2.540   1.00 28.29  ? 11  TRP A CG  1 
ATOM   79  C  CD1 . TRP A 1 12  ? 5.650   -8.099  3.255   1.00 28.01  ? 11  TRP A CD1 1 
ATOM   80  C  CD2 . TRP A 1 12  ? 4.854   -8.255  1.184   1.00 28.04  ? 11  TRP A CD2 1 
ATOM   81  N  NE1 . TRP A 1 12  ? 6.686   -8.470  2.441   1.00 29.45  ? 11  TRP A NE1 1 
ATOM   82  C  CE2 . TRP A 1 12  ? 6.229   -8.564  1.153   1.00 29.42  ? 11  TRP A CE2 1 
ATOM   83  C  CE3 . TRP A 1 12  ? 4.122   -8.287  -0.014  1.00 28.31  ? 11  TRP A CE3 1 
ATOM   84  C  CZ2 . TRP A 1 12  ? 6.909   -8.901  -0.040  1.00 28.51  ? 11  TRP A CZ2 1 
ATOM   85  C  CZ3 . TRP A 1 12  ? 4.775   -8.626  -1.192  1.00 28.77  ? 11  TRP A CZ3 1 
ATOM   86  C  CH2 . TRP A 1 12  ? 6.169   -8.932  -1.199  1.00 28.11  ? 11  TRP A CH2 1 
ATOM   87  N  N   . ARG A 1 13  ? 1.297   -9.406  1.449   1.00 29.44  ? 12  ARG A N   1 
ATOM   88  C  CA  . ARG A 1 13  ? 0.951   -10.072 0.195   1.00 30.15  ? 12  ARG A CA  1 
ATOM   89  C  C   . ARG A 1 13  ? 0.481   -9.040  -0.813  1.00 29.70  ? 12  ARG A C   1 
ATOM   90  O  O   . ARG A 1 13  ? -0.269  -8.140  -0.466  1.00 29.18  ? 12  ARG A O   1 
ATOM   91  C  CB  . ARG A 1 13  ? -0.237  -11.004 0.368   1.00 30.49  ? 12  ARG A CB  1 
ATOM   92  C  CG  . ARG A 1 13  ? 0.066   -12.306 0.992   1.00 31.83  ? 12  ARG A CG  1 
ATOM   93  C  CD  . ARG A 1 13  ? -1.196  -13.116 1.127   1.00 32.46  ? 12  ARG A CD  1 
ATOM   94  N  NE  . ARG A 1 13  ? -2.003  -12.719 2.294   1.00 34.29  ? 12  ARG A NE  1 
ATOM   95  C  CZ  . ARG A 1 13  ? -3.137  -13.307 2.666   1.00 32.46  ? 12  ARG A CZ  1 
ATOM   96  N  NH1 . ARG A 1 13  ? -3.662  -14.266 1.938   1.00 29.68  ? 12  ARG A NH1 1 
ATOM   97  N  NH2 . ARG A 1 13  ? -3.791  -12.889 3.750   1.00 34.89  ? 12  ARG A NH2 1 
ATOM   98  N  N   . LEU A 1 14  ? 0.882   -9.210  -2.060  1.00 29.88  ? 13  LEU A N   1 
ATOM   99  C  CA  . LEU A 1 14  ? 0.397   -8.383  -3.152  1.00 29.97  ? 13  LEU A CA  1 
ATOM   100 C  C   . LEU A 1 14  ? 0.201   -9.349  -4.313  1.00 29.92  ? 13  LEU A C   1 
ATOM   101 O  O   . LEU A 1 14  ? 1.132   -10.090 -4.653  1.00 30.49  ? 13  LEU A O   1 
ATOM   102 C  CB  . LEU A 1 14  ? 1.407   -7.295  -3.495  1.00 29.96  ? 13  LEU A CB  1 
ATOM   103 C  CG  . LEU A 1 14  ? 0.960   -6.196  -4.473  1.00 30.09  ? 13  LEU A CG  1 
ATOM   104 C  CD1 . LEU A 1 14  ? 0.054   -5.228  -3.806  1.00 32.29  ? 13  LEU A CD1 1 
ATOM   105 C  CD2 . LEU A 1 14  ? 2.141   -5.422  -4.971  1.00 31.00  ? 13  LEU A CD2 1 
ATOM   106 N  N   . GLY A 1 15  ? -0.998  -9.375  -4.887  1.00 29.70  ? 14  GLY A N   1 
ATOM   107 C  CA  . GLY A 1 15  ? -1.318  -10.262 -6.006  1.00 29.50  ? 14  GLY A CA  1 
ATOM   108 C  C   . GLY A 1 15  ? -2.018  -9.571  -7.159  1.00 29.49  ? 14  GLY A C   1 
ATOM   109 O  O   . GLY A 1 15  ? -2.683  -8.557  -6.973  1.00 29.32  ? 14  GLY A O   1 
ATOM   110 N  N   . TRP A 1 16  ? -1.875  -10.156 -8.344  1.00 30.04  ? 15  TRP A N   1 
ATOM   111 C  CA  . TRP A 1 16  ? -2.463  -9.640  -9.577  1.00 30.72  ? 15  TRP A CA  1 
ATOM   112 C  C   . TRP A 1 16  ? -2.804  -10.801 -10.513 1.00 30.93  ? 15  TRP A C   1 
ATOM   113 O  O   . TRP A 1 16  ? -1.935  -11.644 -10.787 1.00 30.77  ? 15  TRP A O   1 
ATOM   114 C  CB  . TRP A 1 16  ? -1.491  -8.688  -10.264 1.00 30.93  ? 15  TRP A CB  1 
ATOM   115 C  CG  . TRP A 1 16  ? -2.031  -8.125  -11.528 1.00 31.23  ? 15  TRP A CG  1 
ATOM   116 C  CD1 . TRP A 1 16  ? -1.723  -8.524  -12.799 1.00 31.29  ? 15  TRP A CD1 1 
ATOM   117 C  CD2 . TRP A 1 16  ? -3.023  -7.099  -11.654 1.00 31.46  ? 15  TRP A CD2 1 
ATOM   118 N  NE1 . TRP A 1 16  ? -2.450  -7.802  -13.712 1.00 31.42  ? 15  TRP A NE1 1 
ATOM   119 C  CE2 . TRP A 1 16  ? -3.256  -6.916  -13.044 1.00 31.37  ? 15  TRP A CE2 1 
ATOM   120 C  CE3 . TRP A 1 16  ? -3.729  -6.305  -10.733 1.00 30.61  ? 15  TRP A CE3 1 
ATOM   121 C  CZ2 . TRP A 1 16  ? -4.170  -5.968  -13.538 1.00 30.54  ? 15  TRP A CZ2 1 
ATOM   122 C  CZ3 . TRP A 1 16  ? -4.639  -5.356  -11.221 1.00 30.71  ? 15  TRP A CZ3 1 
ATOM   123 C  CH2 . TRP A 1 16  ? -4.853  -5.204  -12.618 1.00 31.26  ? 15  TRP A CH2 1 
ATOM   124 N  N   . ASP A 1 17  ? -4.056  -10.817 -10.988 1.00 31.65  ? 16  ASP A N   1 
ATOM   125 C  CA  . ASP A 1 17  ? -4.584  -11.820 -11.931 1.00 32.06  ? 16  ASP A CA  1 
ATOM   126 C  C   . ASP A 1 17  ? -5.239  -11.119 -13.132 1.00 32.41  ? 16  ASP A C   1 
ATOM   127 O  O   . ASP A 1 17  ? -6.385  -10.678 -13.023 1.00 32.77  ? 16  ASP A O   1 
ATOM   128 C  CB  . ASP A 1 17  ? -5.610  -12.700 -11.185 1.00 32.32  ? 16  ASP A CB  1 
ATOM   129 C  CG  . ASP A 1 17  ? -6.219  -13.816 -12.059 1.00 32.35  ? 16  ASP A CG  1 
ATOM   130 O  OD1 . ASP A 1 17  ? -5.783  -14.052 -13.215 1.00 30.83  ? 16  ASP A OD1 1 
ATOM   131 O  OD2 . ASP A 1 17  ? -7.153  -14.472 -11.543 1.00 34.66  ? 16  ASP A OD2 1 
ATOM   132 N  N   . GLU A 1 18  ? -4.538  -11.051 -14.272 1.00 32.50  ? 17  GLU A N   1 
ATOM   133 C  CA  . GLU A 1 18  ? -5.076  -10.397 -15.480 1.00 32.83  ? 17  GLU A CA  1 
ATOM   134 C  C   . GLU A 1 18  ? -6.425  -10.961 -15.916 1.00 32.65  ? 17  GLU A C   1 
ATOM   135 O  O   . GLU A 1 18  ? -7.262  -10.214 -16.406 1.00 32.83  ? 17  GLU A O   1 
ATOM   136 C  CB  . GLU A 1 18  ? -4.081  -10.420 -16.681 1.00 32.90  ? 17  GLU A CB  1 
ATOM   137 C  CG  . GLU A 1 18  ? -3.858  -11.790 -17.391 1.00 33.90  ? 17  GLU A CG  1 
ATOM   138 C  CD  . GLU A 1 18  ? -2.992  -11.704 -18.661 1.00 34.09  ? 17  GLU A CD  1 
ATOM   139 O  OE1 . GLU A 1 18  ? -2.041  -10.884 -18.692 1.00 36.95  ? 17  GLU A OE1 1 
ATOM   140 O  OE2 . GLU A 1 18  ? -3.254  -12.472 -19.625 1.00 35.53  ? 17  GLU A OE2 1 
ATOM   141 N  N   . THR A 1 19  ? -6.619  -12.267 -15.714 1.00 32.53  ? 18  THR A N   1 
ATOM   142 C  CA  . THR A 1 19  ? -7.834  -12.967 -16.152 1.00 32.26  ? 18  THR A CA  1 
ATOM   143 C  C   . THR A 1 19  ? -9.112  -12.569 -15.376 1.00 32.18  ? 18  THR A C   1 
ATOM   144 O  O   . THR A 1 19  ? -10.196 -12.720 -15.911 1.00 32.20  ? 18  THR A O   1 
ATOM   145 C  CB  . THR A 1 19  ? -7.666  -14.546 -16.148 1.00 32.18  ? 18  THR A CB  1 
ATOM   146 O  OG1 . THR A 1 19  ? -7.736  -15.063 -14.804 1.00 32.29  ? 18  THR A OG1 1 
ATOM   147 C  CG2 . THR A 1 19  ? -6.346  -14.985 -16.829 1.00 30.56  ? 18  THR A CG2 1 
ATOM   148 N  N   . ALA A 1 20  ? -8.988  -12.035 -14.157 1.00 32.21  ? 19  ALA A N   1 
ATOM   149 C  CA  . ALA A 1 20  ? -10.171 -11.705 -13.318 1.00 32.43  ? 19  ALA A CA  1 
ATOM   150 C  C   . ALA A 1 20  ? -11.034 -10.582 -13.921 1.00 32.48  ? 19  ALA A C   1 
ATOM   151 O  O   . ALA A 1 20  ? -10.510 -9.502  -14.251 1.00 32.22  ? 19  ALA A O   1 
ATOM   152 C  CB  . ALA A 1 20  ? -9.761  -11.358 -11.885 1.00 31.62  ? 19  ALA A CB  1 
ATOM   153 N  N   . HIS A 1 21  ? -12.345 -10.850 -14.047 1.00 32.96  ? 20  HIS A N   1 
ATOM   154 C  CA  . HIS A 1 21  ? -13.284 -9.951  -14.770 1.00 33.17  ? 20  HIS A CA  1 
ATOM   155 C  C   . HIS A 1 21  ? -13.542 -8.598  -14.043 1.00 33.31  ? 20  HIS A C   1 
ATOM   156 O  O   . HIS A 1 21  ? -13.701 -7.582  -14.754 1.00 34.30  ? 20  HIS A O   1 
ATOM   157 C  CB  . HIS A 1 21  ? -14.607 -10.669 -15.200 1.00 32.98  ? 20  HIS A CB  1 
ATOM   158 N  N   . ARG A 1 22  ? -13.543 -8.583  -12.689 1.00 32.75  ? 21  ARG A N   1 
ATOM   159 C  CA  A ARG A 1 22  ? -13.880 -7.411  -11.842 0.50 32.25  ? 21  ARG A CA  1 
ATOM   160 C  CA  B ARG A 1 22  ? -13.741 -7.303  -11.960 0.50 32.54  ? 21  ARG A CA  1 
ATOM   161 C  C   . ARG A 1 22  ? -12.848 -7.049  -10.741 1.00 32.30  ? 21  ARG A C   1 
ATOM   162 O  O   . ARG A 1 22  ? -12.641 -5.871  -10.428 1.00 32.18  ? 21  ARG A O   1 
ATOM   163 C  CB  A ARG A 1 22  ? -15.252 -7.701  -11.186 0.50 32.29  ? 21  ARG A CB  1 
ATOM   164 C  CB  B ARG A 1 22  ? -15.245 -6.982  -11.708 0.50 32.71  ? 21  ARG A CB  1 
ATOM   165 C  CG  A ARG A 1 22  ? -15.874 -6.558  -10.358 0.50 32.25  ? 21  ARG A CG  1 
ATOM   166 C  CG  B ARG A 1 22  ? -15.841 -7.007  -10.259 0.50 32.80  ? 21  ARG A CG  1 
ATOM   167 C  CD  A ARG A 1 22  ? -17.430 -6.592  -10.317 0.50 30.72  ? 21  ARG A CD  1 
ATOM   168 C  CD  B ARG A 1 22  ? -16.820 -5.814  -10.034 0.50 32.57  ? 21  ARG A CD  1 
ATOM   169 N  NE  A ARG A 1 22  ? -18.019 -7.801  -9.716  0.50 29.41  ? 21  ARG A NE  1 
ATOM   170 N  NE  B ARG A 1 22  ? -16.126 -4.513  -10.138 0.50 32.26  ? 21  ARG A NE  1 
ATOM   171 C  CZ  A ARG A 1 22  ? -18.672 -7.902  -8.546  0.50 27.85  ? 21  ARG A CZ  1 
ATOM   172 C  CZ  B ARG A 1 22  ? -16.705 -3.309  -10.208 0.50 31.67  ? 21  ARG A CZ  1 
ATOM   173 N  NH1 A ARG A 1 22  ? -18.874 -6.865  -7.725  0.50 26.81  ? 21  ARG A NH1 1 
ATOM   174 N  NH1 B ARG A 1 22  ? -18.033 -3.166  -10.184 0.50 31.42  ? 21  ARG A NH1 1 
ATOM   175 N  NH2 A ARG A 1 22  ? -19.148 -9.094  -8.192  0.50 27.26  ? 21  ARG A NH2 1 
ATOM   176 N  NH2 B ARG A 1 22  ? -15.936 -2.225  -10.317 0.50 31.16  ? 21  ARG A NH2 1 
ATOM   177 N  N   . TYR A 1 23  ? -12.272 -8.082  -10.100 1.00 32.02  ? 22  TYR A N   1 
ATOM   178 C  CA  . TYR A 1 23  ? -11.336 -7.912  -8.956  1.00 31.74  ? 22  TYR A CA  1 
ATOM   179 C  C   . TYR A 1 23  ? -9.970  -8.595  -9.192  1.00 31.33  ? 22  TYR A C   1 
ATOM   180 O  O   . TYR A 1 23  ? -9.629  -9.582  -8.536  1.00 31.33  ? 22  TYR A O   1 
ATOM   181 C  CB  . TYR A 1 23  ? -11.982 -8.372  -7.630  1.00 31.87  ? 22  TYR A CB  1 
ATOM   182 C  CG  . TYR A 1 23  ? -13.117 -7.477  -7.166  1.00 32.00  ? 22  TYR A CG  1 
ATOM   183 C  CD1 . TYR A 1 23  ? -12.866 -6.178  -6.738  1.00 32.04  ? 22  TYR A CD1 1 
ATOM   184 C  CD2 . TYR A 1 23  ? -14.447 -7.931  -7.134  1.00 33.03  ? 22  TYR A CD2 1 
ATOM   185 C  CE1 . TYR A 1 23  ? -13.898 -5.322  -6.328  1.00 32.16  ? 22  TYR A CE1 1 
ATOM   186 C  CE2 . TYR A 1 23  ? -15.510 -7.077  -6.704  1.00 33.06  ? 22  TYR A CE2 1 
ATOM   187 C  CZ  . TYR A 1 23  ? -15.212 -5.770  -6.310  1.00 32.50  ? 22  TYR A CZ  1 
ATOM   188 O  OH  . TYR A 1 23  ? -16.195 -4.911  -5.882  1.00 31.88  ? 22  TYR A OH  1 
ATOM   189 N  N   . PRO A 1 24  ? -9.161  -8.039  -10.113 1.00 31.04  ? 23  PRO A N   1 
ATOM   190 C  CA  . PRO A 1 24  ? -7.854  -8.626  -10.441 1.00 30.65  ? 23  PRO A CA  1 
ATOM   191 C  C   . PRO A 1 24  ? -6.740  -8.370  -9.425  1.00 29.90  ? 23  PRO A C   1 
ATOM   192 O  O   . PRO A 1 24  ? -5.701  -9.012  -9.522  1.00 29.92  ? 23  PRO A O   1 
ATOM   193 C  CB  . PRO A 1 24  ? -7.504  -7.939  -11.752 1.00 30.34  ? 23  PRO A CB  1 
ATOM   194 C  CG  . PRO A 1 24  ? -8.080  -6.589  -11.595 1.00 30.68  ? 23  PRO A CG  1 
ATOM   195 C  CD  . PRO A 1 24  ? -9.390  -6.811  -10.900 1.00 31.18  ? 23  PRO A CD  1 
ATOM   196 N  N   . GLY A 1 25  ? -6.943  -7.439  -8.495  1.00 29.09  ? 24  GLY A N   1 
ATOM   197 C  CA  . GLY A 1 25  ? -5.948  -7.095  -7.509  1.00 28.52  ? 24  GLY A CA  1 
ATOM   198 C  C   . GLY A 1 25  ? -6.134  -7.769  -6.166  1.00 28.37  ? 24  GLY A C   1 
ATOM   199 O  O   . GLY A 1 25  ? -7.261  -8.192  -5.816  1.00 28.89  ? 24  GLY A O   1 
ATOM   200 N  N   . LEU A 1 26  ? -5.023  -7.907  -5.437  1.00 27.43  ? 25  LEU A N   1 
ATOM   201 C  CA  . LEU A 1 26  ? -5.053  -8.337  -4.049  1.00 27.14  ? 25  LEU A CA  1 
ATOM   202 C  C   . LEU A 1 26  ? -3.937  -7.692  -3.216  1.00 26.97  ? 25  LEU A C   1 
ATOM   203 O  O   . LEU A 1 26  ? -2.775  -7.707  -3.634  1.00 25.80  ? 25  LEU A O   1 
ATOM   204 C  CB  . LEU A 1 26  ? -4.952  -9.862  -3.940  1.00 27.45  ? 25  LEU A CB  1 
ATOM   205 C  CG  . LEU A 1 26  ? -5.145  -10.439 -2.512  1.00 27.49  ? 25  LEU A CG  1 
ATOM   206 C  CD1 . LEU A 1 26  ? -6.052  -11.621 -2.536  1.00 26.31  ? 25  LEU A CD1 1 
ATOM   207 C  CD2 . LEU A 1 26  ? -3.817  -10.795 -1.795  1.00 28.70  ? 25  LEU A CD2 1 
ATOM   208 N  N   . VAL A 1 27  ? -4.318  -7.145  -2.046  1.00 26.57  ? 26  VAL A N   1 
ATOM   209 C  CA  . VAL A 1 27  ? -3.372  -6.630  -1.047  1.00 26.04  ? 26  VAL A CA  1 
ATOM   210 C  C   . VAL A 1 27  ? -3.762  -7.226  0.295   1.00 25.87  ? 26  VAL A C   1 
ATOM   211 O  O   . VAL A 1 27  ? -4.954  -7.403  0.591   1.00 25.45  ? 26  VAL A O   1 
ATOM   212 C  CB  . VAL A 1 27  ? -3.364  -5.097  -0.982  1.00 25.95  ? 26  VAL A CB  1 
ATOM   213 C  CG1 . VAL A 1 27  ? -3.060  -4.526  -2.376  1.00 23.87  ? 26  VAL A CG1 1 
ATOM   214 C  CG2 . VAL A 1 27  ? -4.696  -4.565  -0.440  1.00 25.36  ? 26  VAL A CG2 1 
ATOM   215 N  N   . GLY A 1 28  ? -2.757  -7.533  1.107   1.00 25.42  ? 27  GLY A N   1 
ATOM   216 C  CA  . GLY A 1 28  ? -3.009  -8.130  2.405   1.00 24.97  ? 27  GLY A CA  1 
ATOM   217 C  C   . GLY A 1 28  ? -1.792  -8.238  3.302   1.00 24.84  ? 27  GLY A C   1 
ATOM   218 O  O   . GLY A 1 28  ? -0.683  -7.948  2.869   1.00 23.06  ? 27  GLY A O   1 
ATOM   219 N  N   . THR A 1 29  ? -2.043  -8.598  4.564   1.00 24.40  ? 28  THR A N   1 
ATOM   220 C  CA  . THR A 1 29  ? -1.000  -8.935  5.523   1.00 24.57  ? 28  THR A CA  1 
ATOM   221 C  C   . THR A 1 29  ? -0.911  -10.449 5.434   1.00 25.37  ? 28  THR A C   1 
ATOM   222 O  O   . THR A 1 29  ? -1.442  -11.033 4.512   1.00 25.21  ? 28  THR A O   1 
ATOM   223 C  CB  . THR A 1 29  ? -1.372  -8.476  6.936   1.00 24.31  ? 28  THR A CB  1 
ATOM   224 O  OG1 . THR A 1 29  ? -2.635  -9.048  7.314   1.00 22.64  ? 28  THR A OG1 1 
ATOM   225 C  CG2 . THR A 1 29  ? -1.463  -6.957  7.008   1.00 24.61  ? 28  THR A CG2 1 
ATOM   226 N  N   . THR A 1 30  ? -0.240  -11.107 6.367   1.00 26.77  ? 29  THR A N   1 
ATOM   227 C  CA  . THR A 1 30  ? -0.174  -12.568 6.354   1.00 27.43  ? 29  THR A CA  1 
ATOM   228 C  C   . THR A 1 30  ? -1.553  -13.187 6.580   1.00 28.34  ? 29  THR A C   1 
ATOM   229 O  O   . THR A 1 30  ? -1.864  -14.175 5.948   1.00 29.24  ? 29  THR A O   1 
ATOM   230 C  CB  . THR A 1 30  ? 0.882   -13.076 7.354   1.00 27.31  ? 29  THR A CB  1 
ATOM   231 O  OG1 . THR A 1 30  ? 2.179   -12.645 6.880   1.00 29.28  ? 29  THR A OG1 1 
ATOM   232 C  CG2 . THR A 1 30  ? 0.874   -14.603 7.455   1.00 24.42  ? 29  THR A CG2 1 
ATOM   233 N  N   . ASP A 1 31  ? -2.385  -12.516 7.372   1.00 29.05  ? 30  ASP A N   1 
ATOM   234 C  CA  . ASP A 1 31  ? -3.649  -13.027 7.909   1.00 29.53  ? 30  ASP A CA  1 
ATOM   235 C  C   . ASP A 1 31  ? -4.924  -12.425 7.346   1.00 28.05  ? 30  ASP A C   1 
ATOM   236 O  O   . ASP A 1 31  ? -5.966  -13.082 7.366   1.00 26.98  ? 30  ASP A O   1 
ATOM   237 C  CB  . ASP A 1 31  ? -3.642  -12.722 9.388   1.00 30.86  ? 30  ASP A CB  1 
ATOM   238 C  CG  . ASP A 1 31  ? -2.674  -13.616 10.200  1.00 36.75  ? 30  ASP A CG  1 
ATOM   239 O  OD1 . ASP A 1 31  ? -2.013  -14.583 9.678   1.00 40.50  ? 30  ASP A OD1 1 
ATOM   240 O  OD2 . ASP A 1 31  ? -2.664  -13.341 11.441  1.00 44.41  ? 30  ASP A OD2 1 
ATOM   241 N  N   . TRP A 1 32  ? -4.858  -11.171 6.900   1.00 26.86  ? 31  TRP A N   1 
ATOM   242 C  CA  . TRP A 1 32  ? -5.966  -10.537 6.210   1.00 26.43  ? 31  TRP A CA  1 
ATOM   243 C  C   . TRP A 1 32  ? -5.574  -10.240 4.761   1.00 25.77  ? 31  TRP A C   1 
ATOM   244 O  O   . TRP A 1 32  ? -4.398  -10.002 4.454   1.00 24.41  ? 31  TRP A O   1 
ATOM   245 C  CB  . TRP A 1 32  ? -6.408  -9.216  6.889   1.00 26.65  ? 31  TRP A CB  1 
ATOM   246 C  CG  . TRP A 1 32  ? -7.239  -9.313  8.111   1.00 26.17  ? 31  TRP A CG  1 
ATOM   247 C  CD1 . TRP A 1 32  ? -6.836  -9.739  9.334   1.00 27.37  ? 31  TRP A CD1 1 
ATOM   248 C  CD2 . TRP A 1 32  ? -8.611  -8.881  8.263   1.00 25.69  ? 31  TRP A CD2 1 
ATOM   249 N  NE1 . TRP A 1 32  ? -7.885  -9.623  10.251  1.00 27.73  ? 31  TRP A NE1 1 
ATOM   250 C  CE2 . TRP A 1 32  ? -8.984  -9.123  9.608   1.00 25.05  ? 31  TRP A CE2 1 
ATOM   251 C  CE3 . TRP A 1 32  ? -9.571  -8.360  7.379   1.00 26.29  ? 31  TRP A CE3 1 
ATOM   252 C  CZ2 . TRP A 1 32  ? -10.251 -8.820  10.106  1.00 26.06  ? 31  TRP A CZ2 1 
ATOM   253 C  CZ3 . TRP A 1 32  ? -10.836 -8.061  7.860   1.00 26.69  ? 31  TRP A CZ3 1 
ATOM   254 C  CH2 . TRP A 1 32  ? -11.169 -8.299  9.227   1.00 27.21  ? 31  TRP A CH2 1 
ATOM   255 N  N   . ALA A 1 33  ? -6.596  -10.230 3.895   1.00 25.50  ? 32  ALA A N   1 
ATOM   256 C  CA  . ALA A 1 33  ? -6.462  -9.874  2.484   1.00 25.56  ? 32  ALA A CA  1 
ATOM   257 C  C   . ALA A 1 33  ? -7.797  -9.316  1.939   1.00 25.88  ? 32  ALA A C   1 
ATOM   258 O  O   . ALA A 1 33  ? -8.896  -9.674  2.412   1.00 25.05  ? 32  ALA A O   1 
ATOM   259 C  CB  . ALA A 1 33  ? -5.986  -11.064 1.659   1.00 24.92  ? 32  ALA A CB  1 
ATOM   260 N  N   . VAL A 1 34  ? -7.671  -8.403  0.976   1.00 25.94  ? 33  VAL A N   1 
ATOM   261 C  CA  . VAL A 1 34  ? -8.807  -7.763  0.317   1.00 26.15  ? 33  VAL A CA  1 
ATOM   262 C  C   . VAL A 1 34  ? -8.527  -7.655  -1.188  1.00 26.77  ? 33  VAL A C   1 
ATOM   263 O  O   . VAL A 1 34  ? -7.406  -7.339  -1.592  1.00 26.31  ? 33  VAL A O   1 
ATOM   264 C  CB  . VAL A 1 34  ? -9.121  -6.365  0.929   1.00 26.15  ? 33  VAL A CB  1 
ATOM   265 C  CG1 . VAL A 1 34  ? -7.889  -5.455  0.896   1.00 24.58  ? 33  VAL A CG1 1 
ATOM   266 C  CG2 . VAL A 1 34  ? -10.340 -5.721  0.242   1.00 25.55  ? 33  VAL A CG2 1 
ATOM   267 N  N   . GLU A 1 35  ? -9.559  -7.954  -1.983  1.00 27.83  ? 34  GLU A N   1 
ATOM   268 C  CA  . GLU A 1 35  ? -9.527  -7.873  -3.438  1.00 28.84  ? 34  GLU A CA  1 
ATOM   269 C  C   . GLU A 1 35  ? -9.736  -6.436  -3.878  1.00 28.81  ? 34  GLU A C   1 
ATOM   270 O  O   . GLU A 1 35  ? -10.518 -5.729  -3.267  1.00 29.53  ? 34  GLU A O   1 
ATOM   271 C  CB  . GLU A 1 35  ? -10.667 -8.699  -4.051  1.00 29.35  ? 34  GLU A CB  1 
ATOM   272 C  CG  . GLU A 1 35  ? -10.467 -10.219 -4.117  1.00 31.04  ? 34  GLU A CG  1 
ATOM   273 C  CD  . GLU A 1 35  ? -11.636 -10.983 -4.784  1.00 31.30  ? 34  GLU A CD  1 
ATOM   274 O  OE1 . GLU A 1 35  ? -12.736 -10.403 -5.021  1.00 35.57  ? 34  GLU A OE1 1 
ATOM   275 O  OE2 . GLU A 1 35  ? -11.456 -12.202 -5.041  1.00 35.43  ? 34  GLU A OE2 1 
ATOM   276 N  N   . LEU A 1 36  ? -9.097  -6.022  -4.970  1.00 28.88  ? 35  LEU A N   1 
ATOM   277 C  CA  . LEU A 1 36  ? -9.240  -4.660  -5.503  1.00 28.23  ? 35  LEU A CA  1 
ATOM   278 C  C   . LEU A 1 36  ? -9.539  -4.674  -6.993  1.00 28.07  ? 35  LEU A C   1 
ATOM   279 O  O   . LEU A 1 36  ? -9.153  -5.618  -7.695  1.00 27.96  ? 35  LEU A O   1 
ATOM   280 C  CB  . LEU A 1 36  ? -7.945  -3.885  -5.289  1.00 28.51  ? 35  LEU A CB  1 
ATOM   281 C  CG  . LEU A 1 36  ? -7.342  -3.709  -3.891  1.00 27.28  ? 35  LEU A CG  1 
ATOM   282 C  CD1 . LEU A 1 36  ? -6.037  -2.897  -4.037  1.00 26.04  ? 35  LEU A CD1 1 
ATOM   283 C  CD2 . LEU A 1 36  ? -8.297  -3.011  -2.975  1.00 26.57  ? 35  LEU A CD2 1 
ATOM   284 N  N   . THR A 1 37  ? -10.232 -3.623  -7.460  1.00 27.72  ? 36  THR A N   1 
ATOM   285 C  CA  . THR A 1 37  ? -10.474 -3.406  -8.888  1.00 27.65  ? 36  THR A CA  1 
ATOM   286 C  C   . THR A 1 37  ? -9.159  -2.879  -9.487  1.00 27.88  ? 36  THR A C   1 
ATOM   287 O  O   . THR A 1 37  ? -8.270  -2.425  -8.753  1.00 28.89  ? 36  THR A O   1 
ATOM   288 C  CB  . THR A 1 37  ? -11.660 -2.399  -9.199  1.00 27.29  ? 36  THR A CB  1 
ATOM   289 O  OG1 . THR A 1 37  ? -11.311 -1.056  -8.842  1.00 26.85  ? 36  THR A OG1 1 
ATOM   290 C  CG2 . THR A 1 37  ? -12.932 -2.790  -8.485  1.00 26.69  ? 36  THR A CG2 1 
ATOM   291 N  N   . ALA A 1 38  ? -9.040  -2.932  -10.806 1.00 27.72  ? 37  ALA A N   1 
ATOM   292 C  CA  . ALA A 1 38  ? -7.839  -2.440  -11.507 1.00 27.82  ? 37  ALA A CA  1 
ATOM   293 C  C   . ALA A 1 38  ? -7.547  -0.971  -11.179 1.00 28.07  ? 37  ALA A C   1 
ATOM   294 O  O   . ALA A 1 38  ? -6.399  -0.612  -10.893 1.00 28.13  ? 37  ALA A O   1 
ATOM   295 C  CB  . ALA A 1 38  ? -7.976  -2.634  -13.015 1.00 26.59  ? 37  ALA A CB  1 
ATOM   296 N  N   . ALA A 1 39  ? -8.601  -0.151  -11.195 1.00 28.53  ? 38  ALA A N   1 
ATOM   297 C  CA  . ALA A 1 39  ? -8.513  1.279   -10.890 1.00 28.83  ? 38  ALA A CA  1 
ATOM   298 C  C   . ALA A 1 39  ? -7.976  1.513   -9.477  1.00 29.24  ? 38  ALA A C   1 
ATOM   299 O  O   . ALA A 1 39  ? -7.165  2.408   -9.266  1.00 30.11  ? 38  ALA A O   1 
ATOM   300 C  CB  . ALA A 1 39  ? -9.877  1.968   -11.081 1.00 28.24  ? 38  ALA A CB  1 
ATOM   301 N  N   . GLU A 1 40  ? -8.394  0.685   -8.531  1.00 29.59  ? 39  GLU A N   1 
ATOM   302 C  CA  . GLU A 1 40  ? -7.924  0.781   -7.145  1.00 30.05  ? 39  GLU A CA  1 
ATOM   303 C  C   . GLU A 1 40  ? -6.501  0.297   -6.933  1.00 30.22  ? 39  GLU A C   1 
ATOM   304 O  O   . GLU A 1 40  ? -5.768  0.867   -6.109  1.00 30.09  ? 39  GLU A O   1 
ATOM   305 C  CB  . GLU A 1 40  ? -8.840  0.002   -6.227  1.00 30.23  ? 39  GLU A CB  1 
ATOM   306 C  CG  . GLU A 1 40  ? -10.255 0.612   -6.134  1.00 30.81  ? 39  GLU A CG  1 
ATOM   307 C  CD  . GLU A 1 40  ? -11.273 -0.336  -5.539  1.00 31.31  ? 39  GLU A CD  1 
ATOM   308 O  OE1 . GLU A 1 40  ? -11.108 -1.556  -5.806  1.00 32.63  ? 39  GLU A OE1 1 
ATOM   309 O  OE2 . GLU A 1 40  ? -12.235 0.128   -4.830  1.00 30.84  ? 39  GLU A OE2 1 
HETATM 310 N  N   . MSE A 1 41  ? -6.128  -0.775  -7.627  1.00 30.70  ? 40  MSE A N   1 
HETATM 311 C  CA  . MSE A 1 41  ? -4.755  -1.278  -7.571  1.00 30.48  ? 40  MSE A CA  1 
HETATM 312 C  C   . MSE A 1 41  ? -3.801  -0.235  -8.170  1.00 30.27  ? 40  MSE A C   1 
HETATM 313 O  O   . MSE A 1 41  ? -2.781  0.055   -7.572  1.00 30.66  ? 40  MSE A O   1 
HETATM 314 C  CB  . MSE A 1 41  ? -4.635  -2.635  -8.273  1.00 31.14  ? 40  MSE A CB  1 
HETATM 315 C  CG  . MSE A 1 41  ? -3.254  -3.317  -8.173  1.00 32.95  ? 40  MSE A CG  1 
HETATM 316 SE SE  . MSE A 1 41  ? -2.706  -3.785  -6.322  0.75 40.84  ? 40  MSE A SE  1 
HETATM 317 C  CE  . MSE A 1 41  ? -4.163  -4.934  -5.829  1.00 40.02  ? 40  MSE A CE  1 
ATOM   318 N  N   . ALA A 1 42  ? -4.152  0.347   -9.316  1.00 29.78  ? 41  ALA A N   1 
ATOM   319 C  CA  . ALA A 1 42  ? -3.391  1.466   -9.904  1.00 29.47  ? 41  ALA A CA  1 
ATOM   320 C  C   . ALA A 1 42  ? -3.221  2.597   -8.885  1.00 29.20  ? 41  ALA A C   1 
ATOM   321 O  O   . ALA A 1 42  ? -2.112  3.076   -8.676  1.00 29.10  ? 41  ALA A O   1 
ATOM   322 C  CB  . ALA A 1 42  ? -4.069  1.979   -11.129 1.00 28.63  ? 41  ALA A CB  1 
ATOM   323 N  N   . ASP A 1 43  ? -4.311  2.965   -8.211  1.00 29.03  ? 42  ASP A N   1 
ATOM   324 C  CA  . ASP A 1 43  ? -4.272  4.021   -7.194  1.00 28.93  ? 42  ASP A CA  1 
ATOM   325 C  C   . ASP A 1 43  ? -3.461  3.608   -5.983  1.00 28.74  ? 42  ASP A C   1 
ATOM   326 O  O   . ASP A 1 43  ? -2.733  4.426   -5.426  1.00 28.71  ? 42  ASP A O   1 
ATOM   327 C  CB  . ASP A 1 43  ? -5.684  4.449   -6.746  1.00 29.31  ? 42  ASP A CB  1 
ATOM   328 C  CG  . ASP A 1 43  ? -6.445  5.266   -7.798  1.00 30.56  ? 42  ASP A CG  1 
ATOM   329 O  OD1 . ASP A 1 43  ? -5.953  5.496   -8.932  1.00 33.46  ? 42  ASP A OD1 1 
ATOM   330 O  OD2 . ASP A 1 43  ? -7.575  5.688   -7.481  1.00 33.68  ? 42  ASP A OD2 1 
ATOM   331 N  N   . PHE A 1 44  ? -3.579  2.348   -5.573  1.00 28.95  ? 43  PHE A N   1 
ATOM   332 C  CA  . PHE A 1 44  ? -2.860  1.852   -4.398  1.00 29.07  ? 43  PHE A CA  1 
ATOM   333 C  C   . PHE A 1 44  ? -1.363  1.998   -4.610  1.00 29.60  ? 43  PHE A C   1 
ATOM   334 O  O   . PHE A 1 44  ? -0.672  2.598   -3.788  1.00 30.33  ? 43  PHE A O   1 
ATOM   335 C  CB  . PHE A 1 44  ? -3.246  0.406   -4.072  1.00 29.27  ? 43  PHE A CB  1 
ATOM   336 C  CG  . PHE A 1 44  ? -2.501  -0.180  -2.906  1.00 28.10  ? 43  PHE A CG  1 
ATOM   337 C  CD1 . PHE A 1 44  ? -2.951  0.012   -1.608  1.00 30.60  ? 43  PHE A CD1 1 
ATOM   338 C  CD2 . PHE A 1 44  ? -1.360  -0.942  -3.104  1.00 27.97  ? 43  PHE A CD2 1 
ATOM   339 C  CE1 . PHE A 1 44  ? -2.247  -0.537  -0.509  1.00 30.36  ? 43  PHE A CE1 1 
ATOM   340 C  CE2 . PHE A 1 44  ? -0.646  -1.502  -2.018  1.00 29.38  ? 43  PHE A CE2 1 
ATOM   341 C  CZ  . PHE A 1 44  ? -1.073  -1.296  -0.732  1.00 29.35  ? 43  PHE A CZ  1 
ATOM   342 N  N   . CYS A 1 45  ? -0.873  1.485   -5.722  1.00 29.78  ? 44  CYS A N   1 
ATOM   343 C  CA  . CYS A 1 45  ? 0.541   1.627   -6.069  1.00 30.42  ? 44  CYS A CA  1 
ATOM   344 C  C   . CYS A 1 45  ? 0.991   3.050   -6.153  1.00 30.03  ? 44  CYS A C   1 
ATOM   345 O  O   . CYS A 1 45  ? 1.955   3.401   -5.508  1.00 30.99  ? 44  CYS A O   1 
ATOM   346 C  CB  . CYS A 1 45  ? 0.845   0.976   -7.410  1.00 30.38  ? 44  CYS A CB  1 
ATOM   347 S  SG  . CYS A 1 45  ? 0.426   -0.751  -7.283  1.00 33.79  ? 44  CYS A SG  1 
ATOM   348 N  N   . ARG A 1 46  ? 0.294   3.862   -6.940  1.00 29.74  ? 45  ARG A N   1 
ATOM   349 C  CA  . ARG A 1 46  ? 0.681   5.265   -7.135  1.00 29.63  ? 45  ARG A CA  1 
ATOM   350 C  C   . ARG A 1 46  ? 0.786   6.005   -5.804  1.00 29.66  ? 45  ARG A C   1 
ATOM   351 O  O   . ARG A 1 46  ? 1.778   6.678   -5.552  1.00 30.10  ? 45  ARG A O   1 
ATOM   352 C  CB  . ARG A 1 46  ? -0.308  5.992   -8.053  1.00 29.36  ? 45  ARG A CB  1 
ATOM   353 C  CG  . ARG A 1 46  ? 0.012   7.481   -8.286  1.00 29.48  ? 45  ARG A CG  1 
ATOM   354 C  CD  . ARG A 1 46  ? -0.798  8.046   -9.417  1.00 29.94  ? 45  ARG A CD  1 
ATOM   355 N  NE  . ARG A 1 46  ? -2.233  7.845   -9.194  1.00 31.98  ? 45  ARG A NE  1 
ATOM   356 C  CZ  . ARG A 1 46  ? -3.007  8.575   -8.380  1.00 32.87  ? 45  ARG A CZ  1 
ATOM   357 N  NH1 . ARG A 1 46  ? -2.518  9.607   -7.672  1.00 34.37  ? 45  ARG A NH1 1 
ATOM   358 N  NH2 . ARG A 1 46  ? -4.300  8.276   -8.271  1.00 32.45  ? 45  ARG A NH2 1 
ATOM   359 N  N   . LEU A 1 47  ? -0.214  5.847   -4.945  1.00 29.38  ? 46  LEU A N   1 
ATOM   360 C  CA  . LEU A 1 47  ? -0.237  6.604   -3.713  1.00 29.29  ? 46  LEU A CA  1 
ATOM   361 C  C   . LEU A 1 47  ? 0.721   6.040   -2.671  1.00 29.57  ? 46  LEU A C   1 
ATOM   362 O  O   . LEU A 1 47  ? 1.364   6.826   -1.972  1.00 29.68  ? 46  LEU A O   1 
ATOM   363 C  CB  . LEU A 1 47  ? -1.663  6.771   -3.196  1.00 29.37  ? 46  LEU A CB  1 
ATOM   364 C  CG  . LEU A 1 47  ? -2.595  7.640   -4.073  1.00 29.07  ? 46  LEU A CG  1 
ATOM   365 C  CD1 . LEU A 1 47  ? -4.041  7.677   -3.507  1.00 28.29  ? 46  LEU A CD1 1 
ATOM   366 C  CD2 . LEU A 1 47  ? -2.047  9.051   -4.239  1.00 28.59  ? 46  LEU A CD2 1 
ATOM   367 N  N   . VAL A 1 48  ? 0.851   4.712   -2.581  1.00 29.72  ? 47  VAL A N   1 
ATOM   368 C  CA  . VAL A 1 48  ? 1.850   4.103   -1.683  1.00 29.78  ? 47  VAL A CA  1 
ATOM   369 C  C   . VAL A 1 48  ? 3.270   4.557   -2.057  1.00 30.68  ? 47  VAL A C   1 
ATOM   370 O  O   . VAL A 1 48  ? 4.047   4.953   -1.183  1.00 31.38  ? 47  VAL A O   1 
ATOM   371 C  CB  . VAL A 1 48  ? 1.738   2.573   -1.628  1.00 29.77  ? 47  VAL A CB  1 
ATOM   372 C  CG1 . VAL A 1 48  ? 2.974   1.959   -1.083  1.00 29.02  ? 47  VAL A CG1 1 
ATOM   373 C  CG2 . VAL A 1 48  ? 0.494   2.153   -0.740  1.00 29.83  ? 47  VAL A CG2 1 
ATOM   374 N  N   . GLN A 1 49  ? 3.586   4.541   -3.351  1.00 30.97  ? 48  GLN A N   1 
ATOM   375 C  CA  . GLN A 1 49  ? 4.897   4.969   -3.842  1.00 31.10  ? 48  GLN A CA  1 
ATOM   376 C  C   . GLN A 1 49  ? 5.105   6.479   -3.593  1.00 31.56  ? 48  GLN A C   1 
ATOM   377 O  O   . GLN A 1 49  ? 6.191   6.886   -3.213  1.00 32.20  ? 48  GLN A O   1 
ATOM   378 C  CB  . GLN A 1 49  ? 5.088   4.586   -5.322  1.00 30.63  ? 48  GLN A CB  1 
ATOM   379 C  CG  . GLN A 1 49  ? 5.129   3.070   -5.526  1.00 30.40  ? 48  GLN A CG  1 
ATOM   380 C  CD  . GLN A 1 49  ? 5.120   2.632   -6.971  1.00 30.34  ? 48  GLN A CD  1 
ATOM   381 O  OE1 . GLN A 1 49  ? 5.285   3.438   -7.868  1.00 30.03  ? 48  GLN A OE1 1 
ATOM   382 N  NE2 . GLN A 1 49  ? 4.983   1.329   -7.200  1.00 30.83  ? 48  GLN A NE2 1 
ATOM   383 N  N   . GLN A 1 50  ? 4.052   7.277   -3.754  1.00 31.48  ? 49  GLN A N   1 
ATOM   384 C  CA  . GLN A 1 50  ? 4.104   8.713   -3.492  1.00 31.55  ? 49  GLN A CA  1 
ATOM   385 C  C   . GLN A 1 50  ? 4.438   8.968   -2.025  1.00 31.46  ? 49  GLN A C   1 
ATOM   386 O  O   . GLN A 1 50  ? 5.359   9.732   -1.736  1.00 32.39  ? 49  GLN A O   1 
ATOM   387 C  CB  . GLN A 1 50  ? 2.777   9.368   -3.868  1.00 31.61  ? 49  GLN A CB  1 
ATOM   388 C  CG  . GLN A 1 50  ? 2.718   10.889  -3.794  1.00 31.90  ? 49  GLN A CG  1 
ATOM   389 C  CD  . GLN A 1 50  ? 1.277   11.365  -3.700  1.00 32.90  ? 49  GLN A CD  1 
ATOM   390 O  OE1 . GLN A 1 50  ? 0.527   11.322  -4.686  1.00 32.39  ? 49  GLN A OE1 1 
ATOM   391 N  NE2 . GLN A 1 50  ? 0.864   11.772  -2.484  1.00 34.22  ? 49  GLN A NE2 1 
ATOM   392 N  N   . LEU A 1 51  ? 3.749   8.291   -1.113  1.00 31.04  ? 50  LEU A N   1 
ATOM   393 C  CA  . LEU A 1 51  ? 3.984   8.489   0.334   1.00 30.96  ? 50  LEU A CA  1 
ATOM   394 C  C   . LEU A 1 51  ? 5.387   8.081   0.745   1.00 30.62  ? 50  LEU A C   1 
ATOM   395 O  O   . LEU A 1 51  ? 6.076   8.848   1.415   1.00 31.14  ? 50  LEU A O   1 
ATOM   396 C  CB  . LEU A 1 51  ? 2.948   7.756   1.209   1.00 30.86  ? 50  LEU A CB  1 
ATOM   397 C  CG  . LEU A 1 51  ? 1.516   8.285   1.266   1.00 30.67  ? 50  LEU A CG  1 
ATOM   398 C  CD1 . LEU A 1 51  ? 0.680   7.301   2.065   1.00 30.05  ? 50  LEU A CD1 1 
ATOM   399 C  CD2 . LEU A 1 51  ? 1.439   9.698   1.867   1.00 31.12  ? 50  LEU A CD2 1 
ATOM   400 N  N   . ALA A 1 52  ? 5.804   6.889   0.320   1.00 30.35  ? 51  ALA A N   1 
ATOM   401 C  CA  . ALA A 1 52  ? 7.164   6.357   0.556   1.00 29.45  ? 51  ALA A CA  1 
ATOM   402 C  C   . ALA A 1 52  ? 8.245   7.330   0.126   1.00 29.57  ? 51  ALA A C   1 
ATOM   403 O  O   . ALA A 1 52  ? 9.238   7.511   0.842   1.00 29.89  ? 51  ALA A O   1 
ATOM   404 C  CB  . ALA A 1 52  ? 7.342   5.051   -0.175  1.00 28.73  ? 51  ALA A CB  1 
ATOM   405 N  N   . GLU A 1 53  ? 8.032   7.975   -1.015  1.00 29.56  ? 52  GLU A N   1 
ATOM   406 C  CA  . GLU A 1 53  ? 9.023   8.894   -1.587  1.00 30.43  ? 52  GLU A CA  1 
ATOM   407 C  C   . GLU A 1 53  ? 9.071   10.241  -0.878  1.00 29.09  ? 52  GLU A C   1 
ATOM   408 O  O   . GLU A 1 53  ? 10.136  10.827  -0.744  1.00 29.16  ? 52  GLU A O   1 
ATOM   409 C  CB  . GLU A 1 53  ? 8.789   9.064   -3.079  1.00 30.09  ? 52  GLU A CB  1 
ATOM   410 C  CG  . GLU A 1 53  ? 9.069   7.767   -3.856  1.00 33.46  ? 52  GLU A CG  1 
ATOM   411 C  CD  . GLU A 1 53  ? 8.664   7.823   -5.356  1.00 35.02  ? 52  GLU A CD  1 
ATOM   412 O  OE1 . GLU A 1 53  ? 8.849   8.913   -5.975  1.00 42.25  ? 52  GLU A OE1 1 
ATOM   413 O  OE2 . GLU A 1 53  ? 8.224   6.774   -5.918  1.00 39.87  ? 52  GLU A OE2 1 
ATOM   414 N  N   . THR A 1 54  ? 7.916   10.741  -0.450  1.00 28.18  ? 53  THR A N   1 
ATOM   415 C  CA  . THR A 1 54  ? 7.852   11.942  0.385   1.00 27.32  ? 53  THR A CA  1 
ATOM   416 C  C   . THR A 1 54  ? 8.664   11.719  1.651   1.00 26.57  ? 53  THR A C   1 
ATOM   417 O  O   . THR A 1 54  ? 9.554   12.522  1.983   1.00 26.77  ? 53  THR A O   1 
ATOM   418 C  CB  . THR A 1 54  ? 6.392   12.236  0.765   1.00 27.77  ? 53  THR A CB  1 
ATOM   419 O  OG1 . THR A 1 54  ? 5.676   12.563  -0.430  1.00 27.97  ? 53  THR A OG1 1 
ATOM   420 C  CG2 . THR A 1 54  ? 6.250   13.360  1.808   1.00 26.42  ? 53  THR A CG2 1 
ATOM   421 N  N   . ILE A 1 55  ? 8.384   10.587  2.293   1.00 24.94  ? 54  ILE A N   1 
ATOM   422 C  CA  . ILE A 1 55  ? 9.029   10.206  3.542   1.00 24.51  ? 54  ILE A CA  1 
ATOM   423 C  C   . ILE A 1 55  ? 10.535  9.975   3.384   1.00 23.51  ? 54  ILE A C   1 
ATOM   424 O  O   . ILE A 1 55  ? 11.321  10.464  4.204   1.00 23.82  ? 54  ILE A O   1 
ATOM   425 C  CB  . ILE A 1 55  ? 8.324   8.991   4.199   1.00 24.35  ? 54  ILE A CB  1 
ATOM   426 C  CG1 . ILE A 1 55  ? 6.894   9.375   4.643   1.00 25.03  ? 54  ILE A CG1 1 
ATOM   427 C  CG2 . ILE A 1 55  ? 9.077   8.529   5.418   1.00 24.24  ? 54  ILE A CG2 1 
ATOM   428 C  CD1 . ILE A 1 55  ? 6.020   8.190   5.056   1.00 24.92  ? 54  ILE A CD1 1 
ATOM   429 N  N   . ALA A 1 56  ? 10.940  9.295   2.317   1.00 22.35  ? 55  ALA A N   1 
ATOM   430 C  CA  . ALA A 1 56  ? 12.359  9.034   2.087   1.00 21.22  ? 55  ALA A CA  1 
ATOM   431 C  C   . ALA A 1 56  ? 13.129  10.345  1.835   1.00 21.15  ? 55  ALA A C   1 
ATOM   432 O  O   . ALA A 1 56  ? 14.307  10.448  2.221   1.00 21.43  ? 55  ALA A O   1 
ATOM   433 C  CB  . ALA A 1 56  ? 12.572  8.020   0.964   1.00 20.69  ? 55  ALA A CB  1 
ATOM   434 N  N   . ALA A 1 57  ? 12.445  11.346  1.252   1.00 20.44  ? 56  ALA A N   1 
ATOM   435 C  CA  . ALA A 1 57  ? 13.008  12.698  1.016   1.00 19.77  ? 56  ALA A CA  1 
ATOM   436 C  C   . ALA A 1 57  ? 13.166  13.548  2.283   1.00 19.48  ? 56  ALA A C   1 
ATOM   437 O  O   . ALA A 1 57  ? 13.837  14.559  2.237   1.00 19.55  ? 56  ALA A O   1 
ATOM   438 C  CB  . ALA A 1 57  ? 12.188  13.465  -0.022  1.00 18.75  ? 56  ALA A CB  1 
ATOM   439 N  N   . ILE A 1 58  ? 12.562  13.149  3.404   1.00 19.65  ? 57  ILE A N   1 
ATOM   440 C  CA  . ILE A 1 58  ? 12.780  13.812  4.705   1.00 20.08  ? 57  ILE A CA  1 
ATOM   441 C  C   . ILE A 1 58  ? 14.231  13.563  5.133   1.00 20.37  ? 57  ILE A C   1 
ATOM   442 O  O   . ILE A 1 58  ? 14.708  12.421  5.103   1.00 20.00  ? 57  ILE A O   1 
ATOM   443 C  CB  . ILE A 1 58  ? 11.861  13.270  5.851   1.00 19.99  ? 57  ILE A CB  1 
ATOM   444 C  CG1 . ILE A 1 58  ? 10.373  13.475  5.490   1.00 20.62  ? 57  ILE A CG1 1 
ATOM   445 C  CG2 . ILE A 1 58  ? 12.238  13.926  7.182   1.00 17.96  ? 57  ILE A CG2 1 
ATOM   446 C  CD1 . ILE A 1 58  ? 9.365   12.689  6.386   1.00 20.41  ? 57  ILE A CD1 1 
ATOM   447 N  N   . ALA A 1 59  ? 14.915  14.636  5.531   1.00 21.14  ? 58  ALA A N   1 
ATOM   448 C  CA  . ALA A 1 59  ? 16.306  14.546  6.000   1.00 21.63  ? 58  ALA A CA  1 
ATOM   449 C  C   . ALA A 1 59  ? 16.313  13.670  7.254   1.00 21.82  ? 58  ALA A C   1 
ATOM   450 O  O   . ALA A 1 59  ? 15.357  13.739  8.031   1.00 22.14  ? 58  ALA A O   1 
ATOM   451 C  CB  . ALA A 1 59  ? 16.878  15.929  6.295   1.00 21.06  ? 58  ALA A CB  1 
ATOM   452 N  N   . PRO A 1 60  ? 17.349  12.826  7.431   1.00 22.52  ? 59  PRO A N   1 
ATOM   453 C  CA  . PRO A 1 60  ? 17.358  11.931  8.568   1.00 23.36  ? 59  PRO A CA  1 
ATOM   454 C  C   . PRO A 1 60  ? 17.648  12.695  9.875   1.00 24.34  ? 59  PRO A C   1 
ATOM   455 O  O   . PRO A 1 60  ? 18.209  13.819  9.851   1.00 24.93  ? 59  PRO A O   1 
ATOM   456 C  CB  . PRO A 1 60  ? 18.471  10.939  8.221   1.00 23.09  ? 59  PRO A CB  1 
ATOM   457 C  CG  . PRO A 1 60  ? 19.438  11.713  7.394   1.00 22.72  ? 59  PRO A CG  1 
ATOM   458 C  CD  . PRO A 1 60  ? 18.606  12.724  6.655   1.00 23.00  ? 59  PRO A CD  1 
ATOM   459 N  N   . GLU A 1 61  ? 17.214  12.110  10.990  1.00 24.95  ? 60  GLU A N   1 
ATOM   460 C  CA  . GLU A 1 61  ? 17.439  12.649  12.345  1.00 25.46  ? 60  GLU A CA  1 
ATOM   461 C  C   . GLU A 1 61  ? 17.624  11.460  13.273  1.00 24.95  ? 60  GLU A C   1 
ATOM   462 O  O   . GLU A 1 61  ? 16.831  10.530  13.208  1.00 24.77  ? 60  GLU A O   1 
ATOM   463 C  CB  . GLU A 1 61  ? 16.213  13.431  12.857  1.00 25.57  ? 60  GLU A CB  1 
ATOM   464 C  CG  . GLU A 1 61  ? 15.692  14.648  12.034  1.00 27.07  ? 60  GLU A CG  1 
ATOM   465 C  CD  . GLU A 1 61  ? 14.248  15.103  12.507  1.00 28.80  ? 60  GLU A CD  1 
ATOM   466 O  OE1 . GLU A 1 61  ? 14.121  15.778  13.579  1.00 32.51  ? 60  GLU A OE1 1 
ATOM   467 O  OE2 . GLU A 1 61  ? 13.236  14.772  11.800  1.00 31.28  ? 60  GLU A OE2 1 
ATOM   468 N  N   . LEU A 1 62  ? 18.610  11.504  14.161  1.00 24.92  ? 61  LEU A N   1 
ATOM   469 C  CA  . LEU A 1 62  ? 18.787  10.434  15.143  1.00 25.14  ? 61  LEU A CA  1 
ATOM   470 C  C   . LEU A 1 62  ? 17.506  10.204  15.997  1.00 25.91  ? 61  LEU A C   1 
ATOM   471 O  O   . LEU A 1 62  ? 17.089  9.045   16.183  1.00 25.67  ? 61  LEU A O   1 
ATOM   472 C  CB  . LEU A 1 62  ? 20.014  10.665  16.019  1.00 24.86  ? 61  LEU A CB  1 
ATOM   473 C  CG  . LEU A 1 62  ? 21.348  10.241  15.404  1.00 24.48  ? 61  LEU A CG  1 
ATOM   474 C  CD1 . LEU A 1 62  ? 21.505  10.715  13.992  1.00 24.73  ? 61  LEU A CD1 1 
ATOM   475 C  CD2 . LEU A 1 62  ? 22.518  10.728  16.243  1.00 24.38  ? 61  LEU A CD2 1 
HETATM 476 N  N   . MSE A 1 63  ? 16.843  11.278  16.444  1.00 26.49  ? 62  MSE A N   1 
HETATM 477 C  CA  . MSE A 1 63  ? 15.584  11.128  17.217  1.00 26.66  ? 62  MSE A CA  1 
HETATM 478 C  C   . MSE A 1 63  ? 14.631  12.307  16.992  1.00 26.29  ? 62  MSE A C   1 
HETATM 479 O  O   . MSE A 1 63  ? 14.737  13.341  17.654  1.00 26.15  ? 62  MSE A O   1 
HETATM 480 C  CB  . MSE A 1 63  ? 15.913  10.937  18.691  1.00 27.01  ? 62  MSE A CB  1 
HETATM 481 C  CG  . MSE A 1 63  ? 14.811  10.273  19.504  1.00 26.91  ? 62  MSE A CG  1 
HETATM 482 SE SE  . MSE A 1 63  ? 15.428  10.265  21.363  0.75 29.31  ? 62  MSE A SE  1 
HETATM 483 C  CE  . MSE A 1 63  ? 13.669  10.112  22.257  1.00 29.75  ? 62  MSE A CE  1 
ATOM   484 N  N   . PRO A 1 64  ? 13.726  12.174  16.021  1.00 26.52  ? 63  PRO A N   1 
ATOM   485 C  CA  . PRO A 1 64  ? 12.834  13.278  15.675  1.00 27.16  ? 63  PRO A CA  1 
ATOM   486 C  C   . PRO A 1 64  ? 11.826  13.619  16.742  1.00 28.03  ? 63  PRO A C   1 
ATOM   487 O  O   . PRO A 1 64  ? 11.313  12.715  17.365  1.00 27.89  ? 63  PRO A O   1 
ATOM   488 C  CB  . PRO A 1 64  ? 12.110  12.743  14.441  1.00 27.46  ? 63  PRO A CB  1 
ATOM   489 C  CG  . PRO A 1 64  ? 12.159  11.284  14.577  1.00 26.74  ? 63  PRO A CG  1 
ATOM   490 C  CD  . PRO A 1 64  ? 13.491  11.011  15.142  1.00 26.63  ? 63  PRO A CD  1 
ATOM   491 N  N   . GLU A 1 65  ? 11.520  14.901  16.915  1.00 29.39  ? 64  GLU A N   1 
ATOM   492 C  CA  . GLU A 1 65  ? 10.612  15.330  17.977  1.00 31.35  ? 64  GLU A CA  1 
ATOM   493 C  C   . GLU A 1 65  ? 9.154   14.971  17.780  1.00 32.16  ? 64  GLU A C   1 
ATOM   494 O  O   . GLU A 1 65  ? 8.465   14.711  18.754  1.00 32.19  ? 64  GLU A O   1 
ATOM   495 C  CB  . GLU A 1 65  ? 10.736  16.828  18.291  1.00 31.75  ? 64  GLU A CB  1 
ATOM   496 C  CG  . GLU A 1 65  ? 10.339  17.833  17.195  1.00 32.70  ? 64  GLU A CG  1 
ATOM   497 C  CD  . GLU A 1 65  ? 10.703  19.269  17.612  1.00 33.35  ? 64  GLU A CD  1 
ATOM   498 O  OE1 . GLU A 1 65  ? 10.267  19.689  18.711  1.00 34.70  ? 64  GLU A OE1 1 
ATOM   499 O  OE2 . GLU A 1 65  ? 11.445  19.964  16.858  1.00 35.84  ? 64  GLU A OE2 1 
ATOM   500 N  N   . GLU A 1 66  ? 8.690   14.937  16.534  1.00 33.56  ? 65  GLU A N   1 
ATOM   501 C  CA  . GLU A 1 66  ? 7.281   14.645  16.221  1.00 34.30  ? 65  GLU A CA  1 
ATOM   502 C  C   . GLU A 1 66  ? 7.167   13.368  15.410  1.00 34.03  ? 65  GLU A C   1 
ATOM   503 O  O   . GLU A 1 66  ? 8.004   13.108  14.541  1.00 34.32  ? 65  GLU A O   1 
ATOM   504 C  CB  . GLU A 1 66  ? 6.683   15.806  15.392  1.00 35.24  ? 65  GLU A CB  1 
ATOM   505 C  CG  . GLU A 1 66  ? 6.347   17.120  16.162  1.00 37.27  ? 65  GLU A CG  1 
ATOM   506 C  CD  . GLU A 1 66  ? 5.141   16.980  17.089  1.00 40.31  ? 65  GLU A CD  1 
ATOM   507 O  OE1 . GLU A 1 66  ? 4.175   16.248  16.753  1.00 42.82  ? 65  GLU A OE1 1 
ATOM   508 O  OE2 . GLU A 1 66  ? 5.156   17.603  18.173  1.00 43.19  ? 65  GLU A OE2 1 
ATOM   509 N  N   . ARG A 1 67  ? 6.112   12.596  15.670  1.00 33.86  ? 66  ARG A N   1 
ATOM   510 C  CA  . ARG A 1 67  ? 5.743   11.447  14.820  1.00 33.89  ? 66  ARG A CA  1 
ATOM   511 C  C   . ARG A 1 67  ? 5.183   12.027  13.517  1.00 33.86  ? 66  ARG A C   1 
ATOM   512 O  O   . ARG A 1 67  ? 4.527   13.054  13.564  1.00 34.21  ? 66  ARG A O   1 
ATOM   513 C  CB  . ARG A 1 67  ? 4.671   10.570  15.475  1.00 33.85  ? 66  ARG A CB  1 
ATOM   514 C  CG  . ARG A 1 67  ? 5.031   10.008  16.851  1.00 33.66  ? 66  ARG A CG  1 
ATOM   515 C  CD  . ARG A 1 67  ? 3.865   9.262   17.458  1.00 33.71  ? 66  ARG A CD  1 
ATOM   516 N  NE  . ARG A 1 67  ? 3.511   8.045   16.712  1.00 33.85  ? 66  ARG A NE  1 
ATOM   517 C  CZ  . ARG A 1 67  ? 4.186   6.885   16.742  1.00 34.99  ? 66  ARG A CZ  1 
ATOM   518 N  NH1 . ARG A 1 67  ? 5.284   6.722   17.474  1.00 36.47  ? 66  ARG A NH1 1 
ATOM   519 N  NH2 . ARG A 1 67  ? 3.761   5.852   16.016  1.00 35.16  ? 66  ARG A NH2 1 
ATOM   520 N  N   . LEU A 1 68  ? 5.459   11.416  12.368  1.00 33.84  ? 67  LEU A N   1 
ATOM   521 C  CA  . LEU A 1 68  ? 4.885   11.894  11.090  1.00 33.93  ? 67  LEU A CA  1 
ATOM   522 C  C   . LEU A 1 68  ? 3.492   11.281  10.858  1.00 33.56  ? 67  LEU A C   1 
ATOM   523 O  O   . LEU A 1 68  ? 3.217   10.182  11.344  1.00 33.70  ? 67  LEU A O   1 
ATOM   524 C  CB  . LEU A 1 68  ? 5.829   11.643  9.890   1.00 34.19  ? 67  LEU A CB  1 
ATOM   525 C  CG  . LEU A 1 68  ? 6.253   10.242  9.433   1.00 35.17  ? 67  LEU A CG  1 
ATOM   526 C  CD1 . LEU A 1 68  ? 5.114   9.409   8.799   1.00 35.43  ? 67  LEU A CD1 1 
ATOM   527 C  CD2 . LEU A 1 68  ? 7.381   10.389  8.433   1.00 34.59  ? 67  LEU A CD2 1 
ATOM   528 N  N   . GLN A 1 69  ? 2.641   12.050  10.169  1.00 33.01  ? 68  GLN A N   1 
ATOM   529 C  CA  A GLN A 1 69  ? 1.312   11.627  9.781   0.50 32.58  ? 68  GLN A CA  1 
ATOM   530 C  CA  B GLN A 1 69  ? 1.259   11.679  9.799   0.50 33.12  ? 68  GLN A CA  1 
ATOM   531 C  C   . GLN A 1 69  ? 1.017   12.284  8.428   1.00 32.70  ? 68  GLN A C   1 
ATOM   532 O  O   . GLN A 1 69  ? 0.720   13.475  8.340   1.00 33.75  ? 68  GLN A O   1 
ATOM   533 C  CB  A GLN A 1 69  ? 0.280   11.982  10.855  0.50 32.55  ? 68  GLN A CB  1 
ATOM   534 C  CB  B GLN A 1 69  ? 0.208   12.220  10.815  0.50 33.04  ? 68  GLN A CB  1 
ATOM   535 C  CG  A GLN A 1 69  ? -1.022  11.209  10.731  0.50 31.61  ? 68  GLN A CG  1 
ATOM   536 C  CG  B GLN A 1 69  ? -1.319  12.146  10.392  0.50 32.99  ? 68  GLN A CG  1 
ATOM   537 C  CD  A GLN A 1 69  ? -2.032  11.591  11.782  0.50 31.47  ? 68  GLN A CD  1 
ATOM   538 C  CD  B GLN A 1 69  ? -1.864  13.408  9.667   0.50 32.99  ? 68  GLN A CD  1 
ATOM   539 O  OE1 A GLN A 1 69  ? -1.691  11.870  12.932  0.50 28.90  ? 68  GLN A OE1 1 
ATOM   540 O  OE1 B GLN A 1 69  ? -1.786  14.528  10.180  0.50 32.69  ? 68  GLN A OE1 1 
ATOM   541 N  NE2 A GLN A 1 69  ? -3.288  11.607  11.392  0.50 29.35  ? 68  GLN A NE2 1 
ATOM   542 N  NE2 B GLN A 1 69  ? -2.407  13.210  8.468   0.50 32.70  ? 68  GLN A NE2 1 
ATOM   543 N  N   . ILE A 1 70  ? 1.152   11.501  7.370   1.00 32.08  ? 69  ILE A N   1 
ATOM   544 C  CA  . ILE A 1 70  ? 0.964   12.001  6.005   1.00 31.55  ? 69  ILE A CA  1 
ATOM   545 C  C   . ILE A 1 70  ? -0.135  11.189  5.367   1.00 31.25  ? 69  ILE A C   1 
ATOM   546 O  O   . ILE A 1 70  ? -0.174  9.983   5.565   1.00 31.18  ? 69  ILE A O   1 
ATOM   547 C  CB  . ILE A 1 70  ? 2.263   11.829  5.150   1.00 31.15  ? 69  ILE A CB  1 
ATOM   548 C  CG1 . ILE A 1 70  ? 3.468   12.468  5.835   1.00 30.95  ? 69  ILE A CG1 1 
ATOM   549 C  CG2 . ILE A 1 70  ? 2.070   12.410  3.775   1.00 29.25  ? 69  ILE A CG2 1 
ATOM   550 C  CD1 . ILE A 1 70  ? 4.774   12.313  5.022   1.00 32.32  ? 69  ILE A CD1 1 
ATOM   551 N  N   . GLU A 1 71  ? -0.991  11.824  4.580   1.00 30.98  ? 70  GLU A N   1 
ATOM   552 C  CA  . GLU A 1 71  ? -2.006  11.091  3.835   1.00 31.57  ? 70  GLU A CA  1 
ATOM   553 C  C   . GLU A 1 71  ? -2.063  11.471  2.368   1.00 30.77  ? 70  GLU A C   1 
ATOM   554 O  O   . GLU A 1 71  ? -1.722  12.583  2.004   1.00 31.86  ? 70  GLU A O   1 
ATOM   555 C  CB  . GLU A 1 71  ? -3.378  11.267  4.494   1.00 31.87  ? 70  GLU A CB  1 
ATOM   556 C  CG  . GLU A 1 71  ? -3.900  12.702  4.531   1.00 32.54  ? 70  GLU A CG  1 
ATOM   557 C  CD  . GLU A 1 71  ? -5.121  12.859  5.425   1.00 33.15  ? 70  GLU A CD  1 
ATOM   558 O  OE1 . GLU A 1 71  ? -5.105  12.314  6.567   1.00 35.71  ? 70  GLU A OE1 1 
ATOM   559 O  OE2 . GLU A 1 71  ? -6.080  13.543  4.982   1.00 32.77  ? 70  GLU A OE2 1 
ATOM   560 N  N   . ALA A 1 72  ? -2.465  10.515  1.541   1.00 30.24  ? 71  ALA A N   1 
ATOM   561 C  CA  . ALA A 1 72  ? -2.714  10.703  0.109   1.00 29.64  ? 71  ALA A CA  1 
ATOM   562 C  C   . ALA A 1 72  ? -4.026  9.971   -0.178  1.00 29.55  ? 71  ALA A C   1 
ATOM   563 O  O   . ALA A 1 72  ? -4.253  8.921   0.388   1.00 29.62  ? 71  ALA A O   1 
ATOM   564 C  CB  . ALA A 1 72  ? -1.574  10.116  -0.699  1.00 29.41  ? 71  ALA A CB  1 
ATOM   565 N  N   . GLU A 1 73  ? -4.903  10.544  -0.995  1.00 29.52  ? 72  GLU A N   1 
ATOM   566 C  CA  . GLU A 1 73  ? -6.157  9.909   -1.361  1.00 29.66  ? 72  GLU A CA  1 
ATOM   567 C  C   . GLU A 1 73  ? -6.560  10.183  -2.788  1.00 28.98  ? 72  GLU A C   1 
ATOM   568 O  O   . GLU A 1 73  ? -6.101  11.141  -3.385  1.00 29.45  ? 72  GLU A O   1 
ATOM   569 C  CB  . GLU A 1 73  ? -7.296  10.347  -0.426  1.00 30.32  ? 72  GLU A CB  1 
ATOM   570 C  CG  . GLU A 1 73  ? -7.647  11.852  -0.356  1.00 30.84  ? 72  GLU A CG  1 
ATOM   571 C  CD  . GLU A 1 73  ? -8.929  12.152  0.440   1.00 31.86  ? 72  GLU A CD  1 
ATOM   572 O  OE1 . GLU A 1 73  ? -9.548  11.244  1.060   1.00 35.08  ? 72  GLU A OE1 1 
ATOM   573 O  OE2 . GLU A 1 73  ? -9.347  13.334  0.431   1.00 37.45  ? 72  GLU A OE2 1 
ATOM   574 N  N   . SER A 1 74  ? -7.392  9.297   -3.320  1.00 28.43  ? 73  SER A N   1 
ATOM   575 C  CA  . SER A 1 74  ? -8.035  9.430   -4.610  1.00 28.28  ? 73  SER A CA  1 
ATOM   576 C  C   . SER A 1 74  ? -9.527  9.224   -4.362  1.00 28.39  ? 73  SER A C   1 
ATOM   577 O  O   . SER A 1 74  ? -9.934  8.873   -3.244  1.00 28.73  ? 73  SER A O   1 
ATOM   578 C  CB  . SER A 1 74  ? -7.540  8.330   -5.543  1.00 28.07  ? 73  SER A CB  1 
ATOM   579 O  OG  . SER A 1 74  ? -8.179  7.092   -5.238  1.00 29.35  ? 73  SER A OG  1 
ATOM   580 N  N   . ALA A 1 75  ? -10.325 9.363   -5.419  1.00 28.19  ? 74  ALA A N   1 
ATOM   581 C  CA  . ALA A 1 75  ? -11.772 9.080   -5.364  1.00 28.13  ? 74  ALA A CA  1 
ATOM   582 C  C   . ALA A 1 75  ? -12.098 7.642   -4.866  1.00 28.15  ? 74  ALA A C   1 
ATOM   583 O  O   . ALA A 1 75  ? -13.131 7.437   -4.217  1.00 27.75  ? 74  ALA A O   1 
ATOM   584 C  CB  . ALA A 1 75  ? -12.432 9.339   -6.731  1.00 27.47  ? 74  ALA A CB  1 
ATOM   585 N  N   . LEU A 1 76  ? -11.197 6.690   -5.143  1.00 28.00  ? 75  LEU A N   1 
ATOM   586 C  CA  . LEU A 1 76  ? -11.393 5.278   -4.818  1.00 28.10  ? 75  LEU A CA  1 
ATOM   587 C  C   . LEU A 1 76  ? -10.834 4.828   -3.458  1.00 28.35  ? 75  LEU A C   1 
ATOM   588 O  O   . LEU A 1 76  ? -11.411 3.942   -2.842  1.00 28.56  ? 75  LEU A O   1 
ATOM   589 C  CB  . LEU A 1 76  ? -10.795 4.413   -5.925  1.00 27.80  ? 75  LEU A CB  1 
ATOM   590 C  CG  . LEU A 1 76  ? -11.401 4.581   -7.322  1.00 27.02  ? 75  LEU A CG  1 
ATOM   591 C  CD1 . LEU A 1 76  ? -10.481 3.937   -8.366  1.00 25.76  ? 75  LEU A CD1 1 
ATOM   592 C  CD2 . LEU A 1 76  ? -12.814 4.005   -7.368  1.00 23.66  ? 75  LEU A CD2 1 
ATOM   593 N  N   . LEU A 1 77  ? -9.725  5.415   -3.002  1.00 28.76  ? 76  LEU A N   1 
ATOM   594 C  CA  . LEU A 1 77  ? -9.116  5.036   -1.718  1.00 28.80  ? 76  LEU A CA  1 
ATOM   595 C  C   . LEU A 1 77  ? -8.354  6.161   -1.013  1.00 28.62  ? 76  LEU A C   1 
ATOM   596 O  O   . LEU A 1 77  ? -8.085  7.199   -1.601  1.00 27.87  ? 76  LEU A O   1 
ATOM   597 C  CB  . LEU A 1 77  ? -8.230  3.786   -1.902  1.00 29.39  ? 76  LEU A CB  1 
ATOM   598 C  CG  . LEU A 1 77  ? -7.114  3.799   -2.958  1.00 29.00  ? 76  LEU A CG  1 
ATOM   599 C  CD1 . LEU A 1 77  ? -5.896  4.430   -2.388  1.00 29.71  ? 76  LEU A CD1 1 
ATOM   600 C  CD2 . LEU A 1 77  ? -6.784  2.384   -3.406  1.00 29.20  ? 76  LEU A CD2 1 
ATOM   601 N  N   . TRP A 1 78  ? -8.082  5.919   0.272   1.00 28.78  ? 77  TRP A N   1 
ATOM   602 C  CA  . TRP A 1 78  ? -7.383  6.825   1.190   1.00 29.09  ? 77  TRP A CA  1 
ATOM   603 C  C   . TRP A 1 78  ? -6.285  6.037   1.870   1.00 29.67  ? 77  TRP A C   1 
ATOM   604 O  O   . TRP A 1 78  ? -6.547  4.935   2.350   1.00 30.16  ? 77  TRP A O   1 
ATOM   605 C  CB  . TRP A 1 78  ? -8.348  7.293   2.265   1.00 29.27  ? 77  TRP A CB  1 
ATOM   606 C  CG  . TRP A 1 78  ? -7.766  8.163   3.364   1.00 28.99  ? 77  TRP A CG  1 
ATOM   607 C  CD1 . TRP A 1 78  ? -7.626  9.509   3.341   1.00 28.73  ? 77  TRP A CD1 1 
ATOM   608 C  CD2 . TRP A 1 78  ? -7.323  7.738   4.658   1.00 28.29  ? 77  TRP A CD2 1 
ATOM   609 N  NE1 . TRP A 1 78  ? -7.098  9.956   4.519   1.00 28.85  ? 77  TRP A NE1 1 
ATOM   610 C  CE2 . TRP A 1 78  ? -6.901  8.891   5.351   1.00 28.83  ? 77  TRP A CE2 1 
ATOM   611 C  CE3 . TRP A 1 78  ? -7.239  6.493   5.298   1.00 28.80  ? 77  TRP A CE3 1 
ATOM   612 C  CZ2 . TRP A 1 78  ? -6.392  8.845   6.663   1.00 29.13  ? 77  TRP A CZ2 1 
ATOM   613 C  CZ3 . TRP A 1 78  ? -6.734  6.435   6.617   1.00 28.82  ? 77  TRP A CZ3 1 
ATOM   614 C  CH2 . TRP A 1 78  ? -6.321  7.616   7.281   1.00 29.52  ? 77  TRP A CH2 1 
ATOM   615 N  N   . LEU A 1 79  ? -5.082  6.608   1.907   1.00 30.17  ? 78  LEU A N   1 
ATOM   616 C  CA  . LEU A 1 79  ? -3.880  6.021   2.501   1.00 30.53  ? 78  LEU A CA  1 
ATOM   617 C  C   . LEU A 1 79  ? -3.267  6.994   3.499   1.00 31.06  ? 78  LEU A C   1 
ATOM   618 O  O   . LEU A 1 79  ? -3.331  8.215   3.288   1.00 30.97  ? 78  LEU A O   1 
ATOM   619 C  CB  . LEU A 1 79  ? -2.832  5.687   1.422   1.00 30.72  ? 78  LEU A CB  1 
ATOM   620 C  CG  . LEU A 1 79  ? -3.033  4.392   0.617   1.00 31.48  ? 78  LEU A CG  1 
ATOM   621 C  CD1 . LEU A 1 79  ? -2.098  4.410   -0.625  1.00 33.04  ? 78  LEU A CD1 1 
ATOM   622 C  CD2 . LEU A 1 79  ? -2.820  3.111   1.466   1.00 29.63  ? 78  LEU A CD2 1 
ATOM   623 N  N   . GLU A 1 80  ? -2.673  6.444   4.566   1.00 31.82  ? 79  GLU A N   1 
ATOM   624 C  CA  . GLU A 1 80  ? -2.024  7.222   5.617   1.00 32.46  ? 79  GLU A CA  1 
ATOM   625 C  C   . GLU A 1 80  ? -0.787  6.508   6.157   1.00 32.50  ? 79  GLU A C   1 
ATOM   626 O  O   . GLU A 1 80  ? -0.875  5.350   6.590   1.00 33.02  ? 79  GLU A O   1 
ATOM   627 C  CB  . GLU A 1 80  ? -2.985  7.498   6.777   1.00 32.14  ? 79  GLU A CB  1 
ATOM   628 C  CG  . GLU A 1 80  ? -2.486  8.561   7.822   1.00 32.62  ? 79  GLU A CG  1 
ATOM   629 C  CD  . GLU A 1 80  ? -3.163  8.464   9.228   1.00 34.72  ? 79  GLU A CD  1 
ATOM   630 O  OE1 . GLU A 1 80  ? -3.193  7.352   9.871   1.00 35.94  ? 79  GLU A OE1 1 
ATOM   631 O  OE2 . GLU A 1 80  ? -3.611  9.545   9.713   1.00 39.09  ? 79  GLU A OE2 1 
ATOM   632 N  N   . ALA A 1 81  ? 0.343   7.226   6.139   1.00 32.41  ? 80  ALA A N   1 
ATOM   633 C  CA  . ALA A 1 81  ? 1.595   6.817   6.776   1.00 32.13  ? 80  ALA A CA  1 
ATOM   634 C  C   . ALA A 1 81  ? 1.624   7.467   8.178   1.00 32.12  ? 80  ALA A C   1 
ATOM   635 O  O   . ALA A 1 81  ? 1.305   8.643   8.312   1.00 32.36  ? 80  ALA A O   1 
ATOM   636 C  CB  . ALA A 1 81  ? 2.781   7.273   5.941   1.00 31.58  ? 80  ALA A CB  1 
ATOM   637 N  N   . GLU A 1 82  ? 1.959   6.711   9.215   1.00 32.06  ? 81  GLU A N   1 
ATOM   638 C  CA  . GLU A 1 82  ? 2.059   7.261   10.570  1.00 32.48  ? 81  GLU A CA  1 
ATOM   639 C  C   . GLU A 1 82  ? 3.137   6.534   11.389  1.00 32.23  ? 81  GLU A C   1 
ATOM   640 O  O   . GLU A 1 82  ? 3.154   5.318   11.434  1.00 31.28  ? 81  GLU A O   1 
ATOM   641 C  CB  . GLU A 1 82  ? 0.708   7.232   11.279  1.00 32.66  ? 81  GLU A CB  1 
ATOM   642 C  CG  . GLU A 1 82  ? 0.528   8.284   12.399  1.00 35.50  ? 81  GLU A CG  1 
ATOM   643 C  CD  . GLU A 1 82  ? 1.226   7.972   13.752  1.00 39.03  ? 81  GLU A CD  1 
ATOM   644 O  OE1 . GLU A 1 82  ? 1.415   6.773   14.067  1.00 39.78  ? 81  GLU A OE1 1 
ATOM   645 O  OE2 . GLU A 1 82  ? 1.546   8.947   14.506  1.00 40.07  ? 81  GLU A OE2 1 
ATOM   646 N  N   . GLY A 1 83  ? 4.005   7.309   12.044  1.00 32.39  ? 82  GLY A N   1 
ATOM   647 C  CA  . GLY A 1 83  ? 5.157   6.781   12.792  1.00 32.72  ? 82  GLY A CA  1 
ATOM   648 C  C   . GLY A 1 83  ? 6.346   7.713   12.621  1.00 32.91  ? 82  GLY A C   1 
ATOM   649 O  O   . GLY A 1 83  ? 6.231   8.898   12.925  1.00 33.56  ? 82  GLY A O   1 
ATOM   650 N  N   . PHE A 1 84  ? 7.467   7.177   12.143  1.00 32.45  ? 83  PHE A N   1 
ATOM   651 C  CA  . PHE A 1 84  ? 8.676   7.947   11.884  1.00 32.86  ? 83  PHE A CA  1 
ATOM   652 C  C   . PHE A 1 84  ? 9.186   7.560   10.510  1.00 33.82  ? 83  PHE A C   1 
ATOM   653 O  O   . PHE A 1 84  ? 8.791   6.516   9.969   1.00 34.83  ? 83  PHE A O   1 
ATOM   654 C  CB  . PHE A 1 84  ? 9.751   7.648   12.939  1.00 32.18  ? 83  PHE A CB  1 
ATOM   655 C  CG  . PHE A 1 84  ? 9.303   7.914   14.361  1.00 32.19  ? 83  PHE A CG  1 
ATOM   656 C  CD1 . PHE A 1 84  ? 9.264   9.226   14.863  1.00 30.95  ? 83  PHE A CD1 1 
ATOM   657 C  CD2 . PHE A 1 84  ? 8.910   6.859   15.201  1.00 30.82  ? 83  PHE A CD2 1 
ATOM   658 C  CE1 . PHE A 1 84  ? 8.855   9.484   16.167  1.00 29.49  ? 83  PHE A CE1 1 
ATOM   659 C  CE2 . PHE A 1 84  ? 8.499   7.108   16.505  1.00 30.36  ? 83  PHE A CE2 1 
ATOM   660 C  CZ  . PHE A 1 84  ? 8.472   8.424   16.990  1.00 30.90  ? 83  PHE A CZ  1 
ATOM   661 N  N   . ALA A 1 85  ? 10.080  8.368   9.959   1.00 34.08  ? 84  ALA A N   1 
ATOM   662 C  CA  . ALA A 1 85  ? 10.619  8.103   8.625   1.00 34.64  ? 84  ALA A CA  1 
ATOM   663 C  C   . ALA A 1 85  ? 11.269  6.720   8.489   1.00 35.00  ? 84  ALA A C   1 
ATOM   664 O  O   . ALA A 1 85  ? 11.140  6.086   7.442   1.00 35.93  ? 84  ALA A O   1 
ATOM   665 C  CB  . ALA A 1 85  ? 11.570  9.216   8.181   1.00 33.54  ? 84  ALA A CB  1 
ATOM   666 N  N   . ASP A 1 86  ? 11.916  6.228   9.545   1.00 35.66  ? 85  ASP A N   1 
ATOM   667 C  CA  . ASP A 1 86  ? 12.586  4.904   9.491   1.00 35.99  ? 85  ASP A CA  1 
ATOM   668 C  C   . ASP A 1 86  ? 11.714  3.732   9.949   1.00 35.71  ? 85  ASP A C   1 
ATOM   669 O  O   . ASP A 1 86  ? 12.189  2.604   9.945   1.00 36.35  ? 85  ASP A O   1 
ATOM   670 C  CB  . ASP A 1 86  ? 13.967  4.925   10.206  1.00 36.78  ? 85  ASP A CB  1 
ATOM   671 C  CG  . ASP A 1 86  ? 13.876  5.032   11.741  1.00 40.20  ? 85  ASP A CG  1 
ATOM   672 O  OD1 . ASP A 1 86  ? 12.831  5.436   12.322  1.00 42.65  ? 85  ASP A OD1 1 
ATOM   673 O  OD2 . ASP A 1 86  ? 14.914  4.727   12.383  1.00 46.56  ? 85  ASP A OD2 1 
ATOM   674 N  N   . ALA A 1 87  ? 10.463  3.999   10.341  1.00 34.90  ? 86  ALA A N   1 
ATOM   675 C  CA  . ALA A 1 87  ? 9.536   2.969   10.816  1.00 34.44  ? 86  ALA A CA  1 
ATOM   676 C  C   . ALA A 1 87  ? 8.118   3.550   10.901  1.00 34.06  ? 86  ALA A C   1 
ATOM   677 O  O   . ALA A 1 87  ? 7.777   4.196   11.892  1.00 34.08  ? 86  ALA A O   1 
ATOM   678 C  CB  . ALA A 1 87  ? 9.977   2.432   12.173  1.00 33.41  ? 86  ALA A CB  1 
ATOM   679 N  N   . TYR A 1 88  ? 7.323   3.360   9.844   1.00 33.86  ? 87  TYR A N   1 
ATOM   680 C  CA  . TYR A 1 88  ? 5.952   3.895   9.783   1.00 33.69  ? 87  TYR A CA  1 
ATOM   681 C  C   . TYR A 1 88  ? 4.965   2.882   9.330   1.00 33.62  ? 87  TYR A C   1 
ATOM   682 O  O   . TYR A 1 88  ? 5.252   2.071   8.464   1.00 33.57  ? 87  TYR A O   1 
ATOM   683 C  CB  . TYR A 1 88  ? 5.827   5.111   8.855   1.00 33.42  ? 87  TYR A CB  1 
ATOM   684 C  CG  . TYR A 1 88  ? 6.300   4.918   7.441   1.00 32.67  ? 87  TYR A CG  1 
ATOM   685 C  CD1 . TYR A 1 88  ? 7.653   5.089   7.100   1.00 34.12  ? 87  TYR A CD1 1 
ATOM   686 C  CD2 . TYR A 1 88  ? 5.408   4.614   6.415   1.00 33.83  ? 87  TYR A CD2 1 
ATOM   687 C  CE1 . TYR A 1 88  ? 8.102   4.946   5.781   1.00 32.71  ? 87  TYR A CE1 1 
ATOM   688 C  CE2 . TYR A 1 88  ? 5.862   4.448   5.070   1.00 32.84  ? 87  TYR A CE2 1 
ATOM   689 C  CZ  . TYR A 1 88  ? 7.195   4.630   4.784   1.00 32.23  ? 87  TYR A CZ  1 
ATOM   690 O  OH  . TYR A 1 88  ? 7.646   4.459   3.533   1.00 33.20  ? 87  TYR A OH  1 
ATOM   691 N  N   . GLU A 1 89  ? 3.779   2.975   9.914   1.00 34.20  ? 88  GLU A N   1 
ATOM   692 C  CA  . GLU A 1 89  ? 2.632   2.162   9.539   1.00 34.85  ? 88  GLU A CA  1 
ATOM   693 C  C   . GLU A 1 89  ? 1.978   2.725   8.316   1.00 34.03  ? 88  GLU A C   1 
ATOM   694 O  O   . GLU A 1 89  ? 2.112   3.899   8.022   1.00 33.61  ? 88  GLU A O   1 
ATOM   695 C  CB  . GLU A 1 89  ? 1.595   2.110   10.672  1.00 35.83  ? 88  GLU A CB  1 
ATOM   696 C  CG  . GLU A 1 89  ? 1.574   0.784   11.391  1.00 40.40  ? 88  GLU A CG  1 
ATOM   697 C  CD  . GLU A 1 89  ? 1.779   0.914   12.849  1.00 46.46  ? 88  GLU A CD  1 
ATOM   698 O  OE1 . GLU A 1 89  ? 2.985   1.148   13.214  1.00 49.74  ? 88  GLU A OE1 1 
ATOM   699 O  OE2 . GLU A 1 89  ? 0.764   0.750   13.598  1.00 50.64  ? 88  GLU A OE2 1 
ATOM   700 N  N   . LEU A 1 90  ? 1.250   1.869   7.623   1.00 33.91  ? 89  LEU A N   1 
ATOM   701 C  CA  . LEU A 1 90  ? 0.454   2.261   6.464   1.00 33.78  ? 89  LEU A CA  1 
ATOM   702 C  C   . LEU A 1 90  ? -0.974  1.792   6.687   1.00 33.13  ? 89  LEU A C   1 
ATOM   703 O  O   . LEU A 1 90  ? -1.182  0.612   6.932   1.00 32.64  ? 89  LEU A O   1 
ATOM   704 C  CB  . LEU A 1 90  ? 1.066   1.598   5.253   1.00 34.09  ? 89  LEU A CB  1 
ATOM   705 C  CG  . LEU A 1 90  ? 0.844   2.203   3.897   1.00 34.76  ? 89  LEU A CG  1 
ATOM   706 C  CD1 . LEU A 1 90  ? 1.287   3.679   3.908   1.00 33.51  ? 89  LEU A CD1 1 
ATOM   707 C  CD2 . LEU A 1 90  ? 1.690   1.364   2.944   1.00 35.86  ? 89  LEU A CD2 1 
ATOM   708 N  N   . ARG A 1 91  ? -1.933  2.715   6.679   1.00 33.31  ? 90  ARG A N   1 
ATOM   709 C  CA  . ARG A 1 91  ? -3.395  2.404   6.810   1.00 33.33  ? 90  ARG A CA  1 
ATOM   710 C  C   . ARG A 1 91  ? -4.072  2.678   5.473   1.00 31.90  ? 90  ARG A C   1 
ATOM   711 O  O   . ARG A 1 91  ? -3.654  3.573   4.767   1.00 31.41  ? 90  ARG A O   1 
ATOM   712 C  CB  . ARG A 1 91  ? -4.046  3.223   7.937   1.00 34.34  ? 90  ARG A CB  1 
ATOM   713 C  CG  . ARG A 1 91  ? -3.851  2.597   9.364   1.00 37.30  ? 90  ARG A CG  1 
ATOM   714 C  CD  . ARG A 1 91  ? -4.186  3.523   10.629  1.00 39.10  ? 90  ARG A CD  1 
ATOM   715 N  NE  . ARG A 1 91  ? -3.081  3.425   11.649  1.00 43.81  ? 90  ARG A NE  1 
ATOM   716 C  CZ  . ARG A 1 91  ? -1.795  3.875   11.480  1.00 45.50  ? 90  ARG A CZ  1 
ATOM   717 N  NH1 . ARG A 1 91  ? -1.372  4.498   10.321  1.00 46.06  ? 90  ARG A NH1 1 
ATOM   718 N  NH2 . ARG A 1 91  ? -0.901  3.704   12.471  1.00 44.36  ? 90  ARG A NH2 1 
ATOM   719 N  N   . LEU A 1 92  ? -5.065  1.860   5.104   1.00 30.78  ? 91  LEU A N   1 
ATOM   720 C  CA  . LEU A 1 92  ? -5.849  1.983   3.843   1.00 29.76  ? 91  LEU A CA  1 
ATOM   721 C  C   . LEU A 1 92  ? -7.307  1.899   4.165   1.00 28.78  ? 91  LEU A C   1 
ATOM   722 O  O   . LEU A 1 92  ? -7.696  1.064   4.968   1.00 28.82  ? 91  LEU A O   1 
ATOM   723 C  CB  . LEU A 1 92  ? -5.554  0.811   2.904   1.00 29.28  ? 91  LEU A CB  1 
ATOM   724 C  CG  . LEU A 1 92  ? -6.364  0.661   1.614   1.00 29.21  ? 91  LEU A CG  1 
ATOM   725 C  CD1 . LEU A 1 92  ? -6.144  1.858   0.708   1.00 28.01  ? 91  LEU A CD1 1 
ATOM   726 C  CD2 . LEU A 1 92  ? -5.966  -0.600  0.932   1.00 29.72  ? 91  LEU A CD2 1 
ATOM   727 N  N   . ILE A 1 93  ? -8.114  2.748   3.549   1.00 28.14  ? 92  ILE A N   1 
ATOM   728 C  CA  . ILE A 1 93  ? -9.576  2.643   3.631   1.00 28.46  ? 92  ILE A CA  1 
ATOM   729 C  C   . ILE A 1 93  ? -10.060 2.775   2.189   1.00 28.57  ? 92  ILE A C   1 
ATOM   730 O  O   . ILE A 1 93  ? -9.650  3.704   1.479   1.00 28.67  ? 92  ILE A O   1 
ATOM   731 C  CB  . ILE A 1 93  ? -10.225 3.670   4.604   1.00 28.36  ? 92  ILE A CB  1 
ATOM   732 C  CG1 . ILE A 1 93  ? -9.748  3.380   6.032   1.00 28.98  ? 92  ILE A CG1 1 
ATOM   733 C  CG2 . ILE A 1 93  ? -11.754 3.612   4.544   1.00 26.64  ? 92  ILE A CG2 1 
ATOM   734 C  CD1 . ILE A 1 93  ? -10.289 4.293   7.099   1.00 28.58  ? 92  ILE A CD1 1 
ATOM   735 N  N   . LEU A 1 94  ? -10.846 1.793   1.744   1.00 29.04  ? 93  LEU A N   1 
ATOM   736 C  CA  . LEU A 1 94  ? -11.445 1.781   0.385   1.00 29.15  ? 93  LEU A CA  1 
ATOM   737 C  C   . LEU A 1 94  ? -12.725 2.596   0.472   1.00 29.50  ? 93  LEU A C   1 
ATOM   738 O  O   . LEU A 1 94  ? -13.377 2.560   1.504   1.00 31.07  ? 93  LEU A O   1 
ATOM   739 C  CB  . LEU A 1 94  ? -11.719 0.336   -0.108  1.00 28.06  ? 93  LEU A CB  1 
ATOM   740 C  CG  . LEU A 1 94  ? -10.505 -0.620  -0.235  1.00 26.75  ? 93  LEU A CG  1 
ATOM   741 C  CD1 . LEU A 1 94  ? -10.954 -1.982  -0.746  1.00 25.82  ? 93  LEU A CD1 1 
ATOM   742 C  CD2 . LEU A 1 94  ? -9.369  -0.083  -1.129  1.00 20.71  ? 93  LEU A CD2 1 
ATOM   743 N  N   . ALA A 1 95  ? -13.079 3.328   -0.585  1.00 30.19  ? 94  ALA A N   1 
ATOM   744 C  CA  . ALA A 1 95  ? -14.288 4.184   -0.617  1.00 30.41  ? 94  ALA A CA  1 
ATOM   745 C  C   . ALA A 1 95  ? -15.535 3.494   -1.170  1.00 30.68  ? 94  ALA A C   1 
ATOM   746 O  O   . ALA A 1 95  ? -16.627 3.811   -0.727  1.00 30.27  ? 94  ALA A O   1 
ATOM   747 C  CB  . ALA A 1 95  ? -14.006 5.454   -1.425  1.00 29.48  ? 94  ALA A CB  1 
ATOM   748 N  N   . SER A 1 96  ? -15.363 2.590   -2.148  1.00 31.85  ? 95  SER A N   1 
ATOM   749 C  CA  . SER A 1 96  ? -16.475 2.010   -2.964  1.00 32.30  ? 95  SER A CA  1 
ATOM   750 C  C   . SER A 1 96  ? -16.947 0.650   -2.508  1.00 33.53  ? 95  SER A C   1 
ATOM   751 O  O   . SER A 1 96  ? -16.205 -0.068  -1.879  1.00 33.92  ? 95  SER A O   1 
ATOM   752 C  CB  . SER A 1 96  ? -16.025 1.785   -4.430  1.00 32.37  ? 95  SER A CB  1 
ATOM   753 O  OG  . SER A 1 96  ? -15.396 2.903   -5.030  1.00 32.88  ? 95  SER A OG  1 
ATOM   754 N  N   . ASP A 1 97  ? -18.171 0.290   -2.892  1.00 35.15  ? 96  ASP A N   1 
ATOM   755 C  CA  . ASP A 1 97  ? -18.740 -1.076  -2.747  1.00 36.16  ? 96  ASP A CA  1 
ATOM   756 C  C   . ASP A 1 97  ? -18.549 -1.617  -1.356  1.00 35.69  ? 96  ASP A C   1 
ATOM   757 O  O   . ASP A 1 97  ? -18.860 -0.878  -0.422  1.00 37.06  ? 96  ASP A O   1 
ATOM   758 C  CB  . ASP A 1 97  ? -18.222 -1.997  -3.882  1.00 37.19  ? 96  ASP A CB  1 
ATOM   759 C  CG  . ASP A 1 97  ? -18.708 -1.551  -5.276  1.00 39.00  ? 96  ASP A CG  1 
ATOM   760 O  OD1 . ASP A 1 97  ? -19.923 -1.255  -5.418  1.00 41.59  ? 96  ASP A OD1 1 
ATOM   761 O  OD2 . ASP A 1 97  ? -17.875 -1.516  -6.221  1.00 43.01  ? 96  ASP A OD2 1 
ATOM   762 N  N   . ARG A 1 98  ? -18.064 -2.846  -1.169  1.00 34.55  ? 97  ARG A N   1 
ATOM   763 C  CA  . ARG A 1 98  ? -17.795 -3.323  0.202   1.00 33.59  ? 97  ARG A CA  1 
ATOM   764 C  C   . ARG A 1 98  ? -16.526 -2.605  0.686   1.00 32.65  ? 97  ARG A C   1 
ATOM   765 O  O   . ARG A 1 98  ? -15.448 -2.827  0.149   1.00 32.47  ? 97  ARG A O   1 
ATOM   766 C  CB  . ARG A 1 98  ? -17.666 -4.852  0.254   1.00 33.49  ? 97  ARG A CB  1 
ATOM   767 C  CG  . ARG A 1 98  ? -16.889 -5.387  1.424   1.00 32.96  ? 97  ARG A CG  1 
ATOM   768 C  CD  . ARG A 1 98  ? -16.738 -6.836  1.321   1.00 32.74  ? 97  ARG A CD  1 
ATOM   769 N  NE  . ARG A 1 98  ? -17.932 -7.425  1.836   1.00 33.25  ? 97  ARG A NE  1 
ATOM   770 C  CZ  . ARG A 1 98  ? -18.761 -8.237  1.217   1.00 32.92  ? 97  ARG A CZ  1 
ATOM   771 N  NH1 . ARG A 1 98  ? -18.561 -8.745  0.011   1.00 33.90  ? 97  ARG A NH1 1 
ATOM   772 N  NH2 . ARG A 1 98  ? -19.800 -8.614  1.891   1.00 32.98  ? 97  ARG A NH2 1 
ATOM   773 N  N   . ARG A 1 99  ? -16.652 -1.736  1.684   1.00 31.67  ? 98  ARG A N   1 
ATOM   774 C  CA  . ARG A 1 99  ? -15.484 -0.986  2.172   1.00 30.30  ? 98  ARG A CA  1 
ATOM   775 C  C   . ARG A 1 99  ? -14.701 -1.894  3.131   1.00 29.51  ? 98  ARG A C   1 
ATOM   776 O  O   . ARG A 1 99  ? -15.271 -2.790  3.777   1.00 29.15  ? 98  ARG A O   1 
ATOM   777 C  CB  . ARG A 1 99  ? -15.896 0.325   2.837   1.00 30.32  ? 98  ARG A CB  1 
ATOM   778 C  CG  . ARG A 1 99  ? -16.833 1.226   2.002   1.00 30.20  ? 98  ARG A CG  1 
ATOM   779 C  CD  . ARG A 1 99  ? -17.162 2.503   2.763   1.00 30.24  ? 98  ARG A CD  1 
ATOM   780 N  NE  . ARG A 1 99  ? -15.958 3.334   2.885   1.00 31.53  ? 98  ARG A NE  1 
ATOM   781 C  CZ  . ARG A 1 99  ? -15.845 4.417   3.660   1.00 31.91  ? 98  ARG A CZ  1 
ATOM   782 N  NH1 . ARG A 1 99  ? -16.873 4.865   4.393   1.00 31.29  ? 98  ARG A NH1 1 
ATOM   783 N  NH2 . ARG A 1 99  ? -14.694 5.090   3.668   1.00 31.31  ? 98  ARG A NH2 1 
ATOM   784 N  N   . VAL A 1 100 ? -13.396 -1.678  3.178   1.00 28.56  ? 99  VAL A N   1 
ATOM   785 C  CA  . VAL A 1 100 ? -12.470 -2.451  4.001   1.00 28.10  ? 99  VAL A CA  1 
ATOM   786 C  C   . VAL A 1 100 ? -11.461 -1.480  4.545   1.00 28.56  ? 99  VAL A C   1 
ATOM   787 O  O   . VAL A 1 100 ? -11.049 -0.565  3.817   1.00 28.30  ? 99  VAL A O   1 
ATOM   788 C  CB  . VAL A 1 100 ? -11.709 -3.539  3.166   1.00 27.69  ? 99  VAL A CB  1 
ATOM   789 C  CG1 . VAL A 1 100 ? -10.661 -4.232  3.975   1.00 24.30  ? 99  VAL A CG1 1 
ATOM   790 C  CG2 . VAL A 1 100 ? -12.701 -4.570  2.607   1.00 27.23  ? 99  VAL A CG2 1 
ATOM   791 N  N   . GLU A 1 101 ? -11.084 -1.670  5.806   1.00 28.89  ? 100 GLU A N   1 
ATOM   792 C  CA  . GLU A 1 101 ? -10.032 -0.907  6.450   1.00 29.31  ? 100 GLU A CA  1 
ATOM   793 C  C   . GLU A 1 101 ? -8.874  -1.899  6.622   1.00 29.16  ? 100 GLU A C   1 
ATOM   794 O  O   . GLU A 1 101 ? -9.083  -3.049  7.054   1.00 28.02  ? 100 GLU A O   1 
ATOM   795 C  CB  . GLU A 1 101 ? -10.514 -0.359  7.776   1.00 29.43  ? 100 GLU A CB  1 
ATOM   796 C  CG  . GLU A 1 101 ? -9.434  0.281   8.676   1.00 30.62  ? 100 GLU A CG  1 
ATOM   797 C  CD  . GLU A 1 101 ? -9.970  0.666   10.074  1.00 32.45  ? 100 GLU A CD  1 
ATOM   798 O  OE1 . GLU A 1 101 ? -11.227 0.822   10.247  1.00 34.39  ? 100 GLU A OE1 1 
ATOM   799 O  OE2 . GLU A 1 101 ? -9.130  0.836   11.000  1.00 35.89  ? 100 GLU A OE2 1 
ATOM   800 N  N   . ALA A 1 102 ? -7.677  -1.455  6.247   1.00 29.37  ? 101 ALA A N   1 
ATOM   801 C  CA  . ALA A 1 102 ? -6.484  -2.288  6.308   1.00 30.71  ? 101 ALA A CA  1 
ATOM   802 C  C   . ALA A 1 102 ? -5.345  -1.545  6.945   1.00 31.53  ? 101 ALA A C   1 
ATOM   803 O  O   . ALA A 1 102 ? -5.285  -0.320  6.898   1.00 32.28  ? 101 ALA A O   1 
ATOM   804 C  CB  . ALA A 1 102 ? -6.070  -2.784  4.925   1.00 29.52  ? 101 ALA A CB  1 
ATOM   805 N  N   . CYS A 1 103 ? -4.418  -2.301  7.510   1.00 32.68  ? 102 CYS A N   1 
ATOM   806 C  CA  . CYS A 1 103 ? -3.262  -1.723  8.129   1.00 32.75  ? 102 CYS A CA  1 
ATOM   807 C  C   . CYS A 1 103 ? -2.006  -2.629  8.117   1.00 32.48  ? 102 CYS A C   1 
ATOM   808 O  O   . CYS A 1 103 ? -2.054  -3.790  8.497   1.00 33.38  ? 102 CYS A O   1 
ATOM   809 C  CB  . CYS A 1 103 ? -3.667  -1.373  9.529   1.00 33.40  ? 102 CYS A CB  1 
ATOM   810 S  SG  . CYS A 1 103 ? -2.317  -0.709  10.511  1.00 36.88  ? 102 CYS A SG  1 
ATOM   811 N  N   . TRP A 1 104 ? -0.879  -2.086  7.689   1.00 32.25  ? 103 TRP A N   1 
ATOM   812 C  CA  . TRP A 1 104 ? 0.410   -2.826  7.700   1.00 31.77  ? 103 TRP A CA  1 
ATOM   813 C  C   . TRP A 1 104 ? 1.360   -2.279  8.757   1.00 31.84  ? 103 TRP A C   1 
ATOM   814 O  O   . TRP A 1 104 ? 1.672   -1.071  8.737   1.00 31.24  ? 103 TRP A O   1 
ATOM   815 C  CB  . TRP A 1 104 ? 1.095   -2.746  6.368   1.00 30.54  ? 103 TRP A CB  1 
ATOM   816 C  CG  . TRP A 1 104 ? 0.449   -3.544  5.342   1.00 30.20  ? 103 TRP A CG  1 
ATOM   817 C  CD1 . TRP A 1 104 ? 0.784   -4.798  4.967   1.00 29.99  ? 103 TRP A CD1 1 
ATOM   818 C  CD2 . TRP A 1 104 ? -0.659  -3.157  4.531   1.00 30.51  ? 103 TRP A CD2 1 
ATOM   819 N  NE1 . TRP A 1 104 ? -0.036  -5.224  3.962   1.00 30.17  ? 103 TRP A NE1 1 
ATOM   820 C  CE2 . TRP A 1 104 ? -0.934  -4.236  3.669   1.00 30.94  ? 103 TRP A CE2 1 
ATOM   821 C  CE3 . TRP A 1 104 ? -1.453  -2.001  4.451   1.00 29.35  ? 103 TRP A CE3 1 
ATOM   822 C  CZ2 . TRP A 1 104 ? -1.967  -4.200  2.736   1.00 30.21  ? 103 TRP A CZ2 1 
ATOM   823 C  CZ3 . TRP A 1 104 ? -2.460  -1.952  3.504   1.00 29.65  ? 103 TRP A CZ3 1 
ATOM   824 C  CH2 . TRP A 1 104 ? -2.709  -3.042  2.659   1.00 30.17  ? 103 TRP A CH2 1 
ATOM   825 N  N   . PRO A 1 105 ? 1.819   -3.142  9.685   1.00 32.37  ? 104 PRO A N   1 
ATOM   826 C  CA  . PRO A 1 105 ? 2.850   -2.683  10.628  1.00 32.35  ? 104 PRO A CA  1 
ATOM   827 C  C   . PRO A 1 105 ? 4.105   -2.210  9.937   1.00 31.71  ? 104 PRO A C   1 
ATOM   828 O  O   . PRO A 1 105 ? 4.383   -2.609  8.821   1.00 31.84  ? 104 PRO A O   1 
ATOM   829 C  CB  . PRO A 1 105 ? 3.144   -3.924  11.499  1.00 32.52  ? 104 PRO A CB  1 
ATOM   830 C  CG  . PRO A 1 105 ? 2.562   -5.066  10.775  1.00 34.02  ? 104 PRO A CG  1 
ATOM   831 C  CD  . PRO A 1 105 ? 1.409   -4.533  9.976   1.00 33.33  ? 104 PRO A CD  1 
ATOM   832 N  N   . ALA A 1 106 ? 4.848   -1.357  10.626  1.00 31.64  ? 105 ALA A N   1 
ATOM   833 C  CA  . ALA A 1 106 ? 6.059   -0.757  10.122  1.00 30.51  ? 105 ALA A CA  1 
ATOM   834 C  C   . ALA A 1 106 ? 7.037   -1.772  9.537   1.00 30.41  ? 105 ALA A C   1 
ATOM   835 O  O   . ALA A 1 106 ? 7.719   -1.493  8.518   1.00 30.37  ? 105 ALA A O   1 
ATOM   836 C  CB  . ALA A 1 106 ? 6.709   0.037   11.235  1.00 30.03  ? 105 ALA A CB  1 
ATOM   837 N  N   . ALA A 1 107 ? 7.111   -2.942  10.177  1.00 29.83  ? 106 ALA A N   1 
ATOM   838 C  CA  . ALA A 1 107 ? 8.041   -4.009  9.754   1.00 29.61  ? 106 ALA A CA  1 
ATOM   839 C  C   . ALA A 1 107 ? 7.784   -4.436  8.312   1.00 29.24  ? 106 ALA A C   1 
ATOM   840 O  O   . ALA A 1 107 ? 8.716   -4.632  7.568   1.00 29.72  ? 106 ALA A O   1 
ATOM   841 C  CB  . ALA A 1 107 ? 7.953   -5.223  10.703  1.00 28.48  ? 106 ALA A CB  1 
ATOM   842 N  N   . ALA A 1 108 ? 6.513   -4.528  7.936   1.00 29.28  ? 107 ALA A N   1 
ATOM   843 C  CA  . ALA A 1 108 ? 6.075   -5.031  6.628   1.00 28.88  ? 107 ALA A CA  1 
ATOM   844 C  C   . ALA A 1 108 ? 6.125   -4.017  5.492   1.00 28.49  ? 107 ALA A C   1 
ATOM   845 O  O   . ALA A 1 108 ? 6.242   -4.397  4.331   1.00 28.45  ? 107 ALA A O   1 
ATOM   846 C  CB  . ALA A 1 108 ? 4.626   -5.591  6.755   1.00 28.40  ? 107 ALA A CB  1 
ATOM   847 N  N   . VAL A 1 109 ? 6.031   -2.740  5.823   1.00 28.52  ? 108 VAL A N   1 
ATOM   848 C  CA  . VAL A 1 109 ? 5.847   -1.680  4.820   1.00 28.57  ? 108 VAL A CA  1 
ATOM   849 C  C   . VAL A 1 109 ? 6.886   -1.588  3.679   1.00 29.50  ? 108 VAL A C   1 
ATOM   850 O  O   . VAL A 1 109 ? 6.492   -1.564  2.501   1.00 31.08  ? 108 VAL A O   1 
ATOM   851 C  CB  . VAL A 1 109 ? 5.631   -0.313  5.517   1.00 28.24  ? 108 VAL A CB  1 
ATOM   852 C  CG1 . VAL A 1 109 ? 5.775   0.833   4.521   1.00 26.74  ? 108 VAL A CG1 1 
ATOM   853 C  CG2 . VAL A 1 109 ? 4.265   -0.324  6.224   1.00 24.62  ? 108 VAL A CG2 1 
ATOM   854 N  N   . PRO A 1 110 ? 8.190   -1.519  3.999   1.00 29.43  ? 109 PRO A N   1 
ATOM   855 C  CA  . PRO A 1 110 ? 9.178   -1.446  2.914   1.00 29.69  ? 109 PRO A CA  1 
ATOM   856 C  C   . PRO A 1 110 ? 9.120   -2.566  1.876   1.00 29.97  ? 109 PRO A C   1 
ATOM   857 O  O   . PRO A 1 110 ? 9.326   -2.277  0.686   1.00 30.14  ? 109 PRO A O   1 
ATOM   858 C  CB  . PRO A 1 110 ? 10.539  -1.484  3.648   1.00 29.48  ? 109 PRO A CB  1 
ATOM   859 C  CG  . PRO A 1 110 ? 10.224  -1.066  5.038   1.00 29.85  ? 109 PRO A CG  1 
ATOM   860 C  CD  . PRO A 1 110 ? 8.831   -1.479  5.326   1.00 29.89  ? 109 PRO A CD  1 
ATOM   861 N  N   . ALA A 1 111 ? 8.862   -3.814  2.301   1.00 29.58  ? 110 ALA A N   1 
ATOM   862 C  CA  . ALA A 1 111 ? 8.821   -4.928  1.332   1.00 29.37  ? 110 ALA A CA  1 
ATOM   863 C  C   . ALA A 1 111 ? 7.566   -4.778  0.454   1.00 29.42  ? 110 ALA A C   1 
ATOM   864 O  O   . ALA A 1 111 ? 7.665   -4.914  -0.779  1.00 29.50  ? 110 ALA A O   1 
ATOM   865 C  CB  . ALA A 1 111 ? 8.899   -6.276  2.005   1.00 28.70  ? 110 ALA A CB  1 
ATOM   866 N  N   . LEU A 1 112 ? 6.432   -4.422  1.071   1.00 29.02  ? 111 LEU A N   1 
ATOM   867 C  CA  . LEU A 1 112 ? 5.188   -4.132  0.330   1.00 29.58  ? 111 LEU A CA  1 
ATOM   868 C  C   . LEU A 1 112 ? 5.384   -3.021  -0.700  1.00 30.74  ? 111 LEU A C   1 
ATOM   869 O  O   . LEU A 1 112 ? 4.975   -3.174  -1.863  1.00 32.13  ? 111 LEU A O   1 
ATOM   870 C  CB  . LEU A 1 112 ? 4.058   -3.715  1.271   1.00 29.61  ? 111 LEU A CB  1 
ATOM   871 C  CG  . LEU A 1 112 ? 2.669   -3.353  0.720   1.00 29.03  ? 111 LEU A CG  1 
ATOM   872 C  CD1 . LEU A 1 112 ? 2.004   -4.569  0.066   1.00 28.37  ? 111 LEU A CD1 1 
ATOM   873 C  CD2 . LEU A 1 112 ? 1.806   -2.822  1.859   1.00 28.65  ? 111 LEU A CD2 1 
ATOM   874 N  N   . VAL A 1 113 ? 6.007   -1.913  -0.281  1.00 31.02  ? 112 VAL A N   1 
ATOM   875 C  CA  . VAL A 1 113 ? 6.287   -0.782  -1.189  1.00 30.50  ? 112 VAL A CA  1 
ATOM   876 C  C   . VAL A 1 113 ? 7.130   -1.236  -2.355  1.00 30.56  ? 112 VAL A C   1 
ATOM   877 O  O   . VAL A 1 113 ? 6.787   -0.944  -3.496  1.00 31.29  ? 112 VAL A O   1 
ATOM   878 C  CB  . VAL A 1 113 ? 6.961   0.397   -0.450  1.00 30.75  ? 112 VAL A CB  1 
ATOM   879 C  CG1 . VAL A 1 113 ? 7.451   1.468   -1.432  1.00 28.84  ? 112 VAL A CG1 1 
ATOM   880 C  CG2 . VAL A 1 113 ? 5.964   0.978   0.565   1.00 29.40  ? 112 VAL A CG2 1 
ATOM   881 N  N   . ALA A 1 114 ? 8.207   -1.966  -2.073  1.00 30.69  ? 113 ALA A N   1 
ATOM   882 C  CA  . ALA A 1 114 ? 9.054   -2.572  -3.137  1.00 30.61  ? 113 ALA A CA  1 
ATOM   883 C  C   . ALA A 1 114 ? 8.238   -3.493  -4.056  1.00 31.02  ? 113 ALA A C   1 
ATOM   884 O  O   . ALA A 1 114 ? 8.458   -3.504  -5.275  1.00 31.86  ? 113 ALA A O   1 
ATOM   885 C  CB  . ALA A 1 114 ? 10.216  -3.345  -2.536  1.00 29.53  ? 113 ALA A CB  1 
ATOM   886 N  N   . ALA A 1 115 ? 7.296   -4.249  -3.474  1.00 31.21  ? 114 ALA A N   1 
ATOM   887 C  CA  . ALA A 1 115 ? 6.423   -5.161  -4.246  1.00 31.20  ? 114 ALA A CA  1 
ATOM   888 C  C   . ALA A 1 115 ? 5.560   -4.434  -5.277  1.00 31.21  ? 114 ALA A C   1 
ATOM   889 O  O   . ALA A 1 115 ? 5.479   -4.879  -6.407  1.00 31.80  ? 114 ALA A O   1 
ATOM   890 C  CB  . ALA A 1 115 ? 5.552   -5.986  -3.320  1.00 31.00  ? 114 ALA A CB  1 
ATOM   891 N  N   . THR A 1 116 ? 4.986   -3.292  -4.898  1.00 31.09  ? 115 THR A N   1 
ATOM   892 C  CA  . THR A 1 116 ? 4.187   -2.457  -5.815  1.00 31.35  ? 115 THR A CA  1 
ATOM   893 C  C   . THR A 1 116 ? 4.949   -1.992  -7.097  1.00 32.12  ? 115 THR A C   1 
ATOM   894 O  O   . THR A 1 116 ? 4.329   -1.740  -8.141  1.00 32.13  ? 115 THR A O   1 
ATOM   895 C  CB  . THR A 1 116 ? 3.612   -1.195  -5.112  1.00 31.00  ? 115 THR A CB  1 
ATOM   896 O  OG1 . THR A 1 116 ? 4.648   -0.237  -4.913  1.00 30.30  ? 115 THR A OG1 1 
ATOM   897 C  CG2 . THR A 1 116 ? 2.899   -1.517  -3.747  1.00 29.74  ? 115 THR A CG2 1 
ATOM   898 N  N   . HIS A 1 117 ? 6.274   -1.859  -7.012  1.00 32.80  ? 116 HIS A N   1 
ATOM   899 C  CA  . HIS A 1 117 ? 7.098   -1.536  -8.204  1.00 33.95  ? 116 HIS A CA  1 
ATOM   900 C  C   . HIS A 1 117 ? 7.217   -2.711  -9.187  1.00 34.86  ? 116 HIS A C   1 
ATOM   901 O  O   . HIS A 1 117 ? 7.546   -2.485  -10.365 1.00 34.91  ? 116 HIS A O   1 
ATOM   902 C  CB  . HIS A 1 117 ? 8.505   -1.041  -7.827  1.00 33.47  ? 116 HIS A CB  1 
ATOM   903 C  CG  . HIS A 1 117 ? 8.514   0.307   -7.192  1.00 32.65  ? 116 HIS A CG  1 
ATOM   904 N  ND1 . HIS A 1 117 ? 8.447   1.471   -7.924  1.00 31.86  ? 116 HIS A ND1 1 
ATOM   905 C  CD2 . HIS A 1 117 ? 8.571   0.681   -5.890  1.00 34.39  ? 116 HIS A CD2 1 
ATOM   906 C  CE1 . HIS A 1 117 ? 8.470   2.505   -7.101  1.00 33.92  ? 116 HIS A CE1 1 
ATOM   907 N  NE2 . HIS A 1 117 ? 8.536   2.054   -5.858  1.00 34.38  ? 116 HIS A NE2 1 
ATOM   908 N  N   . THR A 1 118 ? 6.952   -3.942  -8.715  1.00 36.05  ? 117 THR A N   1 
ATOM   909 C  CA  . THR A 1 118 ? 6.981   -5.130  -9.580  1.00 37.05  ? 117 THR A CA  1 
ATOM   910 C  C   . THR A 1 118 ? 5.678   -5.283  -10.414 1.00 38.30  ? 117 THR A C   1 
ATOM   911 O  O   . THR A 1 118 ? 5.529   -6.268  -11.133 1.00 38.32  ? 117 THR A O   1 
ATOM   912 C  CB  . THR A 1 118 ? 7.321   -6.437  -8.801  1.00 36.89  ? 117 THR A CB  1 
ATOM   913 O  OG1 . THR A 1 118 ? 6.216   -6.824  -7.989  1.00 35.87  ? 117 THR A OG1 1 
ATOM   914 C  CG2 . THR A 1 118 ? 8.599   -6.271  -7.944  1.00 36.28  ? 117 THR A CG2 1 
ATOM   915 N  N   . LEU A 1 119 ? 4.732   -4.342  -10.291 1.00 39.51  ? 118 LEU A N   1 
ATOM   916 C  CA  . LEU A 1 119 ? 3.595   -4.241  -11.207 1.00 40.41  ? 118 LEU A CA  1 
ATOM   917 C  C   . LEU A 1 119 ? 3.978   -3.082  -12.152 1.00 42.00  ? 118 LEU A C   1 
ATOM   918 O  O   . LEU A 1 119 ? 3.472   -1.950  -12.015 1.00 42.05  ? 118 LEU A O   1 
ATOM   919 C  CB  . LEU A 1 119 ? 2.262   -4.058  -10.433 1.00 40.52  ? 118 LEU A CB  1 
ATOM   920 C  CG  . LEU A 1 119 ? 1.601   -5.349  -9.876  1.00 39.76  ? 118 LEU A CG  1 
ATOM   921 C  CD1 . LEU A 1 119 ? 2.614   -6.468  -9.525  1.00 38.78  ? 118 LEU A CD1 1 
ATOM   922 C  CD2 . LEU A 1 119 ? 0.664   -5.075  -8.688  1.00 39.33  ? 118 LEU A CD2 1 
ATOM   923 N  N   . LYS A 1 120 ? 4.917   -3.398  -13.080 1.00 43.51  ? 119 LYS A N   1 
ATOM   924 C  CA  . LYS A 1 120 ? 5.525   -2.438  -14.051 1.00 44.00  ? 119 LYS A CA  1 
ATOM   925 C  C   . LYS A 1 120 ? 4.611   -1.954  -15.226 1.00 45.27  ? 119 LYS A C   1 
ATOM   926 O  O   . LYS A 1 120 ? 4.987   -1.030  -15.954 1.00 45.76  ? 119 LYS A O   1 
ATOM   927 C  CB  . LYS A 1 120 ? 6.903   -2.947  -14.565 1.00 43.86  ? 119 LYS A CB  1 
ATOM   928 C  CG  . LYS A 1 120 ? 8.049   -2.811  -13.560 1.00 43.24  ? 119 LYS A CG  1 
ATOM   929 N  N   . GLY A 1 121 ? 3.426   -2.555  -15.397 1.00 46.34  ? 120 GLY A N   1 
ATOM   930 C  CA  . GLY A 1 121 ? 2.363   -2.046  -16.296 1.00 46.78  ? 120 GLY A CA  1 
ATOM   931 C  C   . GLY A 1 121 ? 1.545   -1.021  -15.480 1.00 47.96  ? 120 GLY A C   1 
ATOM   932 O  O   . GLY A 1 121 ? 1.905   -0.717  -14.306 1.00 48.18  ? 120 GLY A O   1 
ATOM   933 N  N   . PHE A 1 122 ? 0.425   -0.552  -16.064 1.00 48.36  ? 121 PHE A N   1 
ATOM   934 C  CA  . PHE A 1 122 ? -0.451  0.592   -15.572 1.00 48.49  ? 121 PHE A CA  1 
ATOM   935 C  C   . PHE A 1 122 ? 0.005   1.875   -16.326 1.00 49.08  ? 121 PHE A C   1 
ATOM   936 O  O   . PHE A 1 122 ? 0.485   2.859   -15.731 1.00 49.36  ? 121 PHE A O   1 
ATOM   937 C  CB  . PHE A 1 122 ? -0.508  0.894   -14.023 1.00 48.00  ? 121 PHE A CB  1 
ATOM   938 C  CG  . PHE A 1 122 ? -1.083  -0.219  -13.151 1.00 48.59  ? 121 PHE A CG  1 
ATOM   939 C  CD1 . PHE A 1 122 ? -2.388  -0.711  -13.359 1.00 48.76  ? 121 PHE A CD1 1 
ATOM   940 C  CD2 . PHE A 1 122 ? -0.351  -0.720  -12.049 1.00 47.77  ? 121 PHE A CD2 1 
ATOM   941 C  CE1 . PHE A 1 122 ? -2.922  -1.731  -12.524 1.00 47.04  ? 121 PHE A CE1 1 
ATOM   942 C  CE2 . PHE A 1 122 ? -0.878  -1.740  -11.230 1.00 46.67  ? 121 PHE A CE2 1 
ATOM   943 C  CZ  . PHE A 1 122 ? -2.162  -2.242  -11.473 1.00 46.49  ? 121 PHE A CZ  1 
ATOM   944 O  OXT . PHE A 1 122 ? -0.067  1.962   -17.570 1.00 49.73  ? 121 PHE A OXT 1 
HETATM 945 C  C1  . GOL B 2 .   ? -0.617  -1.774  14.988  1.00 99.89  ? 122 GOL A C1  1 
HETATM 946 O  O1  . GOL B 2 .   ? 0.730   -1.806  14.570  1.00 98.88  ? 122 GOL A O1  1 
HETATM 947 C  C2  . GOL B 2 .   ? -0.868  -0.986  16.292  1.00 100.07 ? 122 GOL A C2  1 
HETATM 948 O  O2  . GOL B 2 .   ? -1.657  -1.806  17.134  1.00 100.59 ? 122 GOL A O2  1 
HETATM 949 C  C3  . GOL B 2 .   ? -1.580  0.378   16.119  1.00 99.59  ? 122 GOL A C3  1 
HETATM 950 O  O3  . GOL B 2 .   ? -0.782  1.437   16.613  1.00 98.28  ? 122 GOL A O3  1 
HETATM 951 O  O   . HOH C 3 .   ? 2.796   12.495  -0.244  1.00 48.59  ? 123 HOH A O   1 
HETATM 952 O  O   . HOH C 3 .   ? -3.686  -16.798 8.691   1.00 63.89  ? 124 HOH A O   1 
HETATM 953 O  O   . HOH C 3 .   ? -8.316  -11.216 -6.737  1.00 75.45  ? 125 HOH A O   1 
HETATM 954 O  O   . HOH C 3 .   ? 10.153  -0.491  9.488   1.00 76.18  ? 126 HOH A O   1 
HETATM 955 O  O   . HOH C 3 .   ? -3.686  13.108  -2.226  1.00 74.83  ? 127 HOH A O   1 
HETATM 956 O  O   . HOH C 3 .   ? -3.275  -8.334  9.877   1.00 37.03  ? 128 HOH A O   1 
HETATM 957 O  O   . HOH C 3 .   ? -3.101  -7.226  -16.887 1.00 64.47  ? 129 HOH A O   1 
HETATM 958 O  O   . HOH C 3 .   ? 6.146   8.559   20.056  1.00 56.02  ? 130 HOH A O   1 
HETATM 959 O  O   . HOH C 3 .   ? -12.555 -14.138 -6.898  1.00 60.99  ? 131 HOH A O   1 
HETATM 960 O  O   . HOH C 3 .   ? 2.545   -13.252 3.946   1.00 52.26  ? 132 HOH A O   1 
HETATM 961 O  O   . HOH C 3 .   ? 8.561   4.255   -4.219  1.00 54.18  ? 133 HOH A O   1 
HETATM 962 O  O   . HOH C 3 .   ? 1.748   -7.799  8.623   1.00 49.54  ? 134 HOH A O   1 
HETATM 963 O  O   . HOH C 3 .   ? 9.159   12.044  12.216  1.00 64.18  ? 135 HOH A O   1 
HETATM 964 O  O   . HOH C 3 .   ? 3.275   14.824  9.309   1.00 63.62  ? 136 HOH A O   1 
HETATM 965 O  O   . HOH C 3 .   ? 3.488   7.729   -7.348  1.00 60.65  ? 137 HOH A O   1 
HETATM 966 O  O   . HOH C 3 .   ? -13.333 -10.563 -10.606 1.00 63.94  ? 138 HOH A O   1 
HETATM 967 O  O   . HOH C 3 .   ? -9.338  10.178  -7.817  1.00 60.87  ? 139 HOH A O   1 
HETATM 968 O  O   . HOH C 3 .   ? 10.889  -0.601  -0.323  1.00 54.76  ? 140 HOH A O   1 
HETATM 969 O  O   . HOH C 3 .   ? -7.741  -7.609  -15.448 1.00 68.97  ? 141 HOH A O   1 
HETATM 970 O  O   . HOH C 3 .   ? 8.015   1.400   7.631   1.00 60.92  ? 142 HOH A O   1 
HETATM 971 O  O   . HOH C 3 .   ? 4.636   -7.433  10.041  1.00 54.87  ? 143 HOH A O   1 
HETATM 972 O  O   . HOH C 3 .   ? 10.234  2.623   6.147   1.00 61.40  ? 144 HOH A O   1 
HETATM 973 O  O   . HOH C 3 .   ? 10.602  0.321   -2.944  1.00 58.19  ? 145 HOH A O   1 
HETATM 974 O  O   . HOH C 3 .   ? -20.387 0.950   0.177   1.00 81.39  ? 146 HOH A O   1 
HETATM 975 O  O   . HOH C 3 .   ? 4.189   -1.360  13.675  1.00 60.74  ? 147 HOH A O   1 
HETATM 976 O  O   . HOH C 3 .   ? 6.272   -3.681  12.980  1.00 48.54  ? 148 HOH A O   1 
HETATM 977 O  O   . HOH C 3 .   ? 16.266  9.977   0.967   1.00 61.41  ? 149 HOH A O   1 
HETATM 978 O  O   . HOH C 3 .   ? 16.290  10.749  4.012   1.00 59.83  ? 150 HOH A O   1 
HETATM 979 O  O   . HOH C 3 .   ? 13.689  9.817   5.413   1.00 54.74  ? 151 HOH A O   1 
HETATM 980 O  O   . HOH C 3 .   ? 0.427   -15.609 -15.661 1.00 79.34  ? 152 HOH A O   1 
HETATM 981 O  O   . HOH C 3 .   ? -6.253  -15.701 7.294   1.00 49.18  ? 153 HOH A O   1 
HETATM 982 O  O   . HOH C 3 .   ? -0.786  -10.577 9.342   1.00 59.22  ? 154 HOH A O   1 
HETATM 983 O  O   . HOH C 3 .   ? -1.054  14.851  5.005   1.00 62.09  ? 155 HOH A O   1 
HETATM 984 O  O   . HOH C 3 .   ? -2.314  -5.674  10.504  1.00 51.98  ? 156 HOH A O   1 
HETATM 985 O  O   . HOH C 3 .   ? 15.800  8.479   3.300   1.00 60.56  ? 157 HOH A O   1 
HETATM 986 O  O   . HOH C 3 .   ? 9.239   -6.677  -1.790  1.00 56.85  ? 158 HOH A O   1 
HETATM 987 O  O   . HOH C 3 .   ? 9.286   -5.004  4.891   1.00 62.78  ? 159 HOH A O   1 
# 
